data_7R0E
#
_entry.id   7R0E
#
_cell.length_a   1.00
_cell.length_b   1.00
_cell.length_c   1.00
_cell.angle_alpha   90.00
_cell.angle_beta   90.00
_cell.angle_gamma   90.00
#
_symmetry.space_group_name_H-M   'P 1'
#
loop_
_entity.id
_entity.type
_entity.pdbx_description
1 polymer 'Polymerase acidic protein'
2 polymer 'RNA-directed RNA polymerase catalytic subunit'
3 polymer 'Polymerase basic protein 2'
4 polymer mRNA
5 polymer "3' vRNA"
6 polymer "5' vRNA"
7 non-polymer 'MAGNESIUM ION'
8 non-polymer "P1-7-METHYLGUANOSINE-P3-ADENOSINE-5',5'-TRIPHOSPHATE"
9 water water
#
loop_
_entity_poly.entity_id
_entity_poly.type
_entity_poly.pdbx_seq_one_letter_code
_entity_poly.pdbx_strand_id
1 'polypeptide(L)'
;GMEDFVRQCFNPMIVELAEKAMKEYGEDPKIETNKFASICTHLEVCFMYSDFHFIDERGESTIIESGDPNVLLKHRFEII
EGRDRTMAWTVVNSICNTTGVEKPKFLPDLYDYKENRFIEIGVTRREVHIYYLEKANKIKSEKTHIHIFSFTGEEMATKA
DYTLDEESRARIKTRLFTIRQEMASRGLWDSFRQSERGEETIEERFEITGTMRRLADQSLPPNFSSLENFRAYVDGFEPN
GCIEGKLSQMSKEVNARIEPFLRTTPRPLRLPDGPPCSQRSKFLLMDALKLSIEDPSHEGEGIPLYDAIKCMKTFFGWKE
PNIIKPHEKGINPNYLLTWKQVLAELQDIENEEKIPRTKNMKKTSQLKWALGENMAPEKVDFEDCKDVNDLKQYDSDEPE
PRSLACWIQSEFNKACELTDSSWVELDEIGEDVAPIEHIASMRRNYFTAEVSHCRATEYIMKGVYINTALLNASCAAMDD
FQLIPMISKCRTKEGRRKTNLYGFIIKGRSHLRNDTDVVNFVSMEFSLTDPRLEPHKWEKYCVLEIGDMLLRTAVGQVSR
PMFLYVRTNGTSKIKMKWGMEMRRCLLQSLQQIESMIEAESSVKEKDLTKEFFENKSETWPIGESPKGVEEGSIGKVCRT
LLAKSVFNSLYASPQLEGFSAESRKLLLIVQALRDNLEPGTFDLEGLYEAIEECLINDPWVLLNASWFNSFLTHALR
;
A
2 'polypeptide(L)'
;MDVNPTLLFLKVPVQNAISTTFPYTGDPPYSHGTGTGYTMDTVNRTHKYSEKGKWTTNTETGAPQLNPIDGPLPEDNEPS
GYAQTDCVLEAMAFLEESHPGIFENSCLETMEIVQQTRVDKLTQGRQTYDWTLNRNQPAATALANTIEVFRSNGLTANES
GRLIDFLKDVMDSMDKEEMEITTHFQRKRRVRDNMTKKMVTQRTIGKKKQRLNKRSYLIRALTLNTMTKDAERGKLKRRA
IATPGMQIRGFVYFVEALARSICEKLEQSGLPVGGNEKKAKLANVVRKMMTNSQDTELSFTITGDNTKWNENQNPRMFLA
MITYITRNQPEWFRNVLSIAPIMFSNKMARLGKGYMFESKSMKLRTQVPAEMLANIDLKYFNKSTREKIEKIRPLLIDGT
ASLSPGMMMGMFNMLSTVLGVSILNLGQKKYTKTTYWWDGLQSSDDFALIVNAPNHEGIQAGVDRFYRTCKLVGINMSKK
KSYINRTGTFEFTSFFYRYGFVANFSMELPSFGVSGINESADMSVGVTVIKNNMINNDLGPATAQMALQLFIKDYRYTYR
CHRGDTQIQTRRAFELKKLWEQTRSKAGLLVSDGGPNLYNIRNLHIPEVCLKWELMDEDYQGRLCNPMNPFVSHKEIDSV
NNAVVMPAHGPAKSMEYDAVATTHSWIPKRNRSILNTSQRGILEDEQMYQKCCNLFEKFFPSSSYRRPVGISSMVEAMVS
RARIDARIDFESGRIKKEEFAEIMKICSTIEELRRQK
;
B
3 'polypeptide(L)'
;MERIKELRDLMSQSRTREILTKTTVDHMAIIKKYTSGRQEKNPALRMKWMMAMKYPITADKRIMEMIPERNEQGQTLWSK
TNDAGSDRVMVSPLAVTWWNRNGPTTSTVHYPKVYKTYFEKVERLKHGTFGPVHFRNQVKIRRRVDINPGHADLSAKEAQ
DVIMEVVFPNEVGARILTSESQLTITKEKKKELQDCKIAPLMVAYMLERELVRKTRFLPVAGGTSSVYIEVLHLTQGTCW
EQMYTPGGEVRNDDVDQSLIIAARNIVRRATVSADPLASLLEMCHSTQIGGVRMVDILRQNPTEEQAVDICKAAMGLRIS
SSFSFGGFTFKRTSGSSVKREEEVLTGNLQTLKIRVHEGYEEFTMVGRRATAILRKATRRLIQLIVSGKDEQSIAEAIIV
AMVFSQEDCMIKAVRGDLNFVNRANQRLNPMHQLLRHFQKDAKVLFQNWGIEPIDNVMGMIGILPDMTPSTEMSLRGVRV
SKMGVDEYSSTERVVVSIDRFLRVRDQRGNVLLSPEEVSETQGTEKLTITYSSSMMWEINGPESVLVNTYQWIIRNWENV
KIQWSQDPTMLYNKMEFEPFQSLVPKAARGQYSGFVRVLFQQMRDVLGTFDTVQIIKLLPFAAAPPEQSRMQFSSLTVNV
RGSGMRIVVRGNSPVFNYNKATKRLTVLGKDAGALMEDPDEGTAGVESAVLRGFLILGKENKRYGPALSINELSNLAKGE
KANVLIGQGDVVLVMKRKRDSSILTDSQTATKRIRMAIN
;
C
4 'polyribonucleotide' AUCUAUAAUAGUUU(K1F)UUC(K1F)(K1F) M
5 'polyribonucleotide' UAUACCUCUGAAUAAACUAUU R
6 'polyribonucleotide' AGUAGUAACAAGAG V
#
loop_
_chem_comp.id
_chem_comp.type
_chem_comp.name
_chem_comp.formula
A RNA linking ADENOSINE-5'-MONOPHOSPHATE 'C10 H14 N5 O7 P'
C RNA linking CYTIDINE-5'-MONOPHOSPHATE 'C9 H14 N3 O8 P'
G RNA linking GUANOSINE-5'-MONOPHOSPHATE 'C10 H14 N5 O8 P'
GTA non-polymer P1-7-METHYLGUANOSINE-P3-ADENOSINE-5',5'-TRIPHOSPHATE 'C21 H30 N10 O17 P3 1'
K1F RNA linking '[(2R,3S,4R,5R)-5-(3-aminocarbonyl-2-oxidanylidene-pyrazin-1-yl)-3,4-bis(oxidanyl)oxolan-2-yl]methyl dihydrogen phosphate' 'C10 H14 N3 O9 P'
MG non-polymer 'MAGNESIUM ION' 'Mg 2'
U RNA linking URIDINE-5'-MONOPHOSPHATE 'C9 H13 N2 O9 P'
#
# COMPACT_ATOMS: atom_id res chain seq x y z
N GLY A 1 6.55 -38.11 37.75
CA GLY A 1 6.76 -39.51 37.42
C GLY A 1 5.61 -40.18 36.72
N MET A 2 4.51 -39.45 36.51
CA MET A 2 3.35 -40.01 35.83
C MET A 2 3.70 -40.39 34.39
N GLU A 3 4.53 -39.58 33.72
CA GLU A 3 4.83 -39.84 32.31
C GLU A 3 5.55 -41.17 32.13
N ASP A 4 6.46 -41.51 33.05
CA ASP A 4 7.16 -42.78 32.96
C ASP A 4 6.18 -43.95 33.05
N PHE A 5 5.23 -43.87 33.99
CA PHE A 5 4.21 -44.92 34.09
C PHE A 5 3.34 -44.97 32.85
N VAL A 6 2.96 -43.82 32.31
CA VAL A 6 2.12 -43.78 31.12
C VAL A 6 2.81 -44.46 29.96
N ARG A 7 4.08 -44.15 29.74
CA ARG A 7 4.81 -44.79 28.65
C ARG A 7 5.06 -46.26 28.92
N GLN A 8 5.18 -46.65 30.20
CA GLN A 8 5.45 -48.05 30.51
C GLN A 8 4.22 -48.92 30.32
N CYS A 9 3.04 -48.41 30.68
CA CYS A 9 1.83 -49.22 30.69
C CYS A 9 1.11 -49.21 29.33
N PHE A 10 0.73 -48.02 28.86
CA PHE A 10 0.01 -47.93 27.59
C PHE A 10 0.92 -48.34 26.44
N ASN A 11 0.32 -48.99 25.44
CA ASN A 11 1.08 -49.46 24.28
C ASN A 11 1.56 -48.28 23.44
N PRO A 12 2.64 -48.47 22.67
CA PRO A 12 3.27 -47.33 21.99
C PRO A 12 2.35 -46.56 21.04
N MET A 13 1.41 -47.23 20.38
CA MET A 13 0.56 -46.52 19.42
C MET A 13 -0.30 -45.48 20.13
N ILE A 14 -0.94 -45.87 21.23
CA ILE A 14 -1.78 -44.92 21.98
C ILE A 14 -0.93 -43.81 22.56
N VAL A 15 0.28 -44.13 23.02
CA VAL A 15 1.17 -43.10 23.56
C VAL A 15 1.53 -42.09 22.49
N GLU A 16 1.83 -42.57 21.27
CA GLU A 16 2.14 -41.66 20.17
C GLU A 16 0.94 -40.80 19.82
N LEU A 17 -0.25 -41.39 19.78
CA LEU A 17 -1.44 -40.60 19.45
C LEU A 17 -1.70 -39.54 20.51
N ALA A 18 -1.56 -39.90 21.79
CA ALA A 18 -1.77 -38.92 22.85
C ALA A 18 -0.73 -37.82 22.81
N GLU A 19 0.53 -38.18 22.56
CA GLU A 19 1.60 -37.18 22.45
C GLU A 19 1.32 -36.23 21.30
N LYS A 20 0.89 -36.75 20.15
CA LYS A 20 0.54 -35.90 19.02
C LYS A 20 -0.62 -34.98 19.36
N ALA A 21 -1.66 -35.52 20.01
CA ALA A 21 -2.82 -34.73 20.36
C ALA A 21 -2.46 -33.60 21.31
N MET A 22 -1.61 -33.86 22.29
CA MET A 22 -1.19 -32.80 23.20
C MET A 22 -0.31 -31.79 22.51
N LYS A 23 0.63 -32.25 21.68
CA LYS A 23 1.52 -31.32 20.99
C LYS A 23 0.75 -30.42 20.03
N GLU A 24 -0.36 -30.90 19.49
CA GLU A 24 -1.14 -30.11 18.54
C GLU A 24 -1.58 -28.78 19.14
N TYR A 25 -1.82 -28.74 20.45
CA TYR A 25 -2.28 -27.52 21.11
C TYR A 25 -1.22 -26.93 22.03
N GLY A 26 0.06 -27.24 21.79
CA GLY A 26 1.15 -26.64 22.53
C GLY A 26 1.46 -27.28 23.86
N GLU A 27 0.69 -28.26 24.29
CA GLU A 27 0.95 -28.89 25.58
C GLU A 27 2.17 -29.81 25.50
N ASP A 28 2.90 -29.88 26.60
CA ASP A 28 4.08 -30.73 26.69
C ASP A 28 3.77 -31.93 27.56
N PRO A 29 3.88 -33.15 27.03
CA PRO A 29 3.58 -34.33 27.87
C PRO A 29 4.46 -34.44 29.10
N LYS A 30 5.69 -33.89 29.05
CA LYS A 30 6.55 -33.92 30.22
C LYS A 30 6.03 -33.02 31.32
N ILE A 31 5.49 -31.86 30.97
CA ILE A 31 4.98 -30.92 31.97
C ILE A 31 3.59 -31.34 32.43
N GLU A 32 2.66 -31.48 31.50
CA GLU A 32 1.28 -31.85 31.82
C GLU A 32 1.17 -33.37 31.75
N THR A 33 1.45 -34.02 32.88
CA THR A 33 1.44 -35.48 32.93
C THR A 33 0.07 -36.04 33.28
N ASN A 34 -0.71 -35.36 34.13
CA ASN A 34 -2.07 -35.80 34.40
C ASN A 34 -2.92 -35.76 33.13
N LYS A 35 -2.78 -34.68 32.35
CA LYS A 35 -3.49 -34.61 31.08
C LYS A 35 -3.00 -35.68 30.11
N PHE A 36 -1.71 -35.98 30.14
CA PHE A 36 -1.16 -37.07 29.34
C PHE A 36 -1.85 -38.38 29.67
N ALA A 37 -1.93 -38.70 30.96
CA ALA A 37 -2.58 -39.95 31.36
C ALA A 37 -4.05 -39.95 31.00
N SER A 38 -4.73 -38.81 31.17
CA SER A 38 -6.14 -38.74 30.81
C SER A 38 -6.36 -39.01 29.34
N ILE A 39 -5.53 -38.39 28.48
CA ILE A 39 -5.69 -38.57 27.04
C ILE A 39 -5.35 -39.99 26.63
N CYS A 40 -4.32 -40.58 27.23
CA CYS A 40 -3.98 -41.97 26.92
C CYS A 40 -5.14 -42.90 27.29
N THR A 41 -5.72 -42.71 28.48
CA THR A 41 -6.84 -43.54 28.89
C THR A 41 -8.05 -43.33 27.97
N HIS A 42 -8.32 -42.08 27.59
CA HIS A 42 -9.44 -41.80 26.71
C HIS A 42 -9.27 -42.50 25.36
N LEU A 43 -8.07 -42.41 24.78
CA LEU A 43 -7.82 -43.08 23.51
C LEU A 43 -7.90 -44.58 23.64
N GLU A 44 -7.37 -45.14 24.74
CA GLU A 44 -7.46 -46.58 24.94
C GLU A 44 -8.90 -47.04 25.04
N VAL A 45 -9.73 -46.26 25.76
CA VAL A 45 -11.15 -46.60 25.89
C VAL A 45 -11.83 -46.55 24.53
N CYS A 46 -11.55 -45.50 23.75
CA CYS A 46 -12.18 -45.39 22.43
C CYS A 46 -11.78 -46.54 21.52
N PHE A 47 -10.50 -46.91 21.52
CA PHE A 47 -10.04 -47.99 20.66
C PHE A 47 -10.56 -49.34 21.10
N MET A 48 -10.71 -49.57 22.40
CA MET A 48 -11.38 -50.78 22.86
C MET A 48 -12.85 -50.78 22.48
N TYR A 49 -13.47 -49.60 22.46
CA TYR A 49 -14.86 -49.48 22.03
C TYR A 49 -15.02 -49.86 20.57
N SER A 50 -14.05 -49.47 19.73
CA SER A 50 -14.22 -49.64 18.29
C SER A 50 -13.83 -51.04 17.82
N ASP A 51 -12.70 -51.56 18.29
CA ASP A 51 -12.13 -52.76 17.69
C ASP A 51 -13.00 -53.99 17.97
N PHE A 52 -12.72 -55.04 17.21
CA PHE A 52 -13.44 -56.32 17.32
C PHE A 52 -14.94 -56.15 17.10
N HIS A 53 -15.29 -55.33 16.11
CA HIS A 53 -16.67 -55.15 15.70
C HIS A 53 -16.71 -54.94 14.19
N PHE A 54 -17.70 -55.56 13.54
CA PHE A 54 -17.84 -55.46 12.10
C PHE A 54 -19.32 -55.41 11.75
N ILE A 55 -19.60 -55.26 10.47
CA ILE A 55 -20.96 -55.23 9.93
C ILE A 55 -21.08 -56.30 8.86
N ASP A 56 -22.12 -57.12 8.95
CA ASP A 56 -22.34 -58.18 7.97
C ASP A 56 -22.88 -57.58 6.67
N GLU A 57 -23.15 -58.46 5.70
CA GLU A 57 -23.76 -58.01 4.46
C GLU A 57 -25.15 -57.44 4.72
N ARG A 58 -25.91 -58.06 5.63
CA ARG A 58 -27.25 -57.58 5.95
C ARG A 58 -27.21 -56.16 6.50
N GLY A 59 -26.29 -55.91 7.44
CA GLY A 59 -26.18 -54.60 8.04
C GLY A 59 -26.47 -54.56 9.52
N GLU A 60 -26.21 -55.66 10.22
CA GLU A 60 -26.40 -55.73 11.67
C GLU A 60 -25.06 -56.01 12.35
N SER A 61 -25.03 -55.71 13.65
CA SER A 61 -23.80 -55.84 14.42
C SER A 61 -23.35 -57.29 14.53
N THR A 62 -22.04 -57.50 14.41
CA THR A 62 -21.44 -58.81 14.58
C THR A 62 -20.09 -58.65 15.27
N ILE A 63 -19.65 -59.72 15.92
CA ILE A 63 -18.37 -59.75 16.63
C ILE A 63 -17.52 -60.86 16.05
N ILE A 64 -16.24 -60.58 15.83
CA ILE A 64 -15.32 -61.61 15.38
C ILE A 64 -14.38 -61.97 16.53
N LEU A 73 -14.83 -57.31 5.34
CA LEU A 73 -15.90 -56.67 6.09
C LEU A 73 -15.50 -55.27 6.53
N LYS A 74 -16.50 -54.45 6.84
CA LYS A 74 -16.26 -53.07 7.26
C LYS A 74 -16.55 -52.93 8.75
N HIS A 75 -15.78 -52.05 9.39
CA HIS A 75 -15.91 -51.85 10.83
C HIS A 75 -17.21 -51.10 11.15
N ARG A 76 -17.78 -51.42 12.31
CA ARG A 76 -19.02 -50.79 12.72
C ARG A 76 -18.83 -49.33 13.11
N PHE A 77 -17.68 -49.00 13.67
CA PHE A 77 -17.42 -47.67 14.19
C PHE A 77 -16.33 -46.96 13.40
N GLU A 78 -16.53 -45.68 13.16
CA GLU A 78 -15.51 -44.81 12.61
C GLU A 78 -14.87 -44.05 13.76
N ILE A 79 -13.56 -44.18 13.92
CA ILE A 79 -12.87 -43.54 15.03
C ILE A 79 -12.55 -42.10 14.65
N ILE A 80 -13.01 -41.16 15.49
CA ILE A 80 -12.72 -39.75 15.29
C ILE A 80 -11.67 -39.24 16.25
N GLU A 81 -11.53 -39.83 17.44
CA GLU A 81 -10.43 -39.51 18.33
C GLU A 81 -9.12 -40.03 17.75
N GLY A 82 -8.02 -39.41 18.18
CA GLY A 82 -6.71 -39.80 17.71
C GLY A 82 -6.29 -39.17 16.41
N ARG A 83 -7.01 -38.18 15.91
CA ARG A 83 -6.66 -37.46 14.70
C ARG A 83 -6.59 -35.98 14.99
N ASP A 84 -5.85 -35.26 14.15
CA ASP A 84 -5.83 -33.81 14.28
C ASP A 84 -7.20 -33.25 13.90
N ARG A 85 -7.44 -32.00 14.31
CA ARG A 85 -8.76 -31.41 14.12
C ARG A 85 -9.16 -31.38 12.66
N THR A 86 -8.20 -31.19 11.75
CA THR A 86 -8.54 -31.13 10.33
C THR A 86 -9.10 -32.45 9.83
N MET A 87 -8.40 -33.55 10.08
CA MET A 87 -8.87 -34.85 9.60
C MET A 87 -10.13 -35.29 10.33
N ALA A 88 -10.22 -35.00 11.63
CA ALA A 88 -11.40 -35.36 12.40
C ALA A 88 -12.63 -34.64 11.85
N TRP A 89 -12.51 -33.34 11.59
CA TRP A 89 -13.63 -32.61 11.03
C TRP A 89 -13.91 -33.03 9.59
N THR A 90 -12.88 -33.42 8.84
CA THR A 90 -13.12 -33.95 7.50
C THR A 90 -13.98 -35.21 7.58
N VAL A 91 -13.65 -36.11 8.50
CA VAL A 91 -14.42 -37.35 8.67
C VAL A 91 -15.85 -37.02 9.08
N VAL A 92 -16.01 -36.10 10.04
CA VAL A 92 -17.35 -35.76 10.51
C VAL A 92 -18.19 -35.16 9.39
N ASN A 93 -17.61 -34.20 8.65
CA ASN A 93 -18.34 -33.56 7.57
C ASN A 93 -18.70 -34.56 6.48
N SER A 94 -17.76 -35.42 6.11
CA SER A 94 -18.03 -36.38 5.05
C SER A 94 -19.12 -37.37 5.47
N ILE A 95 -19.08 -37.83 6.72
CA ILE A 95 -20.11 -38.74 7.20
C ILE A 95 -21.46 -38.06 7.22
N CYS A 96 -21.52 -36.81 7.70
CA CYS A 96 -22.79 -36.09 7.75
C CYS A 96 -23.34 -35.87 6.34
N ASN A 97 -22.47 -35.55 5.39
CA ASN A 97 -22.93 -35.32 4.02
C ASN A 97 -23.42 -36.61 3.36
N THR A 98 -22.75 -37.72 3.62
CA THR A 98 -23.14 -38.98 2.97
C THR A 98 -24.26 -39.72 3.69
N THR A 99 -24.59 -39.34 4.93
CA THR A 99 -25.60 -40.05 5.70
C THR A 99 -26.77 -39.19 6.14
N GLY A 100 -26.66 -37.86 6.06
CA GLY A 100 -27.72 -36.99 6.50
C GLY A 100 -27.79 -36.77 7.99
N VAL A 101 -26.88 -37.37 8.77
CA VAL A 101 -26.88 -37.17 10.21
C VAL A 101 -26.54 -35.72 10.53
N GLU A 102 -27.09 -35.22 11.64
CA GLU A 102 -26.84 -33.85 12.05
C GLU A 102 -25.38 -33.66 12.39
N LYS A 103 -24.82 -32.53 11.98
CA LYS A 103 -23.42 -32.22 12.25
C LYS A 103 -23.26 -31.71 13.67
N PRO A 104 -22.43 -32.34 14.50
CA PRO A 104 -22.27 -31.89 15.88
C PRO A 104 -21.55 -30.55 15.95
N LYS A 105 -21.79 -29.83 17.05
CA LYS A 105 -21.12 -28.56 17.29
C LYS A 105 -19.72 -28.74 17.86
N PHE A 106 -19.40 -29.92 18.37
CA PHE A 106 -18.08 -30.24 18.89
C PHE A 106 -17.65 -31.60 18.36
N LEU A 107 -16.34 -31.80 18.32
CA LEU A 107 -15.80 -33.03 17.78
C LEU A 107 -16.23 -34.21 18.65
N PRO A 108 -16.91 -35.20 18.09
CA PRO A 108 -17.25 -36.40 18.84
C PRO A 108 -16.06 -37.36 18.85
N ASP A 109 -16.29 -38.53 19.43
CA ASP A 109 -15.25 -39.55 19.57
C ASP A 109 -15.41 -40.70 18.59
N LEU A 110 -16.63 -41.15 18.36
CA LEU A 110 -16.89 -42.25 17.43
C LEU A 110 -18.14 -41.95 16.63
N TYR A 111 -18.24 -42.60 15.47
CA TYR A 111 -19.48 -42.64 14.71
C TYR A 111 -19.91 -44.09 14.58
N ASP A 112 -21.17 -44.37 14.91
CA ASP A 112 -21.72 -45.72 14.85
C ASP A 112 -22.57 -45.82 13.59
N TYR A 113 -22.14 -46.67 12.65
CA TYR A 113 -22.89 -46.81 11.40
C TYR A 113 -24.23 -47.51 11.64
N LYS A 114 -24.26 -48.52 12.50
CA LYS A 114 -25.49 -49.26 12.73
C LYS A 114 -26.58 -48.37 13.32
N GLU A 115 -26.26 -47.65 14.38
CA GLU A 115 -27.21 -46.70 14.97
C GLU A 115 -27.27 -45.39 14.21
N ASN A 116 -26.32 -45.12 13.31
CA ASN A 116 -26.28 -43.90 12.51
C ASN A 116 -26.32 -42.66 13.39
N ARG A 117 -25.34 -42.57 14.29
CA ARG A 117 -25.25 -41.46 15.22
C ARG A 117 -23.82 -41.29 15.68
N PHE A 118 -23.54 -40.12 16.24
CA PHE A 118 -22.23 -39.83 16.84
C PHE A 118 -22.25 -40.20 18.31
N ILE A 119 -21.11 -40.70 18.79
CA ILE A 119 -20.96 -41.14 20.17
C ILE A 119 -19.90 -40.28 20.84
N GLU A 120 -20.22 -39.76 22.01
CA GLU A 120 -19.30 -38.96 22.81
C GLU A 120 -18.90 -39.79 24.03
N ILE A 121 -17.69 -40.33 24.00
CA ILE A 121 -17.18 -41.19 25.06
C ILE A 121 -16.54 -40.32 26.14
N GLY A 122 -16.76 -40.68 27.40
CA GLY A 122 -16.15 -39.97 28.50
C GLY A 122 -15.69 -40.88 29.62
N VAL A 123 -14.44 -40.70 30.05
CA VAL A 123 -13.89 -41.42 31.19
C VAL A 123 -13.67 -40.42 32.32
N THR A 124 -14.21 -40.72 33.49
CA THR A 124 -14.28 -39.76 34.58
C THR A 124 -13.71 -40.35 35.86
N ARG A 125 -12.95 -39.54 36.60
CA ARG A 125 -12.53 -39.91 37.94
C ARG A 125 -13.61 -39.64 38.97
N ARG A 126 -14.49 -38.68 38.70
CA ARG A 126 -15.60 -38.37 39.59
C ARG A 126 -16.76 -39.33 39.31
N GLU A 127 -17.92 -39.05 39.91
CA GLU A 127 -19.09 -39.87 39.64
C GLU A 127 -19.61 -39.61 38.23
N VAL A 128 -20.35 -40.59 37.70
CA VAL A 128 -20.78 -40.53 36.32
C VAL A 128 -21.75 -39.38 36.08
N HIS A 129 -22.67 -39.14 37.01
CA HIS A 129 -23.80 -38.26 36.72
C HIS A 129 -23.37 -36.81 36.53
N ILE A 130 -22.45 -36.31 37.36
CA ILE A 130 -22.05 -34.91 37.23
C ILE A 130 -21.33 -34.67 35.90
N TYR A 131 -20.43 -35.59 35.53
CA TYR A 131 -19.72 -35.46 34.26
C TYR A 131 -20.69 -35.57 33.09
N TYR A 132 -21.66 -36.49 33.19
CA TYR A 132 -22.65 -36.65 32.14
C TYR A 132 -23.46 -35.38 31.96
N LEU A 133 -23.90 -34.77 33.06
CA LEU A 133 -24.64 -33.52 32.96
C LEU A 133 -23.78 -32.40 32.39
N GLU A 134 -22.50 -32.36 32.77
CA GLU A 134 -21.59 -31.36 32.22
C GLU A 134 -21.48 -31.49 30.71
N LYS A 135 -21.28 -32.72 30.22
CA LYS A 135 -21.15 -32.93 28.78
C LYS A 135 -22.47 -32.67 28.07
N ALA A 136 -23.60 -33.03 28.68
CA ALA A 136 -24.90 -32.78 28.07
C ALA A 136 -25.15 -31.28 27.93
N ASN A 137 -24.80 -30.50 28.95
CA ASN A 137 -24.96 -29.06 28.86
C ASN A 137 -23.97 -28.44 27.87
N LYS A 138 -22.77 -29.01 27.76
CA LYS A 138 -21.76 -28.44 26.88
C LYS A 138 -22.16 -28.54 25.42
N ILE A 139 -22.55 -29.75 24.98
CA ILE A 139 -22.79 -29.96 23.56
C ILE A 139 -24.07 -29.28 23.08
N LYS A 140 -25.09 -29.19 23.95
CA LYS A 140 -26.38 -28.60 23.61
C LYS A 140 -27.00 -29.28 22.39
N SER A 141 -26.85 -30.59 22.30
CA SER A 141 -27.48 -31.38 21.26
C SER A 141 -28.13 -32.62 21.87
N GLU A 142 -29.34 -32.93 21.41
CA GLU A 142 -30.08 -34.10 21.86
C GLU A 142 -29.81 -35.32 20.99
N LYS A 143 -29.05 -35.19 19.91
CA LYS A 143 -28.81 -36.29 19.00
C LYS A 143 -27.48 -36.98 19.22
N THR A 144 -26.45 -36.24 19.66
CA THR A 144 -25.13 -36.84 19.87
C THR A 144 -25.19 -37.75 21.09
N HIS A 145 -25.09 -39.05 20.86
CA HIS A 145 -25.14 -40.01 21.96
C HIS A 145 -23.97 -39.80 22.91
N ILE A 146 -24.24 -39.96 24.20
CA ILE A 146 -23.24 -39.79 25.24
C ILE A 146 -23.10 -41.11 25.99
N HIS A 147 -21.87 -41.56 26.17
CA HIS A 147 -21.57 -42.77 26.92
C HIS A 147 -20.40 -42.47 27.86
N ILE A 148 -20.63 -42.64 29.16
CA ILE A 148 -19.66 -42.25 30.18
C ILE A 148 -19.25 -43.49 30.95
N PHE A 149 -17.94 -43.70 31.08
CA PHE A 149 -17.37 -44.74 31.92
C PHE A 149 -16.85 -44.12 33.21
N SER A 150 -16.23 -44.96 34.04
CA SER A 150 -15.59 -44.50 35.26
C SER A 150 -14.53 -45.50 35.67
N PHE A 151 -13.58 -45.02 36.47
CA PHE A 151 -12.53 -45.89 37.00
C PHE A 151 -13.03 -46.80 38.11
N THR A 152 -14.20 -46.52 38.68
CA THR A 152 -14.76 -47.33 39.75
C THR A 152 -15.75 -48.38 39.26
N GLY A 153 -15.90 -48.53 37.95
CA GLY A 153 -16.82 -49.51 37.38
C GLY A 153 -18.22 -49.01 37.14
N GLU A 154 -18.54 -47.78 37.53
CA GLU A 154 -19.84 -47.20 37.24
C GLU A 154 -19.94 -46.82 35.77
N GLU A 155 -21.17 -46.70 35.28
CA GLU A 155 -21.40 -46.42 33.87
C GLU A 155 -22.67 -45.60 33.72
N MET A 156 -22.73 -44.84 32.63
CA MET A 156 -23.93 -44.10 32.27
C MET A 156 -23.95 -43.91 30.76
N ALA A 157 -25.14 -43.64 30.23
CA ALA A 157 -25.30 -43.42 28.79
C ALA A 157 -26.58 -42.65 28.54
N THR A 158 -26.69 -42.10 27.34
CA THR A 158 -27.91 -41.40 26.94
C THR A 158 -29.05 -42.39 26.80
N LYS A 159 -30.15 -42.13 27.52
CA LYS A 159 -31.33 -43.00 27.51
C LYS A 159 -31.00 -44.42 27.97
N ALA A 160 -29.93 -44.56 28.76
CA ALA A 160 -29.46 -45.85 29.24
C ALA A 160 -29.20 -46.81 28.08
N ASP A 161 -28.71 -46.27 26.97
CA ASP A 161 -28.47 -47.04 25.75
C ASP A 161 -26.98 -47.38 25.70
N TYR A 162 -26.66 -48.64 25.99
CA TYR A 162 -25.29 -49.14 25.92
C TYR A 162 -25.11 -49.84 24.58
N THR A 163 -24.34 -49.21 23.70
CA THR A 163 -24.27 -49.66 22.31
C THR A 163 -23.72 -51.08 22.21
N LEU A 164 -22.67 -51.38 22.96
CA LEU A 164 -22.02 -52.68 22.88
C LEU A 164 -22.65 -53.66 23.88
N ASP A 165 -22.27 -54.93 23.73
CA ASP A 165 -22.72 -55.96 24.66
C ASP A 165 -21.96 -55.84 25.97
N GLU A 166 -22.51 -56.48 27.00
CA GLU A 166 -21.95 -56.35 28.34
C GLU A 166 -20.57 -56.97 28.47
N GLU A 167 -20.18 -57.88 27.57
CA GLU A 167 -18.85 -58.47 27.66
C GLU A 167 -17.77 -57.44 27.35
N SER A 168 -17.93 -56.70 26.24
CA SER A 168 -16.96 -55.67 25.89
C SER A 168 -16.98 -54.52 26.90
N ARG A 169 -18.16 -54.16 27.40
CA ARG A 169 -18.24 -53.12 28.40
C ARG A 169 -17.56 -53.55 29.70
N ALA A 170 -17.71 -54.82 30.08
CA ALA A 170 -17.01 -55.34 31.25
C ALA A 170 -15.51 -55.37 31.02
N ARG A 171 -15.08 -55.66 29.80
CA ARG A 171 -13.65 -55.60 29.49
C ARG A 171 -13.11 -54.19 29.64
N ILE A 172 -13.87 -53.19 29.18
CA ILE A 172 -13.47 -51.80 29.38
C ILE A 172 -13.42 -51.47 30.88
N LYS A 173 -14.41 -51.93 31.63
CA LYS A 173 -14.44 -51.69 33.06
C LYS A 173 -13.24 -52.30 33.76
N THR A 174 -12.86 -53.52 33.38
CA THR A 174 -11.73 -54.17 34.05
C THR A 174 -10.41 -53.53 33.63
N ARG A 175 -10.32 -53.01 32.40
CA ARG A 175 -9.12 -52.26 32.03
C ARG A 175 -9.01 -50.97 32.83
N LEU A 176 -10.12 -50.27 33.02
CA LEU A 176 -10.09 -49.05 33.84
C LEU A 176 -9.75 -49.38 35.29
N PHE A 177 -10.28 -50.48 35.81
CA PHE A 177 -9.96 -50.88 37.18
C PHE A 177 -8.49 -51.25 37.30
N THR A 178 -7.93 -51.91 36.28
CA THR A 178 -6.51 -52.24 36.29
C THR A 178 -5.65 -50.99 36.26
N ILE A 179 -6.03 -50.01 35.45
CA ILE A 179 -5.24 -48.77 35.40
C ILE A 179 -5.32 -48.04 36.73
N ARG A 180 -6.50 -48.06 37.38
CA ARG A 180 -6.62 -47.41 38.68
C ARG A 180 -5.78 -48.13 39.73
N GLN A 181 -5.76 -49.47 39.68
CA GLN A 181 -4.93 -50.23 40.61
C GLN A 181 -3.45 -49.91 40.41
N GLU A 182 -3.01 -49.85 39.16
CA GLU A 182 -1.60 -49.56 38.89
C GLU A 182 -1.24 -48.14 39.33
N MET A 183 -2.14 -47.19 39.12
CA MET A 183 -1.86 -45.82 39.54
C MET A 183 -1.89 -45.67 41.05
N ALA A 184 -2.75 -46.43 41.73
CA ALA A 184 -2.78 -46.39 43.19
C ALA A 184 -1.57 -47.10 43.79
N SER A 185 -0.98 -48.05 43.06
CA SER A 185 0.23 -48.70 43.52
C SER A 185 1.43 -47.76 43.55
N ARG A 186 1.30 -46.57 42.96
CA ARG A 186 2.36 -45.57 42.97
C ARG A 186 1.96 -44.27 43.66
N GLY A 187 0.72 -44.16 44.14
CA GLY A 187 0.28 -42.97 44.82
C GLY A 187 -0.14 -41.84 43.92
N LEU A 188 -0.20 -42.07 42.61
CA LEU A 188 -0.55 -41.03 41.64
C LEU A 188 -2.05 -40.82 41.52
N TRP A 189 -2.86 -41.71 42.08
CA TRP A 189 -4.29 -41.68 41.84
C TRP A 189 -4.94 -40.42 42.42
N ASP A 190 -4.51 -40.00 43.62
CA ASP A 190 -5.10 -38.82 44.23
C ASP A 190 -4.84 -37.57 43.41
N SER A 191 -3.59 -37.38 42.98
CA SER A 191 -3.26 -36.24 42.15
C SER A 191 -4.00 -36.30 40.82
N PHE A 192 -4.13 -37.50 40.25
CA PHE A 192 -4.90 -37.65 39.02
C PHE A 192 -6.35 -37.25 39.22
N ARG A 193 -6.96 -37.69 40.32
CA ARG A 193 -8.36 -37.38 40.58
C ARG A 193 -8.58 -35.89 40.80
N GLN A 194 -7.66 -35.23 41.49
CA GLN A 194 -7.87 -33.82 41.83
C GLN A 194 -7.70 -32.89 40.64
N SER A 195 -7.02 -33.33 39.57
CA SER A 195 -6.69 -32.46 38.46
C SER A 195 -7.70 -32.50 37.33
N GLU A 196 -8.79 -33.26 37.47
CA GLU A 196 -9.74 -33.40 36.37
C GLU A 196 -10.45 -32.09 36.06
N ARG A 197 -10.81 -31.31 37.08
CA ARG A 197 -11.51 -30.05 36.84
C ARG A 197 -10.65 -29.08 36.05
N GLY A 198 -9.36 -29.00 36.40
CA GLY A 198 -8.44 -28.16 35.66
C GLY A 198 -7.75 -28.91 34.54
N GLU A 199 -8.53 -29.42 33.58
CA GLU A 199 -7.99 -30.21 32.49
C GLU A 199 -8.23 -29.57 31.13
N GLU A 200 -9.47 -29.16 30.85
CA GLU A 200 -9.80 -28.59 29.56
C GLU A 200 -9.67 -27.07 29.57
N THR A 201 -8.50 -26.60 30.00
CA THR A 201 -8.20 -25.17 30.00
C THR A 201 -6.70 -25.04 29.72
N ILE A 202 -6.37 -24.73 28.47
CA ILE A 202 -4.97 -24.69 28.07
C ILE A 202 -4.25 -23.59 28.83
N GLU A 203 -3.13 -23.94 29.44
CA GLU A 203 -2.31 -23.00 30.19
C GLU A 203 -1.11 -22.65 29.33
N GLU A 204 -1.12 -21.46 28.73
CA GLU A 204 -0.01 -21.03 27.89
C GLU A 204 1.22 -20.79 28.74
N ARG A 205 2.35 -21.34 28.32
CA ARG A 205 3.60 -21.20 29.05
C ARG A 205 4.68 -20.68 28.10
N PHE A 206 5.31 -19.58 28.48
CA PHE A 206 6.46 -19.06 27.75
C PHE A 206 7.38 -18.43 28.79
N GLU A 207 8.37 -19.21 29.22
CA GLU A 207 9.26 -18.81 30.31
C GLU A 207 10.65 -18.48 29.77
N ILE A 208 11.20 -17.37 30.26
CA ILE A 208 12.55 -16.95 29.92
C ILE A 208 13.49 -17.58 30.93
N THR A 209 14.34 -18.51 30.48
CA THR A 209 15.23 -19.23 31.36
C THR A 209 16.59 -19.42 30.68
N GLY A 210 17.59 -19.67 31.51
CA GLY A 210 18.91 -20.02 30.99
C GLY A 210 19.56 -18.87 30.24
N THR A 211 19.99 -19.17 29.01
CA THR A 211 20.69 -18.17 28.21
C THR A 211 19.81 -16.96 27.95
N MET A 212 18.52 -17.18 27.71
CA MET A 212 17.63 -16.05 27.48
C MET A 212 17.49 -15.20 28.73
N ARG A 213 17.44 -15.82 29.91
CA ARG A 213 17.39 -15.05 31.15
C ARG A 213 18.67 -14.25 31.35
N ARG A 214 19.82 -14.84 31.06
CA ARG A 214 21.08 -14.11 31.20
C ARG A 214 21.16 -12.94 30.23
N LEU A 215 20.69 -13.14 29.00
CA LEU A 215 20.64 -12.03 28.04
C LEU A 215 19.67 -10.95 28.50
N ALA A 216 18.54 -11.35 29.08
CA ALA A 216 17.56 -10.37 29.57
C ALA A 216 18.14 -9.55 30.71
N ASP A 217 18.93 -10.18 31.57
CA ASP A 217 19.54 -9.46 32.69
C ASP A 217 20.56 -8.43 32.23
N GLN A 218 20.97 -8.46 30.96
CA GLN A 218 21.91 -7.49 30.41
C GLN A 218 21.27 -6.59 29.35
N SER A 219 19.94 -6.56 29.29
CA SER A 219 19.22 -5.75 28.32
C SER A 219 18.47 -4.60 28.99
N LEU A 220 18.94 -4.17 30.15
CA LEU A 220 18.21 -3.24 31.00
C LEU A 220 18.97 -1.93 31.11
N PRO A 221 18.38 -0.89 31.70
CA PRO A 221 19.15 0.31 32.03
C PRO A 221 20.27 -0.02 33.01
N PRO A 222 21.25 0.87 33.16
CA PRO A 222 22.45 0.52 33.95
C PRO A 222 22.15 0.13 35.39
N ASN A 223 21.17 0.77 36.05
CA ASN A 223 20.96 0.58 37.48
C ASN A 223 20.01 -0.56 37.81
N PHE A 224 19.86 -1.54 36.91
CA PHE A 224 19.05 -2.72 37.17
C PHE A 224 19.87 -3.96 36.86
N SER A 225 19.77 -4.96 37.72
CA SER A 225 20.58 -6.16 37.61
C SER A 225 19.82 -7.39 37.12
N SER A 226 18.50 -7.42 37.26
CA SER A 226 17.70 -8.54 36.80
C SER A 226 16.44 -8.00 36.14
N LEU A 227 15.93 -8.76 35.17
CA LEU A 227 14.72 -8.35 34.48
C LEU A 227 13.52 -8.28 35.42
N GLU A 228 13.51 -9.14 36.44
CA GLU A 228 12.42 -9.08 37.42
C GLU A 228 12.43 -7.76 38.19
N ASN A 229 13.61 -7.27 38.55
CA ASN A 229 13.68 -5.98 39.23
C ASN A 229 13.18 -4.85 38.35
N PHE A 230 13.57 -4.86 37.06
CA PHE A 230 13.11 -3.82 36.16
C PHE A 230 11.60 -3.90 35.95
N ARG A 231 11.06 -5.12 35.85
CA ARG A 231 9.62 -5.26 35.71
C ARG A 231 8.89 -4.76 36.95
N ALA A 232 9.44 -5.03 38.13
CA ALA A 232 8.85 -4.51 39.35
C ALA A 232 8.89 -3.00 39.38
N TYR A 233 10.00 -2.40 38.93
CA TYR A 233 10.09 -0.95 38.87
C TYR A 233 9.05 -0.37 37.92
N VAL A 234 8.88 -0.98 36.75
CA VAL A 234 7.95 -0.45 35.77
C VAL A 234 6.51 -0.62 36.22
N ASP A 235 6.20 -1.76 36.85
CA ASP A 235 4.82 -2.03 37.28
C ASP A 235 4.38 -1.03 38.35
N GLY A 236 5.27 -0.67 39.25
CA GLY A 236 4.96 0.33 40.25
C GLY A 236 5.25 1.75 39.84
N PHE A 237 5.63 1.99 38.60
CA PHE A 237 5.98 3.33 38.17
C PHE A 237 4.75 4.21 38.05
N GLU A 238 4.84 5.43 38.58
CA GLU A 238 3.83 6.46 38.40
C GLU A 238 4.53 7.75 38.01
N PRO A 239 3.96 8.52 37.08
CA PRO A 239 4.62 9.75 36.64
C PRO A 239 4.71 10.79 37.76
N ASN A 240 5.92 11.11 38.19
CA ASN A 240 6.15 12.08 39.26
C ASN A 240 7.19 13.09 38.77
N GLY A 241 6.73 14.09 38.03
CA GLY A 241 7.56 15.19 37.57
C GLY A 241 8.92 14.84 36.99
N CYS A 242 9.05 13.64 36.40
CA CYS A 242 10.34 13.23 35.88
C CYS A 242 10.76 14.11 34.70
N ILE A 243 9.86 14.32 33.75
CA ILE A 243 10.21 15.10 32.56
C ILE A 243 10.47 16.56 32.94
N GLU A 244 9.68 17.12 33.85
CA GLU A 244 9.90 18.49 34.28
C GLU A 244 11.25 18.65 34.96
N GLY A 245 11.60 17.70 35.83
CA GLY A 245 12.89 17.78 36.50
C GLY A 245 14.05 17.64 35.54
N LYS A 246 13.95 16.70 34.60
CA LYS A 246 15.00 16.56 33.60
C LYS A 246 15.12 17.79 32.72
N LEU A 247 13.99 18.41 32.37
CA LEU A 247 14.03 19.63 31.59
C LEU A 247 14.71 20.76 32.36
N SER A 248 14.43 20.86 33.66
CA SER A 248 15.10 21.87 34.48
C SER A 248 16.60 21.60 34.56
N GLN A 249 17.00 20.34 34.67
CA GLN A 249 18.43 20.01 34.74
C GLN A 249 19.13 20.29 33.41
N MET A 250 18.47 20.00 32.29
CA MET A 250 19.10 20.16 30.99
C MET A 250 19.47 21.62 30.74
N SER A 251 20.66 21.82 30.17
CA SER A 251 21.18 23.17 29.99
C SER A 251 20.38 23.92 28.93
N LYS A 252 20.40 25.25 29.05
CA LYS A 252 19.69 26.11 28.10
C LYS A 252 20.34 26.14 26.72
N GLU A 253 21.53 25.58 26.56
CA GLU A 253 22.15 25.54 25.25
C GLU A 253 21.51 24.50 24.34
N VAL A 254 20.75 23.56 24.91
CA VAL A 254 20.05 22.55 24.12
C VAL A 254 18.69 23.11 23.78
N ASN A 255 18.62 23.89 22.70
CA ASN A 255 17.38 24.52 22.28
C ASN A 255 17.29 24.50 20.76
N ALA A 256 16.08 24.70 20.25
CA ALA A 256 15.83 24.80 18.82
C ALA A 256 15.40 26.24 18.54
N ARG A 257 16.40 27.11 18.36
CA ARG A 257 16.13 28.52 18.09
C ARG A 257 15.68 28.69 16.65
N ILE A 258 14.60 29.45 16.47
CA ILE A 258 14.03 29.69 15.15
C ILE A 258 14.65 30.96 14.58
N GLU A 259 15.38 30.82 13.49
CA GLU A 259 15.91 32.00 12.81
C GLU A 259 14.99 32.36 11.65
N PRO A 260 14.52 33.60 11.58
CA PRO A 260 13.60 33.98 10.51
C PRO A 260 14.26 33.88 9.14
N PHE A 261 13.47 33.47 8.15
CA PHE A 261 13.91 33.37 6.76
C PHE A 261 13.31 34.54 6.00
N LEU A 262 14.04 35.65 5.97
CA LEU A 262 13.58 36.85 5.28
C LEU A 262 14.01 36.80 3.82
N ARG A 263 13.58 37.80 3.05
CA ARG A 263 14.00 37.89 1.66
C ARG A 263 15.50 38.13 1.52
N THR A 264 16.12 38.72 2.53
CA THR A 264 17.56 38.97 2.52
C THR A 264 18.35 37.85 3.20
N THR A 265 17.69 36.78 3.62
CA THR A 265 18.34 35.69 4.34
C THR A 265 19.13 34.76 3.43
N PRO A 266 18.53 34.17 2.39
CA PRO A 266 19.25 33.13 1.65
C PRO A 266 20.37 33.68 0.79
N ARG A 267 21.39 32.87 0.58
CA ARG A 267 22.54 33.19 -0.24
C ARG A 267 22.59 32.29 -1.47
N PRO A 268 23.29 32.70 -2.52
CA PRO A 268 23.44 31.81 -3.67
C PRO A 268 24.25 30.58 -3.32
N LEU A 269 23.92 29.47 -4.00
CA LEU A 269 24.67 28.24 -3.83
C LEU A 269 26.09 28.40 -4.36
N ARG A 270 27.04 27.76 -3.70
CA ARG A 270 28.44 27.82 -4.08
C ARG A 270 28.75 26.69 -5.06
N LEU A 271 28.95 27.04 -6.31
CA LEU A 271 29.37 26.05 -7.29
C LEU A 271 30.85 25.76 -7.16
N PRO A 272 31.28 24.51 -7.33
CA PRO A 272 32.69 24.17 -7.13
C PRO A 272 33.59 24.84 -8.15
N ASP A 273 34.84 25.06 -7.74
CA ASP A 273 35.87 25.61 -8.61
C ASP A 273 36.73 24.47 -9.15
N GLY A 274 37.14 24.60 -10.41
CA GLY A 274 37.95 23.60 -11.05
C GLY A 274 37.98 23.78 -12.55
N PRO A 275 38.58 22.83 -13.27
CA PRO A 275 38.53 22.88 -14.73
C PRO A 275 37.10 22.73 -15.22
N PRO A 276 36.77 23.33 -16.36
CA PRO A 276 35.39 23.29 -16.84
C PRO A 276 34.91 21.87 -17.11
N CYS A 277 33.62 21.64 -16.91
CA CYS A 277 33.03 20.33 -17.11
C CYS A 277 33.07 19.94 -18.58
N SER A 278 33.00 18.63 -18.81
CA SER A 278 33.12 18.07 -20.15
C SER A 278 31.88 17.24 -20.48
N GLN A 279 31.66 17.06 -21.77
CA GLN A 279 30.51 16.30 -22.25
C GLN A 279 30.61 14.84 -21.82
N ARG A 280 29.50 14.29 -21.32
CA ARG A 280 29.46 12.91 -20.88
C ARG A 280 28.27 12.13 -21.42
N SER A 281 27.47 12.71 -22.29
CA SER A 281 26.34 12.00 -22.85
C SER A 281 26.82 10.86 -23.75
N LYS A 282 25.98 9.84 -23.89
CA LYS A 282 26.32 8.67 -24.68
C LYS A 282 26.32 8.94 -26.17
N PHE A 283 25.79 10.08 -26.61
CA PHE A 283 25.83 10.48 -28.00
C PHE A 283 25.78 11.99 -28.09
N LEU A 284 26.15 12.52 -29.24
CA LEU A 284 26.13 13.96 -29.44
C LEU A 284 24.69 14.47 -29.44
N LEU A 285 24.51 15.70 -28.96
CA LEU A 285 23.17 16.27 -28.84
C LEU A 285 22.95 17.47 -29.75
N MET A 286 23.74 18.52 -29.62
CA MET A 286 23.58 19.71 -30.43
C MET A 286 24.58 19.77 -31.58
N ASP A 287 25.50 18.81 -31.64
CA ASP A 287 26.51 18.78 -32.67
C ASP A 287 26.38 17.57 -33.58
N ALA A 288 25.38 16.72 -33.36
CA ALA A 288 25.21 15.53 -34.17
C ALA A 288 24.85 15.89 -35.60
N LEU A 289 25.48 15.20 -36.55
CA LEU A 289 25.18 15.34 -37.96
C LEU A 289 24.56 14.04 -38.46
N LYS A 290 23.53 14.17 -39.29
CA LYS A 290 22.83 13.02 -39.83
C LYS A 290 22.93 13.03 -41.34
N LEU A 291 23.19 11.84 -41.91
CA LEU A 291 23.14 11.62 -43.35
C LEU A 291 21.81 10.94 -43.64
N SER A 292 20.93 11.61 -44.38
CA SER A 292 19.54 11.21 -44.50
C SER A 292 19.23 10.71 -45.89
N ILE A 293 18.34 9.71 -45.96
CA ILE A 293 17.82 9.17 -47.20
C ILE A 293 16.30 9.24 -47.17
N GLU A 294 15.70 9.30 -48.35
CA GLU A 294 14.24 9.35 -48.48
C GLU A 294 13.73 7.91 -48.59
N ASP A 295 13.53 7.27 -47.44
CA ASP A 295 13.08 5.89 -47.40
C ASP A 295 11.65 5.81 -46.91
N PRO A 296 10.68 5.52 -47.77
CA PRO A 296 9.29 5.43 -47.31
C PRO A 296 9.03 4.17 -46.49
N SER A 297 9.73 4.02 -45.37
CA SER A 297 9.53 2.91 -44.45
C SER A 297 9.39 3.45 -43.04
N HIS A 298 8.63 2.74 -42.23
CA HIS A 298 8.30 3.20 -40.89
C HIS A 298 9.46 2.88 -39.94
N GLU A 299 9.27 3.19 -38.66
CA GLU A 299 10.35 3.06 -37.68
C GLU A 299 10.78 1.61 -37.53
N GLY A 300 12.07 1.36 -37.74
CA GLY A 300 12.64 0.04 -37.54
C GLY A 300 12.13 -1.06 -38.46
N GLU A 301 11.98 -0.76 -39.74
CA GLU A 301 11.50 -1.75 -40.71
C GLU A 301 12.64 -2.37 -41.50
N GLY A 302 13.43 -1.56 -42.18
CA GLY A 302 14.50 -2.08 -43.01
C GLY A 302 15.68 -2.56 -42.20
N ILE A 303 16.58 -3.24 -42.90
CA ILE A 303 17.82 -3.74 -42.27
C ILE A 303 18.68 -2.56 -41.86
N PRO A 304 19.12 -2.47 -40.60
CA PRO A 304 19.92 -1.31 -40.18
C PRO A 304 21.21 -1.16 -40.97
N LEU A 305 21.88 -2.27 -41.30
CA LEU A 305 23.14 -2.17 -42.06
C LEU A 305 22.89 -1.70 -43.49
N TYR A 306 21.81 -2.15 -44.11
CA TYR A 306 21.49 -1.69 -45.45
C TYR A 306 21.21 -0.19 -45.47
N ASP A 307 20.41 0.28 -44.51
CA ASP A 307 20.13 1.71 -44.41
C ASP A 307 21.39 2.50 -44.13
N ALA A 308 22.27 1.97 -43.28
CA ALA A 308 23.53 2.64 -43.00
C ALA A 308 24.39 2.74 -44.25
N ILE A 309 24.46 1.67 -45.03
CA ILE A 309 25.24 1.69 -46.27
C ILE A 309 24.68 2.72 -47.24
N LYS A 310 23.35 2.78 -47.37
CA LYS A 310 22.75 3.76 -48.28
C LYS A 310 23.01 5.18 -47.80
N CYS A 311 22.88 5.43 -46.50
CA CYS A 311 23.15 6.76 -45.96
C CYS A 311 24.59 7.16 -46.19
N MET A 312 25.52 6.21 -46.02
CA MET A 312 26.92 6.49 -46.31
C MET A 312 27.12 6.81 -47.79
N LYS A 313 26.46 6.06 -48.67
CA LYS A 313 26.60 6.31 -50.11
C LYS A 313 26.02 7.66 -50.51
N THR A 314 25.07 8.19 -49.73
CA THR A 314 24.51 9.50 -50.08
C THR A 314 25.49 10.65 -49.91
N PHE A 315 26.64 10.42 -49.27
CA PHE A 315 27.61 11.48 -49.03
C PHE A 315 28.85 11.24 -49.89
N PHE A 316 29.24 12.27 -50.64
CA PHE A 316 30.47 12.26 -51.41
C PHE A 316 31.38 13.34 -50.85
N GLY A 317 32.65 12.99 -50.62
CA GLY A 317 33.56 13.92 -50.00
C GLY A 317 34.44 13.29 -48.96
N TRP A 318 34.34 11.97 -48.80
CA TRP A 318 35.19 11.23 -47.87
C TRP A 318 36.66 11.46 -48.17
N LYS A 319 37.37 12.14 -47.28
CA LYS A 319 38.80 12.34 -47.41
C LYS A 319 39.54 11.27 -46.63
N GLU A 320 40.87 11.36 -46.63
CA GLU A 320 41.67 10.50 -45.79
C GLU A 320 41.57 10.99 -44.36
N PRO A 321 41.09 10.17 -43.42
CA PRO A 321 40.89 10.66 -42.06
C PRO A 321 42.20 11.02 -41.39
N ASN A 322 42.15 12.07 -40.56
CA ASN A 322 43.31 12.51 -39.81
C ASN A 322 42.84 13.11 -38.49
N ILE A 323 43.69 13.02 -37.48
CA ILE A 323 43.33 13.44 -36.13
C ILE A 323 43.40 14.96 -36.03
N ILE A 324 42.35 15.57 -35.50
CA ILE A 324 42.26 17.01 -35.35
C ILE A 324 42.47 17.39 -33.89
N LYS A 325 41.64 16.86 -33.01
CA LYS A 325 41.75 17.07 -31.57
C LYS A 325 41.97 15.72 -30.90
N PRO A 326 43.19 15.40 -30.49
CA PRO A 326 43.47 14.06 -29.97
C PRO A 326 42.92 13.85 -28.57
N HIS A 327 42.70 12.57 -28.25
CA HIS A 327 42.34 12.17 -26.89
C HIS A 327 43.62 12.14 -26.05
N GLU A 328 43.71 13.05 -25.08
CA GLU A 328 44.99 13.27 -24.40
C GLU A 328 45.40 12.08 -23.54
N LYS A 329 44.45 11.26 -23.09
CA LYS A 329 44.77 10.09 -22.28
C LYS A 329 44.77 8.79 -23.07
N GLY A 330 44.44 8.82 -24.35
CA GLY A 330 44.29 7.61 -25.15
C GLY A 330 45.34 7.46 -26.22
N ILE A 331 45.15 6.44 -27.04
CA ILE A 331 46.02 6.14 -28.18
C ILE A 331 45.27 6.45 -29.46
N ASN A 332 45.45 7.66 -29.98
CA ASN A 332 44.68 8.12 -31.13
C ASN A 332 44.85 7.26 -32.39
N PRO A 333 46.04 6.75 -32.74
CA PRO A 333 46.12 5.87 -33.91
C PRO A 333 45.19 4.68 -33.82
N ASN A 334 44.91 4.19 -32.61
CA ASN A 334 43.92 3.13 -32.48
C ASN A 334 42.53 3.60 -32.92
N TYR A 335 42.18 4.85 -32.60
CA TYR A 335 40.91 5.40 -33.07
C TYR A 335 40.88 5.50 -34.60
N LEU A 336 41.97 5.95 -35.19
CA LEU A 336 42.04 6.03 -36.65
C LEU A 336 41.86 4.64 -37.27
N LEU A 337 42.56 3.65 -36.71
CA LEU A 337 42.45 2.29 -37.23
C LEU A 337 41.04 1.74 -37.05
N THR A 338 40.38 2.09 -35.93
CA THR A 338 39.01 1.66 -35.71
C THR A 338 38.08 2.20 -36.80
N TRP A 339 38.22 3.49 -37.11
CA TRP A 339 37.37 4.06 -38.15
C TRP A 339 37.64 3.42 -39.51
N LYS A 340 38.92 3.21 -39.84
CA LYS A 340 39.24 2.60 -41.12
C LYS A 340 38.74 1.16 -41.19
N GLN A 341 38.78 0.44 -40.08
CA GLN A 341 38.23 -0.90 -40.02
C GLN A 341 36.72 -0.88 -40.24
N VAL A 342 36.04 0.12 -39.66
CA VAL A 342 34.60 0.24 -39.87
C VAL A 342 34.30 0.44 -41.35
N LEU A 343 35.06 1.32 -42.01
CA LEU A 343 34.86 1.53 -43.44
C LEU A 343 35.11 0.25 -44.23
N ALA A 344 36.19 -0.47 -43.90
CA ALA A 344 36.51 -1.69 -44.62
C ALA A 344 35.44 -2.75 -44.47
N GLU A 345 34.91 -2.91 -43.25
CA GLU A 345 33.88 -3.93 -43.04
C GLU A 345 32.54 -3.51 -43.63
N LEU A 346 32.26 -2.21 -43.70
CA LEU A 346 31.09 -1.76 -44.43
C LEU A 346 31.19 -2.13 -45.90
N GLN A 347 32.37 -1.91 -46.50
CA GLN A 347 32.56 -2.32 -47.88
C GLN A 347 32.43 -3.84 -48.03
N ASP A 348 32.94 -4.58 -47.06
CA ASP A 348 32.83 -6.05 -47.12
C ASP A 348 31.38 -6.50 -47.11
N ILE A 349 30.58 -5.96 -46.19
CA ILE A 349 29.18 -6.37 -46.14
C ILE A 349 28.43 -5.88 -47.36
N GLU A 350 28.86 -4.76 -47.94
CA GLU A 350 28.25 -4.30 -49.18
C GLU A 350 28.55 -5.24 -50.34
N ASN A 351 29.72 -5.87 -50.33
CA ASN A 351 30.15 -6.72 -51.44
C ASN A 351 29.71 -8.17 -51.30
N GLU A 352 28.97 -8.54 -50.27
CA GLU A 352 28.57 -9.91 -50.06
C GLU A 352 27.14 -10.20 -50.52
N GLU A 353 26.50 -9.26 -51.19
CA GLU A 353 25.19 -9.42 -51.86
C GLU A 353 24.11 -10.03 -50.96
N LYS A 354 24.30 -10.03 -49.65
CA LYS A 354 23.23 -10.40 -48.73
C LYS A 354 23.56 -9.75 -47.39
N ILE A 355 22.89 -8.63 -47.10
CA ILE A 355 23.18 -7.83 -45.92
C ILE A 355 22.52 -8.47 -44.70
N PRO A 356 23.28 -8.85 -43.69
CA PRO A 356 22.70 -9.53 -42.53
C PRO A 356 22.20 -8.53 -41.49
N ARG A 357 21.48 -9.07 -40.51
CA ARG A 357 20.95 -8.23 -39.44
C ARG A 357 22.07 -7.58 -38.63
N THR A 358 23.09 -8.36 -38.30
CA THR A 358 24.20 -7.89 -37.47
C THR A 358 25.53 -8.23 -38.12
N LYS A 359 26.54 -7.43 -37.81
CA LYS A 359 27.89 -7.65 -38.30
C LYS A 359 28.85 -7.74 -37.13
N ASN A 360 29.72 -8.75 -37.14
CA ASN A 360 30.73 -8.93 -36.12
C ASN A 360 32.06 -8.37 -36.65
N MET A 361 32.63 -7.43 -35.91
CA MET A 361 33.91 -6.86 -36.30
C MET A 361 35.04 -7.78 -35.85
N LYS A 362 36.10 -7.81 -36.65
CA LYS A 362 37.28 -8.59 -36.30
C LYS A 362 37.94 -8.03 -35.04
N LYS A 363 38.40 -8.93 -34.18
CA LYS A 363 39.03 -8.54 -32.93
C LYS A 363 40.47 -8.12 -33.21
N THR A 364 40.60 -6.90 -33.74
CA THR A 364 41.89 -6.33 -34.06
C THR A 364 42.49 -5.65 -32.83
N SER A 365 43.77 -5.27 -32.94
CA SER A 365 44.46 -4.67 -31.80
C SER A 365 43.81 -3.34 -31.41
N GLN A 366 43.44 -2.52 -32.39
CA GLN A 366 42.86 -1.23 -32.07
C GLN A 366 41.50 -1.39 -31.39
N LEU A 367 40.70 -2.36 -31.81
CA LEU A 367 39.42 -2.61 -31.16
C LEU A 367 39.63 -3.24 -29.78
N LYS A 368 40.64 -4.10 -29.65
CA LYS A 368 40.92 -4.68 -28.33
C LYS A 368 41.34 -3.61 -27.33
N TRP A 369 42.11 -2.61 -27.78
CA TRP A 369 42.44 -1.51 -26.88
C TRP A 369 41.23 -0.63 -26.62
N ALA A 370 40.51 -0.25 -27.67
CA ALA A 370 39.45 0.75 -27.52
C ALA A 370 38.27 0.20 -26.73
N LEU A 371 38.04 -1.11 -26.78
CA LEU A 371 36.93 -1.73 -26.08
C LEU A 371 37.34 -2.33 -24.75
N GLY A 372 38.55 -2.03 -24.28
CA GLY A 372 38.99 -2.50 -22.98
C GLY A 372 39.10 -4.00 -22.88
N GLU A 373 39.64 -4.65 -23.90
CA GLU A 373 39.81 -6.09 -23.87
C GLU A 373 40.98 -6.47 -22.97
N ASN A 374 40.73 -7.41 -22.05
CA ASN A 374 41.75 -7.93 -21.14
C ASN A 374 42.31 -6.85 -20.22
N MET A 375 41.53 -5.81 -19.94
CA MET A 375 41.97 -4.76 -19.04
C MET A 375 41.65 -5.03 -17.59
N ALA A 376 40.78 -5.99 -17.30
CA ALA A 376 40.51 -6.37 -15.93
C ALA A 376 41.67 -7.18 -15.38
N PRO A 377 42.14 -6.90 -14.17
CA PRO A 377 43.25 -7.67 -13.60
C PRO A 377 42.84 -9.11 -13.34
N GLU A 378 43.84 -9.99 -13.33
CA GLU A 378 43.59 -11.39 -13.07
C GLU A 378 43.13 -11.59 -11.63
N LYS A 379 42.04 -12.34 -11.45
CA LYS A 379 41.45 -12.55 -10.14
C LYS A 379 42.17 -13.71 -9.46
N VAL A 380 42.86 -13.40 -8.37
CA VAL A 380 43.67 -14.39 -7.66
C VAL A 380 43.18 -14.49 -6.22
N ASP A 381 43.84 -15.34 -5.43
CA ASP A 381 43.53 -15.47 -4.02
C ASP A 381 44.45 -14.59 -3.20
N PHE A 382 43.92 -14.07 -2.08
CA PHE A 382 44.73 -13.23 -1.20
C PHE A 382 45.93 -13.99 -0.64
N GLU A 383 45.83 -15.31 -0.54
CA GLU A 383 46.97 -16.10 -0.07
C GLU A 383 48.15 -15.98 -1.02
N ASP A 384 47.89 -15.96 -2.32
CA ASP A 384 48.94 -16.02 -3.34
C ASP A 384 49.46 -14.64 -3.73
N CYS A 385 48.91 -13.56 -3.17
CA CYS A 385 49.36 -12.24 -3.56
C CYS A 385 49.49 -11.26 -2.41
N LYS A 386 49.34 -11.71 -1.15
CA LYS A 386 49.36 -10.80 -0.02
C LYS A 386 50.70 -10.08 0.13
N ASP A 387 51.78 -10.67 -0.36
CA ASP A 387 53.11 -10.09 -0.21
C ASP A 387 53.47 -9.11 -1.31
N VAL A 388 52.58 -8.87 -2.27
CA VAL A 388 52.87 -7.94 -3.36
C VAL A 388 52.92 -6.52 -2.79
N ASN A 389 53.96 -5.78 -3.19
CA ASN A 389 54.25 -4.50 -2.54
C ASN A 389 53.13 -3.49 -2.75
N ASP A 390 52.65 -3.35 -3.98
CA ASP A 390 51.67 -2.32 -4.29
C ASP A 390 50.23 -2.81 -4.16
N LEU A 391 50.02 -4.04 -3.70
CA LEU A 391 48.67 -4.52 -3.44
C LEU A 391 48.01 -3.67 -2.39
N LYS A 392 46.84 -3.13 -2.71
CA LYS A 392 46.17 -2.21 -1.80
C LYS A 392 44.70 -2.13 -2.18
N GLN A 393 43.95 -1.37 -1.38
CA GLN A 393 42.53 -1.18 -1.61
C GLN A 393 42.28 -0.39 -2.89
N TYR A 394 41.15 -0.67 -3.53
CA TYR A 394 40.76 0.07 -4.73
C TYR A 394 40.72 1.56 -4.44
N ASP A 395 41.01 2.35 -5.46
CA ASP A 395 40.94 3.80 -5.34
C ASP A 395 39.49 4.21 -5.14
N SER A 396 39.15 4.63 -3.93
CA SER A 396 37.80 5.01 -3.56
C SER A 396 37.71 6.49 -3.21
N ASP A 397 38.43 7.33 -3.96
CA ASP A 397 38.42 8.75 -3.70
C ASP A 397 37.13 9.40 -4.20
N GLU A 398 36.91 10.63 -3.76
CA GLU A 398 35.78 11.40 -4.24
C GLU A 398 36.00 11.81 -5.69
N PRO A 399 34.92 12.08 -6.44
CA PRO A 399 35.08 12.59 -7.80
C PRO A 399 35.81 13.93 -7.82
N GLU A 400 36.57 14.14 -8.88
CA GLU A 400 37.30 15.40 -9.04
C GLU A 400 36.32 16.54 -9.33
N PRO A 401 36.41 17.66 -8.62
CA PRO A 401 35.48 18.76 -8.87
C PRO A 401 35.67 19.36 -10.26
N ARG A 402 34.58 19.82 -10.84
CA ARG A 402 34.58 20.50 -12.12
C ARG A 402 33.70 21.74 -12.03
N SER A 403 34.07 22.77 -12.78
CA SER A 403 33.32 24.02 -12.79
C SER A 403 32.32 24.03 -13.93
N LEU A 404 31.28 24.85 -13.77
CA LEU A 404 30.20 24.93 -14.74
C LEU A 404 30.67 25.70 -15.97
N ALA A 405 30.53 25.08 -17.14
CA ALA A 405 30.86 25.71 -18.40
C ALA A 405 29.59 26.11 -19.15
N CYS A 406 29.75 27.03 -20.10
CA CYS A 406 28.61 27.63 -20.78
C CYS A 406 27.94 26.71 -21.80
N TRP A 407 28.57 25.58 -22.15
CA TRP A 407 28.04 24.78 -23.25
C TRP A 407 26.80 24.00 -22.84
N ILE A 408 26.62 23.71 -21.56
CA ILE A 408 25.45 22.94 -21.14
C ILE A 408 24.18 23.78 -21.25
N GLN A 409 24.28 25.08 -20.99
CA GLN A 409 23.13 25.97 -21.19
C GLN A 409 22.76 26.05 -22.67
N SER A 410 23.76 26.10 -23.55
CA SER A 410 23.49 26.08 -24.98
C SER A 410 22.86 24.75 -25.41
N GLU A 411 23.33 23.64 -24.84
CA GLU A 411 22.73 22.35 -25.13
C GLU A 411 21.27 22.32 -24.74
N PHE A 412 20.94 22.86 -23.55
CA PHE A 412 19.56 22.87 -23.11
C PHE A 412 18.72 23.81 -23.97
N ASN A 413 19.28 24.96 -24.37
CA ASN A 413 18.56 25.87 -25.26
C ASN A 413 18.24 25.20 -26.58
N LYS A 414 19.18 24.43 -27.13
CA LYS A 414 18.95 23.75 -28.40
C LYS A 414 17.97 22.58 -28.24
N ALA A 415 17.95 21.93 -27.08
CA ALA A 415 17.03 20.81 -26.88
C ALA A 415 15.59 21.28 -26.73
N CYS A 416 15.36 22.56 -26.47
CA CYS A 416 14.02 23.09 -26.28
C CYS A 416 13.41 23.62 -27.57
N GLU A 417 14.15 23.64 -28.67
CA GLU A 417 13.70 24.30 -29.88
C GLU A 417 12.74 23.43 -30.67
N LEU A 418 12.12 24.03 -31.68
CA LEU A 418 11.19 23.36 -32.57
C LEU A 418 11.93 22.90 -33.83
N THR A 419 11.77 21.62 -34.17
CA THR A 419 12.37 21.08 -35.37
C THR A 419 11.40 21.16 -36.54
N ASP A 420 11.94 20.97 -37.74
CA ASP A 420 11.12 20.95 -38.95
C ASP A 420 10.57 19.56 -39.25
N SER A 421 10.96 18.54 -38.50
CA SER A 421 10.52 17.17 -38.73
C SER A 421 9.77 16.65 -37.52
N SER A 422 8.89 15.69 -37.76
CA SER A 422 8.18 14.99 -36.71
C SER A 422 9.00 13.77 -36.30
N TRP A 423 9.28 13.65 -35.01
CA TRP A 423 10.25 12.66 -34.54
C TRP A 423 9.62 11.45 -33.88
N VAL A 424 8.35 11.50 -33.51
CA VAL A 424 7.66 10.36 -32.93
C VAL A 424 6.43 10.05 -33.77
N GLU A 425 6.24 8.76 -34.07
CA GLU A 425 5.07 8.28 -34.78
C GLU A 425 4.27 7.45 -33.77
N LEU A 426 3.38 8.13 -33.05
CA LEU A 426 2.60 7.46 -32.01
C LEU A 426 1.62 6.47 -32.61
N ASP A 427 1.39 5.38 -31.89
CA ASP A 427 0.55 4.31 -32.37
C ASP A 427 -0.93 4.71 -32.33
N GLU A 428 -1.79 3.76 -32.67
CA GLU A 428 -3.22 3.99 -32.72
C GLU A 428 -3.87 3.58 -31.41
N ILE A 429 -5.04 4.16 -31.15
CA ILE A 429 -5.85 3.79 -30.00
C ILE A 429 -7.23 3.40 -30.50
N GLY A 430 -8.13 3.04 -29.60
CA GLY A 430 -9.49 2.77 -29.98
C GLY A 430 -10.21 4.00 -30.47
N GLU A 431 -11.32 3.78 -31.16
CA GLU A 431 -12.11 4.89 -31.67
C GLU A 431 -12.76 5.66 -30.53
N ASP A 432 -12.94 6.95 -30.74
CA ASP A 432 -13.61 7.78 -29.74
C ASP A 432 -15.10 7.50 -29.73
N VAL A 433 -15.66 7.33 -28.54
CA VAL A 433 -17.09 7.17 -28.35
C VAL A 433 -17.65 8.20 -27.38
N ALA A 434 -17.07 8.31 -26.20
CA ALA A 434 -17.50 9.31 -25.24
C ALA A 434 -17.11 10.71 -25.70
N PRO A 435 -17.91 11.72 -25.36
CA PRO A 435 -17.49 13.11 -25.67
C PRO A 435 -16.17 13.50 -25.03
N ILE A 436 -15.91 13.01 -23.81
CA ILE A 436 -14.65 13.30 -23.16
C ILE A 436 -13.50 12.70 -23.93
N GLU A 437 -13.73 11.57 -24.61
CA GLU A 437 -12.69 11.01 -25.46
C GLU A 437 -12.40 11.90 -26.66
N HIS A 438 -13.42 12.55 -27.21
CA HIS A 438 -13.17 13.48 -28.31
C HIS A 438 -12.43 14.72 -27.83
N ILE A 439 -12.79 15.24 -26.66
CA ILE A 439 -12.05 16.36 -26.09
C ILE A 439 -10.60 15.98 -25.82
N ALA A 440 -10.40 14.77 -25.29
CA ALA A 440 -9.05 14.27 -25.05
C ALA A 440 -8.27 14.12 -26.34
N SER A 441 -8.93 13.66 -27.41
CA SER A 441 -8.25 13.54 -28.70
C SER A 441 -7.85 14.90 -29.24
N MET A 442 -8.69 15.91 -29.08
CA MET A 442 -8.33 17.25 -29.53
C MET A 442 -7.12 17.77 -28.74
N ARG A 443 -7.17 17.65 -27.42
CA ARG A 443 -6.05 18.11 -26.60
C ARG A 443 -4.78 17.33 -26.92
N ARG A 444 -4.91 16.03 -27.16
CA ARG A 444 -3.78 15.20 -27.53
C ARG A 444 -3.22 15.57 -28.89
N ASN A 445 -4.09 16.02 -29.81
CA ASN A 445 -3.58 16.53 -31.08
C ASN A 445 -2.71 17.75 -30.86
N TYR A 446 -3.16 18.67 -30.01
CA TYR A 446 -2.33 19.83 -29.69
C TYR A 446 -1.01 19.39 -29.05
N PHE A 447 -1.08 18.48 -28.09
CA PHE A 447 0.12 18.02 -27.39
C PHE A 447 1.09 17.35 -28.34
N THR A 448 0.61 16.48 -29.22
CA THR A 448 1.46 15.78 -30.16
C THR A 448 2.07 16.74 -31.17
N ALA A 449 1.29 17.72 -31.63
CA ALA A 449 1.84 18.73 -32.52
C ALA A 449 2.97 19.49 -31.85
N GLU A 450 2.84 19.76 -30.56
CA GLU A 450 3.91 20.48 -29.87
C GLU A 450 5.13 19.60 -29.62
N VAL A 451 4.90 18.33 -29.27
CA VAL A 451 5.97 17.49 -28.75
C VAL A 451 6.70 16.70 -29.83
N SER A 452 6.06 16.42 -30.97
CA SER A 452 6.73 15.66 -32.02
C SER A 452 7.76 16.50 -32.77
N HIS A 453 7.67 17.81 -32.69
CA HIS A 453 8.57 18.72 -33.40
C HIS A 453 9.51 19.42 -32.44
N CYS A 454 9.99 18.71 -31.43
CA CYS A 454 10.94 19.23 -30.47
C CYS A 454 12.23 18.43 -30.54
N ARG A 455 13.36 19.12 -30.40
CA ARG A 455 14.65 18.45 -30.47
C ARG A 455 14.80 17.40 -29.37
N ALA A 456 14.21 17.65 -28.21
CA ALA A 456 14.25 16.66 -27.13
C ALA A 456 13.59 15.36 -27.54
N THR A 457 12.56 15.41 -28.39
CA THR A 457 11.95 14.18 -28.88
C THR A 457 12.90 13.41 -29.78
N GLU A 458 13.68 14.13 -30.60
CA GLU A 458 14.72 13.47 -31.38
C GLU A 458 15.73 12.79 -30.47
N TYR A 459 16.13 13.46 -29.39
CA TYR A 459 17.02 12.83 -28.43
C TYR A 459 16.39 11.60 -27.82
N ILE A 460 15.09 11.66 -27.50
CA ILE A 460 14.39 10.52 -26.94
C ILE A 460 14.47 9.33 -27.89
N MET A 461 14.13 9.56 -29.16
CA MET A 461 14.10 8.46 -30.11
C MET A 461 15.50 7.91 -30.38
N LYS A 462 16.48 8.80 -30.50
CA LYS A 462 17.86 8.37 -30.72
C LYS A 462 18.35 7.53 -29.55
N GLY A 463 18.10 7.98 -28.33
CA GLY A 463 18.54 7.23 -27.16
C GLY A 463 17.83 5.90 -27.02
N VAL A 464 16.52 5.87 -27.28
CA VAL A 464 15.78 4.62 -27.19
C VAL A 464 16.33 3.61 -28.20
N TYR A 465 16.56 4.05 -29.44
CA TYR A 465 17.11 3.15 -30.44
C TYR A 465 18.49 2.66 -30.05
N ILE A 466 19.36 3.56 -29.60
CA ILE A 466 20.73 3.19 -29.28
C ILE A 466 20.76 2.20 -28.12
N ASN A 467 20.01 2.48 -27.06
CA ASN A 467 20.00 1.61 -25.90
C ASN A 467 19.36 0.27 -26.21
N THR A 468 18.29 0.26 -27.02
CA THR A 468 17.67 -1.01 -27.41
C THR A 468 18.64 -1.86 -28.19
N ALA A 469 19.31 -1.27 -29.17
CA ALA A 469 20.28 -2.01 -29.97
C ALA A 469 21.42 -2.53 -29.10
N LEU A 470 21.92 -1.70 -28.19
CA LEU A 470 23.01 -2.10 -27.32
C LEU A 470 22.61 -3.27 -26.42
N LEU A 471 21.43 -3.18 -25.82
CA LEU A 471 21.00 -4.25 -24.91
C LEU A 471 20.74 -5.54 -25.67
N ASN A 472 20.09 -5.45 -26.83
CA ASN A 472 19.82 -6.66 -27.60
C ASN A 472 21.11 -7.32 -28.08
N ALA A 473 22.07 -6.51 -28.56
CA ALA A 473 23.35 -7.06 -28.96
C ALA A 473 24.09 -7.66 -27.77
N SER A 474 24.01 -6.99 -26.62
CA SER A 474 24.69 -7.46 -25.42
C SER A 474 24.18 -8.83 -25.01
N CYS A 475 22.87 -9.04 -25.05
CA CYS A 475 22.33 -10.34 -24.67
C CYS A 475 22.61 -11.38 -25.76
N ALA A 476 22.48 -10.98 -27.03
CA ALA A 476 22.58 -11.95 -28.12
C ALA A 476 24.02 -12.39 -28.36
N ALA A 477 24.97 -11.45 -28.33
CA ALA A 477 26.36 -11.73 -28.67
C ALA A 477 27.23 -11.33 -27.48
N MET A 478 27.39 -12.26 -26.53
CA MET A 478 28.17 -11.98 -25.33
C MET A 478 29.62 -11.68 -25.67
N ASP A 479 30.21 -12.46 -26.58
CA ASP A 479 31.65 -12.48 -26.77
C ASP A 479 32.06 -11.97 -28.16
N ASP A 480 31.31 -11.01 -28.71
CA ASP A 480 31.56 -10.53 -30.07
C ASP A 480 31.56 -9.02 -30.11
N PHE A 481 32.29 -8.47 -31.08
CA PHE A 481 32.32 -7.05 -31.35
C PHE A 481 31.33 -6.75 -32.47
N GLN A 482 30.17 -6.20 -32.12
CA GLN A 482 29.12 -5.95 -33.08
C GLN A 482 29.12 -4.50 -33.55
N LEU A 483 28.94 -4.31 -34.85
CA LEU A 483 28.83 -2.99 -35.43
C LEU A 483 27.36 -2.56 -35.41
N ILE A 484 27.08 -1.46 -34.74
CA ILE A 484 25.70 -0.99 -34.55
C ILE A 484 25.55 0.40 -35.14
N PRO A 485 24.89 0.56 -36.28
CA PRO A 485 24.64 1.90 -36.81
C PRO A 485 23.65 2.65 -35.95
N MET A 486 23.82 3.97 -35.91
CA MET A 486 22.95 4.86 -35.15
C MET A 486 21.91 5.43 -36.12
N ILE A 487 20.73 4.84 -36.10
CA ILE A 487 19.68 5.10 -37.10
C ILE A 487 18.48 5.71 -36.41
N SER A 488 17.90 6.74 -37.03
CA SER A 488 16.63 7.30 -36.59
C SER A 488 15.73 7.53 -37.79
N LYS A 489 14.43 7.52 -37.55
CA LYS A 489 13.43 7.76 -38.58
C LYS A 489 12.64 9.02 -38.24
N CYS A 490 12.33 9.81 -39.26
CA CYS A 490 11.54 11.02 -39.08
C CYS A 490 10.66 11.24 -40.30
N ARG A 491 9.65 12.08 -40.12
CA ARG A 491 8.81 12.55 -41.21
C ARG A 491 9.05 14.05 -41.38
N THR A 492 9.37 14.45 -42.61
CA THR A 492 9.67 15.85 -42.88
C THR A 492 8.41 16.69 -42.77
N LYS A 493 8.56 17.98 -43.04
CA LYS A 493 7.42 18.89 -43.02
C LYS A 493 6.39 18.52 -44.09
N GLU A 494 6.85 17.96 -45.21
CA GLU A 494 5.96 17.54 -46.28
C GLU A 494 5.48 16.10 -46.13
N GLY A 495 5.80 15.44 -45.02
CA GLY A 495 5.21 14.17 -44.69
C GLY A 495 5.93 12.95 -45.22
N ARG A 496 7.03 13.11 -45.93
CA ARG A 496 7.75 11.95 -46.46
C ARG A 496 8.69 11.39 -45.41
N ARG A 497 8.69 10.06 -45.29
CA ARG A 497 9.57 9.39 -44.34
C ARG A 497 11.03 9.62 -44.71
N LYS A 498 11.88 9.73 -43.70
CA LYS A 498 13.30 9.97 -43.90
C LYS A 498 14.09 9.19 -42.87
N THR A 499 15.12 8.49 -43.32
CA THR A 499 16.00 7.72 -42.45
C THR A 499 17.32 8.45 -42.28
N ASN A 500 17.76 8.61 -41.04
CA ASN A 500 18.96 9.37 -40.72
C ASN A 500 20.01 8.46 -40.09
N LEU A 501 21.27 8.71 -40.45
CA LEU A 501 22.41 8.01 -39.87
C LEU A 501 23.26 9.02 -39.12
N TYR A 502 23.42 8.81 -37.81
CA TYR A 502 24.26 9.68 -37.00
C TYR A 502 25.70 9.21 -36.93
N GLY A 503 25.93 7.92 -37.08
CA GLY A 503 27.24 7.36 -36.90
C GLY A 503 27.13 5.89 -36.54
N PHE A 504 28.20 5.37 -35.95
CA PHE A 504 28.30 3.94 -35.67
C PHE A 504 28.72 3.72 -34.23
N ILE A 505 28.35 2.55 -33.71
CA ILE A 505 28.74 2.10 -32.38
C ILE A 505 29.27 0.69 -32.51
N ILE A 506 30.43 0.43 -31.93
CA ILE A 506 30.99 -0.91 -31.83
C ILE A 506 30.85 -1.36 -30.39
N LYS A 507 30.19 -2.49 -30.19
CA LYS A 507 29.99 -3.04 -28.86
C LYS A 507 31.14 -3.97 -28.50
N GLY A 508 31.64 -3.84 -27.28
CA GLY A 508 32.60 -4.77 -26.75
C GLY A 508 31.90 -6.00 -26.20
N ARG A 509 32.67 -6.79 -25.45
N ARG A 509 32.66 -6.80 -25.45
CA ARG A 509 32.08 -7.96 -24.80
CA ARG A 509 32.08 -7.97 -24.81
C ARG A 509 31.07 -7.52 -23.75
C ARG A 509 31.09 -7.55 -23.73
N SER A 510 30.07 -8.36 -23.53
CA SER A 510 28.95 -8.03 -22.65
C SER A 510 28.62 -9.18 -21.72
N HIS A 511 29.63 -9.79 -21.11
CA HIS A 511 29.40 -10.82 -20.09
C HIS A 511 29.00 -10.13 -18.78
N LEU A 512 27.77 -9.62 -18.77
CA LEU A 512 27.29 -8.76 -17.70
C LEU A 512 26.58 -9.59 -16.64
N ARG A 513 27.16 -9.63 -15.44
CA ARG A 513 26.57 -10.37 -14.33
C ARG A 513 25.67 -9.48 -13.48
N ASN A 514 26.19 -8.35 -13.01
CA ASN A 514 25.41 -7.43 -12.20
C ASN A 514 24.68 -6.43 -13.09
N ASP A 515 23.75 -5.70 -12.49
CA ASP A 515 23.07 -4.64 -13.20
C ASP A 515 23.97 -3.43 -13.42
N THR A 516 25.09 -3.34 -12.71
CA THR A 516 26.03 -2.23 -12.86
C THR A 516 27.26 -2.61 -13.66
N ASP A 517 27.38 -3.87 -14.09
CA ASP A 517 28.50 -4.27 -14.91
C ASP A 517 28.53 -3.46 -16.20
N VAL A 518 29.73 -3.07 -16.61
CA VAL A 518 29.93 -2.14 -17.71
C VAL A 518 30.25 -2.92 -18.97
N VAL A 519 29.59 -2.55 -20.07
CA VAL A 519 29.96 -2.99 -21.41
C VAL A 519 30.58 -1.81 -22.13
N ASN A 520 31.80 -2.00 -22.62
CA ASN A 520 32.51 -0.95 -23.33
C ASN A 520 32.03 -0.86 -24.77
N PHE A 521 31.83 0.35 -25.25
CA PHE A 521 31.53 0.55 -26.66
C PHE A 521 32.27 1.77 -27.17
N VAL A 522 32.52 1.78 -28.48
CA VAL A 522 33.18 2.89 -29.16
C VAL A 522 32.14 3.59 -30.02
N SER A 523 32.03 4.91 -29.86
CA SER A 523 31.02 5.70 -30.54
C SER A 523 31.71 6.57 -31.59
N MET A 524 31.37 6.36 -32.85
CA MET A 524 31.87 7.15 -33.96
C MET A 524 30.69 7.92 -34.54
N GLU A 525 30.71 9.24 -34.41
CA GLU A 525 29.56 10.06 -34.76
C GLU A 525 29.99 11.23 -35.63
N PHE A 526 29.22 11.48 -36.69
CA PHE A 526 29.49 12.60 -37.57
C PHE A 526 29.09 13.92 -36.91
N SER A 527 29.81 14.98 -37.25
CA SER A 527 29.49 16.30 -36.73
C SER A 527 30.11 17.35 -37.64
N LEU A 528 29.57 18.56 -37.54
CA LEU A 528 30.12 19.73 -38.20
C LEU A 528 30.70 20.72 -37.22
N THR A 529 30.76 20.38 -35.94
CA THR A 529 31.27 21.27 -34.91
C THR A 529 32.78 21.09 -34.79
N ASP A 530 33.51 22.19 -34.92
CA ASP A 530 34.96 22.15 -34.78
C ASP A 530 35.32 21.87 -33.33
N PRO A 531 36.05 20.79 -33.03
CA PRO A 531 36.36 20.48 -31.63
C PRO A 531 37.28 21.50 -30.98
N ARG A 532 37.95 22.34 -31.75
CA ARG A 532 38.92 23.28 -31.25
C ARG A 532 38.31 24.59 -30.77
N LEU A 533 36.99 24.74 -30.88
CA LEU A 533 36.35 25.96 -30.39
C LEU A 533 36.07 25.87 -28.89
N GLU A 534 35.67 24.69 -28.41
CA GLU A 534 35.49 24.43 -26.98
C GLU A 534 36.21 23.14 -26.64
N PRO A 535 37.54 23.18 -26.59
CA PRO A 535 38.31 21.94 -26.38
C PRO A 535 38.01 21.24 -25.07
N HIS A 536 37.68 21.99 -24.01
CA HIS A 536 37.42 21.37 -22.71
C HIS A 536 36.19 20.48 -22.73
N LYS A 537 35.28 20.69 -23.68
CA LYS A 537 34.06 19.89 -23.73
C LYS A 537 34.32 18.49 -24.25
N TRP A 538 35.35 18.32 -25.09
CA TRP A 538 35.60 17.07 -25.79
C TRP A 538 36.82 16.34 -25.27
N GLU A 539 37.07 16.45 -23.96
CA GLU A 539 38.27 15.83 -23.39
C GLU A 539 38.26 14.32 -23.53
N LYS A 540 37.08 13.71 -23.60
CA LYS A 540 36.98 12.26 -23.72
C LYS A 540 37.03 11.78 -25.16
N TYR A 541 37.02 12.68 -26.14
CA TYR A 541 36.88 12.31 -27.54
C TYR A 541 38.20 12.45 -28.28
N CYS A 542 38.36 11.63 -29.31
CA CYS A 542 39.37 11.81 -30.34
C CYS A 542 38.63 12.17 -31.62
N VAL A 543 38.79 13.40 -32.08
CA VAL A 543 38.02 13.92 -33.21
C VAL A 543 38.87 13.85 -34.46
N LEU A 544 38.35 13.18 -35.48
CA LEU A 544 38.98 13.10 -36.79
C LEU A 544 38.34 14.09 -37.74
N GLU A 545 38.93 14.21 -38.92
CA GLU A 545 38.34 14.97 -40.03
C GLU A 545 38.24 14.02 -41.22
N ILE A 546 37.02 13.64 -41.58
CA ILE A 546 36.79 12.57 -42.53
C ILE A 546 36.27 13.05 -43.87
N GLY A 547 35.96 14.33 -44.02
CA GLY A 547 35.44 14.79 -45.29
C GLY A 547 35.19 16.28 -45.29
N ASP A 548 34.69 16.75 -46.43
CA ASP A 548 34.28 18.15 -46.63
C ASP A 548 32.86 18.15 -47.15
N MET A 549 31.92 18.54 -46.29
CA MET A 549 30.51 18.56 -46.66
C MET A 549 30.14 19.92 -47.24
N LEU A 550 29.35 19.90 -48.32
CA LEU A 550 28.94 21.11 -49.00
C LEU A 550 27.57 21.54 -48.47
N LEU A 551 27.56 22.64 -47.72
CA LEU A 551 26.33 23.25 -47.24
C LEU A 551 26.01 24.50 -48.04
N ARG A 552 24.75 24.93 -47.97
CA ARG A 552 24.30 26.16 -48.61
C ARG A 552 23.62 27.02 -47.55
N THR A 553 24.09 28.25 -47.39
CA THR A 553 23.48 29.14 -46.40
C THR A 553 22.23 29.79 -46.97
N ALA A 554 22.38 30.68 -47.96
CA ALA A 554 21.24 31.27 -48.65
C ALA A 554 21.21 30.88 -50.13
N VAL A 555 22.27 31.17 -50.88
CA VAL A 555 22.30 30.86 -52.30
C VAL A 555 23.55 30.10 -52.72
N GLY A 556 24.67 30.23 -52.02
CA GLY A 556 25.92 29.64 -52.46
C GLY A 556 26.29 28.40 -51.67
N GLN A 557 27.08 27.53 -52.30
CA GLN A 557 27.54 26.31 -51.66
C GLN A 557 28.78 26.59 -50.83
N VAL A 558 28.70 26.25 -49.54
CA VAL A 558 29.79 26.48 -48.59
C VAL A 558 30.40 25.13 -48.23
N SER A 559 31.72 25.07 -48.21
CA SER A 559 32.46 23.86 -47.87
C SER A 559 32.88 23.94 -46.41
N ARG A 560 32.47 22.94 -45.63
CA ARG A 560 32.84 22.84 -44.23
C ARG A 560 33.41 21.46 -43.94
N PRO A 561 34.35 21.36 -43.01
CA PRO A 561 34.89 20.05 -42.64
C PRO A 561 33.82 19.20 -41.95
N MET A 562 33.92 17.90 -42.17
CA MET A 562 33.04 16.92 -41.55
C MET A 562 33.86 16.13 -40.55
N PHE A 563 33.54 16.26 -39.27
CA PHE A 563 34.32 15.65 -38.20
C PHE A 563 33.67 14.36 -37.74
N LEU A 564 34.49 13.48 -37.18
CA LEU A 564 34.03 12.24 -36.58
C LEU A 564 34.47 12.24 -35.12
N TYR A 565 33.51 12.35 -34.22
CA TYR A 565 33.79 12.36 -32.78
C TYR A 565 33.84 10.92 -32.28
N VAL A 566 35.05 10.41 -32.10
CA VAL A 566 35.27 9.03 -31.68
C VAL A 566 35.69 9.03 -30.22
N ARG A 567 35.04 8.20 -29.42
CA ARG A 567 35.41 8.06 -28.02
C ARG A 567 35.07 6.66 -27.55
N THR A 568 35.72 6.24 -26.48
CA THR A 568 35.34 5.02 -25.77
C THR A 568 34.35 5.40 -24.68
N ASN A 569 33.26 4.65 -24.59
CA ASN A 569 32.24 4.90 -23.59
C ASN A 569 31.77 3.57 -23.04
N GLY A 570 30.94 3.64 -22.01
CA GLY A 570 30.44 2.43 -21.38
C GLY A 570 29.06 2.67 -20.81
N THR A 571 28.36 1.57 -20.56
CA THR A 571 27.03 1.61 -19.97
C THR A 571 26.76 0.26 -19.32
N SER A 572 25.69 0.20 -18.54
CA SER A 572 25.32 -1.00 -17.82
C SER A 572 23.90 -1.42 -18.23
N LYS A 573 23.50 -2.59 -17.73
CA LYS A 573 22.16 -3.09 -18.04
C LYS A 573 21.08 -2.16 -17.50
N ILE A 574 21.27 -1.63 -16.29
CA ILE A 574 20.28 -0.73 -15.74
C ILE A 574 20.22 0.57 -16.52
N LYS A 575 21.38 1.10 -16.91
CA LYS A 575 21.42 2.31 -17.73
C LYS A 575 20.79 2.07 -19.09
N MET A 576 21.06 0.92 -19.71
CA MET A 576 20.47 0.62 -21.00
C MET A 576 18.96 0.47 -20.89
N LYS A 577 18.48 -0.16 -19.82
CA LYS A 577 17.04 -0.29 -19.62
C LYS A 577 16.37 1.07 -19.45
N TRP A 578 16.97 1.94 -18.64
CA TRP A 578 16.39 3.26 -18.45
C TRP A 578 16.56 4.15 -19.67
N GLY A 579 17.49 3.84 -20.56
CA GLY A 579 17.57 4.53 -21.83
C GLY A 579 16.51 4.05 -22.80
N MET A 580 16.23 2.75 -22.78
CA MET A 580 15.15 2.20 -23.59
C MET A 580 13.80 2.75 -23.15
N GLU A 581 13.64 3.04 -21.85
CA GLU A 581 12.40 3.58 -21.33
C GLU A 581 12.38 5.10 -21.32
N MET A 582 13.09 5.74 -22.23
CA MET A 582 13.23 7.20 -22.22
C MET A 582 11.96 7.91 -22.68
N ARG A 583 10.94 7.20 -23.16
CA ARG A 583 9.74 7.85 -23.65
C ARG A 583 8.80 8.32 -22.53
N ARG A 584 9.14 8.05 -21.26
CA ARG A 584 8.36 8.59 -20.16
C ARG A 584 8.55 10.09 -19.97
N CYS A 585 9.57 10.68 -20.60
CA CYS A 585 9.75 12.13 -20.49
C CYS A 585 8.57 12.86 -21.09
N LEU A 586 8.00 12.31 -22.16
CA LEU A 586 6.78 12.86 -22.74
C LEU A 586 5.67 12.91 -21.70
N LEU A 587 5.48 11.81 -20.97
CA LEU A 587 4.44 11.79 -19.94
C LEU A 587 4.74 12.81 -18.84
N GLN A 588 6.00 12.90 -18.42
CA GLN A 588 6.32 13.80 -17.32
C GLN A 588 6.05 15.25 -17.71
N SER A 589 6.37 15.63 -18.94
CA SER A 589 6.10 17.01 -19.36
C SER A 589 4.61 17.24 -19.58
N LEU A 590 3.94 16.31 -20.27
CA LEU A 590 2.56 16.54 -20.68
C LEU A 590 1.60 16.47 -19.50
N GLN A 591 1.88 15.64 -18.50
CA GLN A 591 1.01 15.61 -17.34
C GLN A 591 1.00 16.96 -16.63
N GLN A 592 2.17 17.57 -16.48
CA GLN A 592 2.24 18.88 -15.85
C GLN A 592 1.55 19.94 -16.70
N ILE A 593 1.76 19.89 -18.03
CA ILE A 593 1.13 20.87 -18.90
C ILE A 593 -0.39 20.76 -18.82
N GLU A 594 -0.92 19.53 -18.90
CA GLU A 594 -2.36 19.35 -18.82
C GLU A 594 -2.89 19.67 -17.43
N SER A 595 -2.09 19.46 -16.39
CA SER A 595 -2.49 19.87 -15.05
C SER A 595 -2.69 21.37 -15.00
N MET A 596 -1.78 22.14 -15.58
CA MET A 596 -1.94 23.59 -15.62
C MET A 596 -3.19 23.98 -16.42
N ILE A 597 -3.39 23.34 -17.58
CA ILE A 597 -4.54 23.65 -18.41
C ILE A 597 -5.84 23.38 -17.66
N GLU A 598 -5.94 22.23 -17.02
CA GLU A 598 -7.15 21.87 -16.30
C GLU A 598 -7.33 22.72 -15.04
N ALA A 599 -6.24 23.14 -14.41
CA ALA A 599 -6.35 24.05 -13.27
C ALA A 599 -6.97 25.37 -13.69
N GLU A 600 -6.59 25.88 -14.86
CA GLU A 600 -7.23 27.11 -15.34
C GLU A 600 -8.67 26.86 -15.79
N SER A 601 -8.92 25.71 -16.42
CA SER A 601 -10.26 25.38 -16.88
C SER A 601 -11.24 25.24 -15.73
N SER A 602 -10.77 24.75 -14.58
CA SER A 602 -11.66 24.56 -13.44
C SER A 602 -12.27 25.87 -12.97
N VAL A 603 -11.45 26.92 -12.88
CA VAL A 603 -11.99 28.21 -12.47
C VAL A 603 -12.68 28.93 -13.62
N LYS A 604 -12.30 28.63 -14.87
CA LYS A 604 -13.00 29.23 -15.99
C LYS A 604 -14.24 28.45 -16.43
N GLU A 605 -14.44 27.24 -15.91
CA GLU A 605 -15.63 26.43 -16.20
C GLU A 605 -15.80 26.15 -17.68
N LYS A 606 -14.69 26.07 -18.42
CA LYS A 606 -14.72 25.70 -19.83
C LYS A 606 -13.34 25.23 -20.23
N ASP A 607 -13.29 24.46 -21.32
CA ASP A 607 -12.01 23.97 -21.81
C ASP A 607 -11.20 25.13 -22.38
N LEU A 608 -9.93 25.22 -21.97
CA LEU A 608 -9.05 26.29 -22.41
C LEU A 608 -7.86 25.77 -23.23
N THR A 609 -7.94 24.53 -23.70
CA THR A 609 -6.84 23.98 -24.49
C THR A 609 -6.60 24.80 -25.75
N LYS A 610 -7.67 25.04 -26.52
CA LYS A 610 -7.54 25.82 -27.75
C LYS A 610 -7.13 27.26 -27.45
N GLU A 611 -7.67 27.84 -26.38
CA GLU A 611 -7.31 29.21 -26.03
C GLU A 611 -5.84 29.31 -25.66
N PHE A 612 -5.33 28.34 -24.91
CA PHE A 612 -3.91 28.35 -24.55
C PHE A 612 -3.02 28.13 -25.76
N PHE A 613 -3.33 27.11 -26.57
CA PHE A 613 -2.41 26.72 -27.65
C PHE A 613 -2.48 27.64 -28.85
N GLU A 614 -3.63 28.27 -29.10
CA GLU A 614 -3.78 29.10 -30.30
C GLU A 614 -3.75 30.59 -30.01
N ASN A 615 -4.57 31.06 -29.07
CA ASN A 615 -4.57 32.48 -28.74
C ASN A 615 -3.27 32.90 -28.07
N LYS A 616 -2.63 31.98 -27.35
CA LYS A 616 -1.37 32.26 -26.65
C LYS A 616 -1.48 33.49 -25.77
N SER A 617 -2.58 33.56 -25.01
CA SER A 617 -2.80 34.71 -24.14
C SER A 617 -2.12 34.53 -22.80
N GLU A 618 -2.10 33.31 -22.27
CA GLU A 618 -1.52 33.04 -20.96
C GLU A 618 -0.09 32.56 -21.14
N THR A 619 0.84 33.22 -20.45
CA THR A 619 2.26 32.93 -20.57
C THR A 619 2.85 32.68 -19.19
N TRP A 620 3.94 31.91 -19.16
CA TRP A 620 4.63 31.57 -17.93
C TRP A 620 6.10 31.93 -18.04
N PRO A 621 6.70 32.47 -16.99
CA PRO A 621 8.14 32.75 -17.00
C PRO A 621 8.94 31.47 -17.16
N ILE A 622 9.76 31.40 -18.20
CA ILE A 622 10.40 30.14 -18.57
C ILE A 622 11.89 30.35 -18.80
N GLY A 623 12.33 31.60 -18.86
CA GLY A 623 13.73 31.87 -19.13
C GLY A 623 14.10 33.29 -18.75
N GLU A 624 15.36 33.62 -18.97
CA GLU A 624 15.88 34.94 -18.63
C GLU A 624 16.74 35.46 -19.76
N SER A 625 16.67 36.77 -19.96
CA SER A 625 17.46 37.50 -20.94
C SER A 625 18.18 38.63 -20.24
N PRO A 626 19.07 39.35 -20.94
CA PRO A 626 19.66 40.55 -20.33
C PRO A 626 18.63 41.58 -19.90
N LYS A 627 17.49 41.66 -20.60
CA LYS A 627 16.42 42.54 -20.15
C LYS A 627 15.84 42.07 -18.82
N GLY A 628 15.58 40.78 -18.69
CA GLY A 628 14.98 40.24 -17.48
C GLY A 628 14.34 38.89 -17.75
N VAL A 629 13.33 38.58 -16.95
CA VAL A 629 12.62 37.32 -17.10
C VAL A 629 11.77 37.36 -18.36
N GLU A 630 11.82 36.27 -19.14
CA GLU A 630 11.03 36.14 -20.36
C GLU A 630 9.98 35.06 -20.16
N GLU A 631 8.77 35.32 -20.63
CA GLU A 631 7.65 34.41 -20.48
C GLU A 631 7.31 33.78 -21.82
N GLY A 632 6.99 32.49 -21.79
CA GLY A 632 6.67 31.74 -22.99
C GLY A 632 5.26 31.19 -22.94
N SER A 633 4.79 30.74 -24.11
CA SER A 633 3.45 30.20 -24.23
C SER A 633 3.40 28.80 -23.65
N ILE A 634 2.21 28.20 -23.69
CA ILE A 634 2.02 26.86 -23.11
C ILE A 634 2.86 25.85 -23.86
N GLY A 635 2.98 26.00 -25.18
CA GLY A 635 3.81 25.08 -25.94
C GLY A 635 5.29 25.23 -25.63
N LYS A 636 5.75 26.47 -25.42
CA LYS A 636 7.13 26.68 -25.01
C LYS A 636 7.41 26.01 -23.67
N VAL A 637 6.49 26.17 -22.72
CA VAL A 637 6.64 25.52 -21.41
C VAL A 637 6.65 24.01 -21.57
N CYS A 638 5.81 23.48 -22.46
CA CYS A 638 5.78 22.04 -22.67
C CYS A 638 7.11 21.53 -23.20
N ARG A 639 7.67 22.24 -24.19
CA ARG A 639 8.95 21.84 -24.75
C ARG A 639 10.07 21.97 -23.71
N THR A 640 10.02 23.02 -22.88
CA THR A 640 11.04 23.20 -21.85
C THR A 640 10.99 22.07 -20.81
N LEU A 641 9.80 21.72 -20.35
CA LEU A 641 9.67 20.63 -19.39
C LEU A 641 10.08 19.31 -20.01
N LEU A 642 9.76 19.10 -21.30
CA LEU A 642 10.19 17.89 -21.98
C LEU A 642 11.71 17.83 -22.04
N ALA A 643 12.35 18.94 -22.39
CA ALA A 643 13.81 18.95 -22.47
C ALA A 643 14.43 18.71 -21.10
N LYS A 644 13.85 19.28 -20.05
CA LYS A 644 14.35 19.05 -18.71
C LYS A 644 14.27 17.57 -18.33
N SER A 645 13.13 16.94 -18.62
CA SER A 645 13.00 15.51 -18.33
C SER A 645 13.98 14.68 -19.15
N VAL A 646 14.16 15.03 -20.42
CA VAL A 646 15.07 14.29 -21.28
C VAL A 646 16.50 14.42 -20.77
N PHE A 647 16.90 15.62 -20.35
CA PHE A 647 18.24 15.80 -19.81
C PHE A 647 18.41 15.10 -18.47
N ASN A 648 17.36 15.03 -17.66
CA ASN A 648 17.41 14.21 -16.46
C ASN A 648 17.66 12.76 -16.82
N SER A 649 17.11 12.31 -17.95
CA SER A 649 17.34 10.94 -18.38
C SER A 649 18.75 10.75 -18.95
N LEU A 650 19.23 11.71 -19.72
CA LEU A 650 20.53 11.59 -20.37
C LEU A 650 21.68 11.79 -19.41
N TYR A 651 21.51 12.64 -18.40
CA TYR A 651 22.55 12.96 -17.44
C TYR A 651 22.18 12.48 -16.04
N ALA A 652 21.63 11.27 -15.94
CA ALA A 652 21.27 10.72 -14.65
C ALA A 652 22.52 10.39 -13.84
N SER A 653 22.54 10.86 -12.60
CA SER A 653 23.70 10.67 -11.73
C SER A 653 23.24 10.80 -10.30
N PRO A 654 23.97 10.20 -9.34
CA PRO A 654 23.64 10.42 -7.93
C PRO A 654 23.70 11.89 -7.52
N GLN A 655 24.57 12.68 -8.14
CA GLN A 655 24.64 14.10 -7.83
C GLN A 655 23.32 14.79 -8.15
N LEU A 656 22.71 14.45 -9.28
CA LEU A 656 21.41 15.03 -9.64
C LEU A 656 20.34 14.65 -8.63
N GLU A 657 20.30 13.38 -8.23
CA GLU A 657 19.30 12.94 -7.26
C GLU A 657 19.45 13.67 -5.94
N GLY A 658 20.69 13.73 -5.43
CA GLY A 658 20.92 14.43 -4.18
C GLY A 658 20.57 15.90 -4.27
N PHE A 659 20.97 16.57 -5.36
CA PHE A 659 20.67 17.98 -5.49
C PHE A 659 19.17 18.23 -5.57
N SER A 660 18.44 17.41 -6.33
CA SER A 660 17.00 17.59 -6.44
C SER A 660 16.34 17.43 -5.09
N ALA A 661 16.66 16.34 -4.38
CA ALA A 661 16.02 16.09 -3.10
C ALA A 661 16.34 17.18 -2.09
N GLU A 662 17.59 17.64 -2.07
CA GLU A 662 17.98 18.63 -1.07
C GLU A 662 17.51 20.03 -1.41
N SER A 663 17.44 20.39 -2.68
CA SER A 663 16.99 21.72 -3.07
C SER A 663 15.47 21.83 -3.11
N ARG A 664 14.75 20.71 -3.10
CA ARG A 664 13.30 20.77 -2.97
C ARG A 664 12.90 21.44 -1.67
N LYS A 665 13.61 21.15 -0.58
CA LYS A 665 13.32 21.77 0.71
C LYS A 665 13.51 23.29 0.65
N LEU A 666 14.59 23.74 0.03
CA LEU A 666 14.83 25.17 -0.08
C LEU A 666 13.78 25.84 -0.97
N LEU A 667 13.35 25.15 -2.02
CA LEU A 667 12.25 25.65 -2.84
C LEU A 667 10.99 25.81 -2.02
N LEU A 668 10.68 24.81 -1.18
CA LEU A 668 9.49 24.88 -0.34
C LEU A 668 9.59 26.04 0.66
N ILE A 669 10.78 26.25 1.22
CA ILE A 669 10.97 27.36 2.16
C ILE A 669 10.77 28.70 1.45
N VAL A 670 11.32 28.84 0.25
CA VAL A 670 11.15 30.09 -0.50
C VAL A 670 9.68 30.30 -0.84
N GLN A 671 8.99 29.22 -1.21
CA GLN A 671 7.56 29.32 -1.51
C GLN A 671 6.78 29.77 -0.28
N ALA A 672 7.10 29.20 0.89
CA ALA A 672 6.46 29.63 2.12
C ALA A 672 6.73 31.10 2.40
N LEU A 673 7.93 31.57 2.07
CA LEU A 673 8.22 32.99 2.22
C LEU A 673 7.36 33.84 1.27
N ARG A 674 7.19 33.37 0.03
CA ARG A 674 6.38 34.10 -0.93
C ARG A 674 4.89 34.07 -0.58
N ASP A 675 4.45 33.08 0.18
CA ASP A 675 3.06 32.98 0.61
C ASP A 675 2.78 33.79 1.86
N ASN A 676 3.77 34.52 2.38
CA ASN A 676 3.64 35.26 3.64
C ASN A 676 3.26 34.32 4.79
N LEU A 677 3.93 33.17 4.84
CA LEU A 677 3.76 32.21 5.92
C LEU A 677 4.84 32.32 6.98
N GLU A 678 5.66 33.37 6.93
CA GLU A 678 6.71 33.62 7.91
C GLU A 678 7.58 32.39 8.16
N PRO A 679 8.27 31.88 7.13
CA PRO A 679 9.05 30.66 7.31
C PRO A 679 10.23 30.88 8.24
N GLY A 680 10.59 29.82 8.95
CA GLY A 680 11.72 29.86 9.85
C GLY A 680 12.55 28.60 9.76
N THR A 681 13.86 28.73 9.77
CA THR A 681 14.76 27.59 9.72
C THR A 681 15.44 27.43 11.07
N PHE A 682 16.20 26.34 11.19
CA PHE A 682 17.00 26.07 12.37
C PHE A 682 18.48 25.99 12.07
N ASP A 683 18.87 25.32 10.99
CA ASP A 683 20.26 25.15 10.61
C ASP A 683 20.41 25.37 9.10
N LEU A 684 19.92 26.52 8.62
CA LEU A 684 19.90 26.79 7.19
C LEU A 684 21.26 26.56 6.53
N GLU A 685 22.35 26.89 7.24
CA GLU A 685 23.67 26.61 6.71
C GLU A 685 23.90 25.12 6.54
N GLY A 686 23.35 24.30 7.43
CA GLY A 686 23.43 22.86 7.24
C GLY A 686 22.69 22.41 5.99
N LEU A 687 21.54 23.02 5.71
CA LEU A 687 20.82 22.71 4.49
C LEU A 687 21.63 23.10 3.26
N TYR A 688 22.27 24.27 3.30
CA TYR A 688 23.11 24.69 2.18
C TYR A 688 24.28 23.75 1.98
N GLU A 689 24.90 23.30 3.08
CA GLU A 689 26.00 22.34 2.97
C GLU A 689 25.52 21.02 2.37
N ALA A 690 24.34 20.56 2.79
CA ALA A 690 23.79 19.33 2.24
C ALA A 690 23.51 19.47 0.74
N ILE A 691 23.02 20.64 0.31
CA ILE A 691 22.77 20.85 -1.11
C ILE A 691 24.09 20.90 -1.88
N GLU A 692 25.06 21.66 -1.39
CA GLU A 692 26.32 21.84 -2.09
C GLU A 692 27.21 20.61 -2.05
N GLU A 693 26.93 19.65 -1.16
CA GLU A 693 27.69 18.41 -1.18
C GLU A 693 27.49 17.64 -2.49
N CYS A 694 26.38 17.87 -3.18
CA CYS A 694 26.06 17.14 -4.40
C CYS A 694 26.56 17.82 -5.66
N LEU A 695 27.08 19.04 -5.57
CA LEU A 695 27.59 19.76 -6.73
C LEU A 695 29.07 19.46 -6.87
N ILE A 696 29.41 18.46 -7.68
CA ILE A 696 30.81 18.06 -7.79
C ILE A 696 31.35 18.28 -9.19
N ASN A 697 30.87 17.48 -10.15
CA ASN A 697 31.42 17.58 -11.50
C ASN A 697 30.41 17.38 -12.62
N ASP A 698 29.13 17.18 -12.33
CA ASP A 698 28.16 16.86 -13.37
C ASP A 698 27.65 18.13 -14.02
N PRO A 699 27.80 18.29 -15.33
CA PRO A 699 27.36 19.56 -15.96
C PRO A 699 25.89 19.84 -15.77
N TRP A 700 25.06 18.80 -15.81
CA TRP A 700 23.62 18.99 -15.67
C TRP A 700 23.28 19.51 -14.27
N VAL A 701 23.91 18.94 -13.24
CA VAL A 701 23.64 19.38 -11.87
C VAL A 701 24.16 20.80 -11.65
N LEU A 702 25.32 21.13 -12.23
CA LEU A 702 25.84 22.48 -12.08
C LEU A 702 24.94 23.50 -12.78
N LEU A 703 24.40 23.14 -13.95
CA LEU A 703 23.44 24.01 -14.62
C LEU A 703 22.19 24.17 -13.78
N ASN A 704 21.71 23.09 -13.18
CA ASN A 704 20.55 23.18 -12.29
C ASN A 704 20.82 24.09 -11.10
N ALA A 705 22.04 24.04 -10.57
CA ALA A 705 22.40 24.93 -9.47
C ALA A 705 22.41 26.39 -9.91
N SER A 706 22.93 26.66 -11.11
CA SER A 706 22.88 28.03 -11.62
C SER A 706 21.44 28.50 -11.81
N TRP A 707 20.58 27.61 -12.31
CA TRP A 707 19.17 27.93 -12.43
C TRP A 707 18.55 28.23 -11.08
N PHE A 708 18.92 27.46 -10.06
CA PHE A 708 18.41 27.71 -8.71
C PHE A 708 18.86 29.07 -8.20
N ASN A 709 20.12 29.45 -8.47
CA ASN A 709 20.59 30.76 -8.06
C ASN A 709 19.80 31.87 -8.75
N SER A 710 19.55 31.70 -10.05
CA SER A 710 18.74 32.69 -10.77
C SER A 710 17.32 32.76 -10.20
N PHE A 711 16.75 31.61 -9.87
CA PHE A 711 15.42 31.58 -9.27
C PHE A 711 15.41 32.31 -7.93
N LEU A 712 16.44 32.10 -7.11
CA LEU A 712 16.53 32.83 -5.85
C LEU A 712 16.61 34.33 -6.10
N THR A 713 17.40 34.74 -7.10
CA THR A 713 17.53 36.16 -7.39
C THR A 713 16.19 36.76 -7.80
N HIS A 714 15.42 36.04 -8.61
CA HIS A 714 14.17 36.60 -9.11
C HIS A 714 13.02 36.48 -8.11
N ALA A 715 13.03 35.47 -7.25
CA ALA A 715 11.91 35.15 -6.38
C ALA A 715 11.90 35.94 -5.08
N LEU A 716 12.91 36.77 -4.83
CA LEU A 716 13.02 37.47 -3.57
C LEU A 716 13.15 38.99 -3.75
N ARG A 717 12.95 39.50 -4.96
CA ARG A 717 13.02 40.94 -5.18
C ARG A 717 11.63 41.54 -5.28
N MET B 1 17.88 34.01 -25.56
CA MET B 1 17.20 33.80 -24.29
C MET B 1 17.58 32.44 -23.70
N ASP B 2 18.15 32.46 -22.50
CA ASP B 2 18.54 31.23 -21.83
C ASP B 2 17.35 30.61 -21.13
N VAL B 3 17.10 29.34 -21.41
CA VAL B 3 15.92 28.65 -20.91
C VAL B 3 16.18 28.24 -19.46
N ASN B 4 15.31 28.67 -18.55
CA ASN B 4 15.43 28.39 -17.12
C ASN B 4 14.12 27.75 -16.65
N PRO B 5 14.04 26.42 -16.64
CA PRO B 5 12.81 25.77 -16.18
C PRO B 5 12.44 26.11 -14.76
N THR B 6 13.42 26.38 -13.90
CA THR B 6 13.14 26.67 -12.50
C THR B 6 12.33 27.95 -12.34
N LEU B 7 12.41 28.87 -13.30
CA LEU B 7 11.64 30.11 -13.21
C LEU B 7 10.13 29.87 -13.32
N LEU B 8 9.72 28.67 -13.70
CA LEU B 8 8.30 28.35 -13.73
C LEU B 8 7.66 28.50 -12.35
N PHE B 9 8.43 28.30 -11.28
CA PHE B 9 7.90 28.43 -9.94
C PHE B 9 7.60 29.87 -9.56
N LEU B 10 8.07 30.84 -10.33
CA LEU B 10 7.72 32.25 -10.05
C LEU B 10 6.24 32.51 -10.22
N LYS B 11 5.54 31.71 -11.01
CA LYS B 11 4.10 31.85 -11.21
C LYS B 11 3.31 30.64 -10.72
N VAL B 12 3.83 29.44 -10.91
CA VAL B 12 3.19 28.22 -10.43
C VAL B 12 3.73 27.92 -9.04
N PRO B 13 2.88 27.79 -8.01
CA PRO B 13 3.38 27.43 -6.69
C PRO B 13 4.10 26.10 -6.72
N VAL B 14 5.13 25.98 -5.87
CA VAL B 14 6.03 24.84 -5.93
C VAL B 14 5.28 23.53 -5.72
N GLN B 15 4.29 23.53 -4.82
CA GLN B 15 3.53 22.30 -4.60
C GLN B 15 2.73 21.90 -5.83
N ASN B 16 2.28 22.86 -6.64
CA ASN B 16 1.49 22.57 -7.82
C ASN B 16 2.33 22.13 -9.00
N ALA B 17 3.65 22.27 -8.93
CA ALA B 17 4.56 21.76 -9.94
C ALA B 17 5.63 20.89 -9.30
N ILE B 18 5.31 20.28 -8.16
CA ILE B 18 6.29 19.48 -7.43
C ILE B 18 6.75 18.28 -8.24
N SER B 19 5.97 17.86 -9.25
CA SER B 19 6.39 16.75 -10.09
C SER B 19 7.65 17.11 -10.89
N THR B 20 7.86 18.39 -11.16
CA THR B 20 9.02 18.83 -11.92
C THR B 20 10.32 18.65 -11.14
N THR B 21 10.25 18.53 -9.82
CA THR B 21 11.44 18.42 -8.99
C THR B 21 11.89 16.99 -8.75
N PHE B 22 11.22 16.00 -9.36
CA PHE B 22 11.61 14.61 -9.21
C PHE B 22 12.16 14.08 -10.53
N PRO B 23 13.48 13.96 -10.67
CA PRO B 23 14.08 13.52 -11.94
C PRO B 23 14.07 12.01 -12.09
N TYR B 24 12.88 11.42 -12.08
CA TYR B 24 12.74 9.97 -12.03
C TYR B 24 12.62 9.35 -13.41
N THR B 25 13.16 9.99 -14.45
CA THR B 25 13.23 9.39 -15.77
C THR B 25 14.57 8.73 -16.06
N GLY B 26 15.62 9.11 -15.34
CA GLY B 26 16.90 8.45 -15.47
C GLY B 26 17.05 7.29 -14.50
N ASP B 27 18.12 6.53 -14.70
CA ASP B 27 18.35 5.38 -13.83
C ASP B 27 18.72 5.85 -12.43
N PRO B 28 18.27 5.15 -11.39
CA PRO B 28 18.61 5.53 -10.02
C PRO B 28 20.03 5.15 -9.70
N PRO B 29 20.65 5.80 -8.69
CA PRO B 29 21.99 5.41 -8.29
C PRO B 29 22.03 4.01 -7.69
N TYR B 30 23.15 3.33 -7.90
CA TYR B 30 23.35 1.97 -7.45
C TYR B 30 24.64 1.88 -6.63
N SER B 31 24.78 0.77 -5.92
CA SER B 31 26.02 0.44 -5.22
C SER B 31 26.74 -0.63 -6.02
N HIS B 32 28.05 -0.43 -6.22
CA HIS B 32 28.81 -1.28 -7.14
C HIS B 32 29.56 -2.40 -6.43
N GLY B 33 30.28 -2.09 -5.37
CA GLY B 33 31.09 -3.11 -4.73
C GLY B 33 30.53 -3.64 -3.43
N THR B 34 31.33 -3.58 -2.38
CA THR B 34 30.99 -4.10 -1.08
C THR B 34 30.16 -3.09 -0.29
N GLY B 35 29.49 -3.59 0.75
CA GLY B 35 28.86 -2.75 1.75
C GLY B 35 29.59 -2.72 3.07
N THR B 36 30.79 -3.28 3.17
CA THR B 36 31.49 -3.35 4.44
C THR B 36 31.84 -1.97 4.96
N GLY B 37 32.25 -1.06 4.07
CA GLY B 37 32.57 0.29 4.51
C GLY B 37 31.40 1.00 5.15
N TYR B 38 30.22 0.91 4.52
CA TYR B 38 29.04 1.54 5.07
C TYR B 38 28.61 0.89 6.37
N THR B 39 28.71 -0.44 6.47
CA THR B 39 28.36 -1.12 7.71
C THR B 39 29.28 -0.71 8.85
N MET B 40 30.59 -0.65 8.59
CA MET B 40 31.53 -0.21 9.62
C MET B 40 31.29 1.24 10.00
N ASP B 41 30.98 2.10 9.01
CA ASP B 41 30.64 3.48 9.33
C ASP B 41 29.41 3.56 10.22
N THR B 42 28.39 2.75 9.92
CA THR B 42 27.17 2.76 10.74
C THR B 42 27.46 2.29 12.16
N VAL B 43 28.25 1.23 12.30
CA VAL B 43 28.58 0.73 13.63
C VAL B 43 29.36 1.77 14.42
N ASN B 44 30.37 2.37 13.79
CA ASN B 44 31.16 3.39 14.48
C ASN B 44 30.31 4.59 14.87
N ARG B 45 29.44 5.04 13.98
CA ARG B 45 28.59 6.19 14.27
C ARG B 45 27.59 5.88 15.37
N THR B 46 27.03 4.68 15.36
CA THR B 46 26.09 4.27 16.40
C THR B 46 26.77 4.25 17.76
N HIS B 47 27.99 3.72 17.83
CA HIS B 47 28.69 3.73 19.10
C HIS B 47 29.18 5.12 19.48
N LYS B 48 29.42 5.98 18.49
CA LYS B 48 29.84 7.35 18.80
C LYS B 48 28.70 8.16 19.38
N TYR B 49 27.48 7.95 18.89
CA TYR B 49 26.33 8.65 19.44
C TYR B 49 26.06 8.29 20.89
N SER B 50 26.63 7.18 21.36
CA SER B 50 26.42 6.69 22.72
C SER B 50 27.73 6.55 23.49
N GLU B 51 28.79 7.23 23.06
CA GLU B 51 30.13 6.98 23.58
C GLU B 51 30.27 7.24 25.06
N LYS B 52 29.44 8.12 25.63
CA LYS B 52 29.50 8.41 27.06
C LYS B 52 28.73 7.39 27.89
N GLY B 53 28.22 6.32 27.27
CA GLY B 53 27.51 5.30 27.99
C GLY B 53 28.43 4.34 28.71
N LYS B 54 27.82 3.36 29.36
CA LYS B 54 28.54 2.39 30.18
C LYS B 54 28.91 1.17 29.33
N TRP B 55 30.17 0.76 29.42
CA TRP B 55 30.68 -0.39 28.67
C TRP B 55 30.63 -1.64 29.55
N THR B 56 30.12 -2.73 28.98
CA THR B 56 30.11 -4.02 29.64
C THR B 56 30.45 -5.09 28.63
N THR B 57 30.89 -6.24 29.13
CA THR B 57 31.16 -7.41 28.30
C THR B 57 30.07 -8.45 28.54
N ASN B 58 29.45 -8.90 27.45
CA ASN B 58 28.36 -9.85 27.56
C ASN B 58 28.87 -11.20 28.04
N THR B 59 28.24 -11.73 29.09
CA THR B 59 28.68 -13.00 29.66
C THR B 59 28.36 -14.18 28.76
N GLU B 60 27.41 -14.03 27.84
CA GLU B 60 26.98 -15.14 27.00
C GLU B 60 27.68 -15.19 25.65
N THR B 61 28.02 -14.03 25.08
CA THR B 61 28.71 -14.00 23.80
C THR B 61 30.11 -13.41 23.87
N GLY B 62 30.45 -12.67 24.92
CA GLY B 62 31.74 -12.02 25.01
C GLY B 62 31.83 -10.69 24.30
N ALA B 63 30.75 -10.23 23.69
CA ALA B 63 30.78 -9.01 22.90
C ALA B 63 30.74 -7.78 23.81
N PRO B 64 31.59 -6.79 23.57
CA PRO B 64 31.48 -5.52 24.31
C PRO B 64 30.19 -4.80 23.95
N GLN B 65 29.47 -4.35 24.98
CA GLN B 65 28.16 -3.73 24.78
C GLN B 65 28.14 -2.36 25.44
N LEU B 66 27.66 -1.36 24.70
CA LEU B 66 27.61 0.02 25.15
C LEU B 66 26.19 0.37 25.56
N ASN B 67 26.03 0.90 26.77
CA ASN B 67 24.72 1.19 27.34
C ASN B 67 24.59 2.69 27.58
N PRO B 68 23.89 3.42 26.71
CA PRO B 68 23.74 4.87 26.89
C PRO B 68 22.54 5.30 27.71
N ILE B 69 21.75 4.36 28.22
CA ILE B 69 20.56 4.71 28.99
C ILE B 69 20.97 5.42 30.27
N ASP B 70 20.24 6.48 30.60
CA ASP B 70 20.50 7.29 31.79
C ASP B 70 21.89 7.90 31.76
N GLY B 71 22.42 8.14 30.56
CA GLY B 71 23.65 8.84 30.41
C GLY B 71 23.47 10.32 30.69
N PRO B 72 24.57 11.06 30.65
CA PRO B 72 24.52 12.49 30.97
C PRO B 72 23.61 13.24 30.02
N LEU B 73 22.89 14.22 30.56
CA LEU B 73 22.06 15.06 29.73
C LEU B 73 22.94 15.88 28.79
N PRO B 74 22.58 15.97 27.51
CA PRO B 74 23.43 16.70 26.57
C PRO B 74 23.51 18.17 26.90
N GLU B 75 24.64 18.78 26.55
CA GLU B 75 24.85 20.22 26.70
C GLU B 75 24.85 20.95 25.37
N ASP B 76 24.75 20.23 24.26
CA ASP B 76 24.76 20.84 22.94
C ASP B 76 23.63 20.28 22.10
N ASN B 77 23.60 20.64 20.81
CA ASN B 77 22.57 20.17 19.90
C ASN B 77 23.05 19.04 19.00
N GLU B 78 24.11 18.35 19.40
CA GLU B 78 24.59 17.21 18.63
C GLU B 78 23.70 15.99 18.88
N PRO B 79 23.60 15.09 17.91
CA PRO B 79 22.82 13.86 18.12
C PRO B 79 23.40 13.03 19.25
N SER B 80 22.52 12.37 19.98
CA SER B 80 22.94 11.57 21.12
C SER B 80 21.87 10.52 21.42
N GLY B 81 22.30 9.44 22.05
CA GLY B 81 21.39 8.37 22.38
C GLY B 81 21.20 8.20 23.88
N TYR B 82 21.31 9.30 24.63
CA TYR B 82 21.23 9.25 26.08
C TYR B 82 19.79 9.50 26.53
N ALA B 83 18.94 8.54 26.17
CA ALA B 83 17.54 8.58 26.59
C ALA B 83 17.41 8.23 28.06
N GLN B 84 16.50 8.90 28.74
CA GLN B 84 16.24 8.66 30.16
C GLN B 84 15.06 7.69 30.27
N THR B 85 15.26 6.60 31.01
CA THR B 85 14.23 5.58 31.10
C THR B 85 12.97 6.11 31.79
N ASP B 86 13.13 6.93 32.82
CA ASP B 86 11.97 7.49 33.50
C ASP B 86 11.18 8.41 32.59
N CYS B 87 11.86 9.16 31.72
CA CYS B 87 11.16 10.02 30.78
C CYS B 87 10.35 9.21 29.78
N VAL B 88 10.91 8.10 29.29
CA VAL B 88 10.17 7.25 28.36
C VAL B 88 8.96 6.62 29.06
N LEU B 89 9.15 6.14 30.29
CA LEU B 89 8.03 5.57 31.04
C LEU B 89 6.95 6.62 31.30
N GLU B 90 7.35 7.86 31.58
CA GLU B 90 6.38 8.92 31.81
C GLU B 90 5.63 9.29 30.53
N ALA B 91 6.33 9.28 29.39
CA ALA B 91 5.65 9.51 28.13
C ALA B 91 4.63 8.42 27.84
N MET B 92 5.00 7.17 28.09
CA MET B 92 4.04 6.07 27.93
C MET B 92 2.86 6.23 28.89
N ALA B 93 3.13 6.63 30.13
CA ALA B 93 2.06 6.80 31.12
C ALA B 93 1.09 7.89 30.69
N PHE B 94 1.60 9.01 30.21
CA PHE B 94 0.71 10.08 29.79
C PHE B 94 -0.05 9.72 28.51
N LEU B 95 0.57 8.94 27.61
CA LEU B 95 -0.16 8.47 26.45
C LEU B 95 -1.32 7.57 26.87
N GLU B 96 -1.08 6.67 27.83
CA GLU B 96 -2.15 5.82 28.34
C GLU B 96 -3.20 6.64 29.07
N GLU B 97 -2.81 7.73 29.72
CA GLU B 97 -3.77 8.54 30.46
C GLU B 97 -4.64 9.38 29.54
N SER B 98 -4.11 9.77 28.38
CA SER B 98 -4.91 10.53 27.43
C SER B 98 -5.83 9.65 26.59
N HIS B 99 -5.53 8.36 26.46
CA HIS B 99 -6.36 7.41 25.72
C HIS B 99 -6.58 6.19 26.59
N PRO B 100 -7.48 6.27 27.56
CA PRO B 100 -7.63 5.18 28.54
C PRO B 100 -7.97 3.85 27.86
N GLY B 101 -7.29 2.80 28.29
CA GLY B 101 -7.53 1.46 27.80
C GLY B 101 -6.85 1.10 26.50
N ILE B 102 -6.03 1.98 25.94
CA ILE B 102 -5.41 1.70 24.65
C ILE B 102 -4.46 0.50 24.76
N PHE B 103 -3.64 0.47 25.80
CA PHE B 103 -2.67 -0.60 25.95
C PHE B 103 -3.36 -1.91 26.30
N GLU B 104 -4.39 -1.86 27.15
CA GLU B 104 -5.11 -3.08 27.51
C GLU B 104 -5.77 -3.72 26.30
N ASN B 105 -6.50 -2.92 25.52
CA ASN B 105 -7.19 -3.47 24.35
C ASN B 105 -6.20 -3.94 23.29
N SER B 106 -5.12 -3.17 23.08
CA SER B 106 -4.09 -3.60 22.15
C SER B 106 -3.48 -4.92 22.59
N CYS B 107 -3.27 -5.09 23.90
CA CYS B 107 -2.71 -6.34 24.41
C CYS B 107 -3.69 -7.49 24.21
N LEU B 108 -4.99 -7.25 24.36
CA LEU B 108 -5.97 -8.30 24.12
C LEU B 108 -5.93 -8.76 22.66
N GLU B 109 -5.94 -7.80 21.72
CA GLU B 109 -5.88 -8.16 20.30
C GLU B 109 -4.58 -8.89 19.99
N THR B 110 -3.46 -8.40 20.53
CA THR B 110 -2.18 -9.03 20.26
C THR B 110 -2.09 -10.41 20.89
N MET B 111 -2.74 -10.63 22.04
CA MET B 111 -2.78 -11.97 22.61
C MET B 111 -3.53 -12.92 21.69
N GLU B 112 -4.64 -12.47 21.12
CA GLU B 112 -5.35 -13.30 20.15
C GLU B 112 -4.45 -13.63 18.96
N ILE B 113 -3.77 -12.62 18.43
CA ILE B 113 -2.89 -12.82 17.27
C ILE B 113 -1.76 -13.79 17.61
N VAL B 114 -1.16 -13.63 18.80
CA VAL B 114 -0.05 -14.50 19.21
C VAL B 114 -0.52 -15.94 19.33
N GLN B 115 -1.71 -16.14 19.90
CA GLN B 115 -2.20 -17.50 20.08
C GLN B 115 -2.61 -18.14 18.76
N GLN B 116 -3.01 -17.34 17.77
CA GLN B 116 -3.55 -17.92 16.55
C GLN B 116 -2.56 -18.01 15.38
N THR B 117 -1.45 -17.28 15.42
CA THR B 117 -0.57 -17.20 14.26
C THR B 117 0.15 -18.53 14.02
N ARG B 118 0.25 -18.91 12.75
CA ARG B 118 0.90 -20.15 12.34
C ARG B 118 2.35 -19.91 11.96
N VAL B 119 3.11 -20.99 11.91
CA VAL B 119 4.56 -20.89 11.67
C VAL B 119 4.85 -20.40 10.25
N ASP B 120 4.02 -20.78 9.28
CA ASP B 120 4.28 -20.37 7.90
C ASP B 120 4.09 -18.87 7.67
N LYS B 121 3.77 -18.10 8.71
CA LYS B 121 3.81 -16.65 8.58
C LYS B 121 5.23 -16.16 8.29
N LEU B 122 6.23 -16.91 8.73
CA LEU B 122 7.62 -16.52 8.53
C LEU B 122 8.05 -16.57 7.08
N THR B 123 7.35 -17.34 6.24
CA THR B 123 7.71 -17.41 4.83
C THR B 123 7.34 -16.14 4.06
N GLN B 124 6.51 -15.29 4.65
CA GLN B 124 6.10 -14.06 3.97
C GLN B 124 7.25 -13.06 4.01
N GLY B 125 7.81 -12.78 2.84
CA GLY B 125 9.01 -11.99 2.71
C GLY B 125 9.95 -12.59 1.68
N ARG B 126 10.94 -11.78 1.31
CA ARG B 126 11.84 -12.17 0.23
C ARG B 126 13.01 -13.00 0.74
N GLN B 127 13.80 -12.44 1.66
CA GLN B 127 15.02 -13.08 2.10
C GLN B 127 15.08 -13.11 3.63
N THR B 128 15.69 -14.17 4.16
CA THR B 128 15.98 -14.29 5.58
C THR B 128 17.42 -14.73 5.73
N TYR B 129 18.16 -14.10 6.64
CA TYR B 129 19.54 -14.47 6.89
C TYR B 129 19.57 -15.88 7.50
N ASP B 130 20.08 -16.84 6.75
CA ASP B 130 20.14 -18.23 7.19
C ASP B 130 21.42 -18.42 7.99
N TRP B 131 21.27 -18.71 9.28
CA TRP B 131 22.44 -18.92 10.12
C TRP B 131 23.15 -20.23 9.78
N THR B 132 22.43 -21.20 9.21
CA THR B 132 23.04 -22.47 8.82
C THR B 132 23.95 -22.33 7.62
N LEU B 133 23.90 -21.20 6.90
CA LEU B 133 24.73 -20.97 5.73
C LEU B 133 25.48 -19.65 5.78
N ASN B 134 25.25 -18.82 6.79
CA ASN B 134 25.93 -17.53 6.95
C ASN B 134 25.70 -16.63 5.74
N ARG B 135 24.48 -16.65 5.21
CA ARG B 135 24.12 -15.78 4.11
C ARG B 135 22.60 -15.75 3.99
N ASN B 136 22.12 -14.86 3.12
CA ASN B 136 20.69 -14.73 2.88
C ASN B 136 20.18 -15.94 2.09
N GLN B 137 18.97 -16.34 2.38
CA GLN B 137 18.26 -17.39 1.67
C GLN B 137 16.81 -16.96 1.53
N PRO B 138 16.07 -17.55 0.59
CA PRO B 138 14.63 -17.29 0.54
C PRO B 138 13.98 -17.66 1.86
N ALA B 139 12.96 -16.88 2.23
CA ALA B 139 12.37 -17.01 3.55
C ALA B 139 11.87 -18.44 3.81
N ALA B 140 11.19 -19.03 2.83
CA ALA B 140 10.74 -20.41 2.98
C ALA B 140 11.91 -21.37 3.08
N THR B 141 12.95 -21.15 2.28
CA THR B 141 14.12 -22.01 2.33
C THR B 141 14.85 -21.89 3.67
N ALA B 142 15.00 -20.66 4.17
CA ALA B 142 15.63 -20.47 5.47
C ALA B 142 14.82 -21.14 6.57
N LEU B 143 13.50 -21.00 6.53
CA LEU B 143 12.66 -21.62 7.55
C LEU B 143 12.75 -23.14 7.47
N ALA B 144 12.76 -23.70 6.26
CA ALA B 144 12.88 -25.15 6.11
C ALA B 144 14.21 -25.65 6.65
N ASN B 145 15.30 -24.95 6.35
CA ASN B 145 16.60 -25.34 6.88
C ASN B 145 16.63 -25.28 8.39
N THR B 146 16.07 -24.21 8.97
CA THR B 146 16.05 -24.07 10.42
C THR B 146 15.23 -25.18 11.07
N ILE B 147 14.08 -25.51 10.47
CA ILE B 147 13.25 -26.57 11.02
C ILE B 147 13.94 -27.92 10.93
N GLU B 148 14.62 -28.19 9.81
CA GLU B 148 15.34 -29.44 9.68
C GLU B 148 16.46 -29.54 10.70
N VAL B 149 17.21 -28.46 10.90
CA VAL B 149 18.27 -28.47 11.89
C VAL B 149 17.71 -28.68 13.29
N PHE B 150 16.61 -28.02 13.61
CA PHE B 150 16.01 -28.18 14.93
C PHE B 150 15.53 -29.61 15.13
N ARG B 151 14.94 -30.21 14.11
CA ARG B 151 14.49 -31.60 14.23
C ARG B 151 15.67 -32.54 14.44
N SER B 152 16.76 -32.33 13.71
CA SER B 152 17.94 -33.16 13.90
C SER B 152 18.56 -33.00 15.28
N ASN B 153 18.28 -31.89 15.97
CA ASN B 153 18.81 -31.63 17.30
C ASN B 153 17.78 -31.85 18.39
N GLY B 154 16.67 -32.51 18.09
CA GLY B 154 15.64 -32.76 19.09
C GLY B 154 14.89 -31.54 19.57
N LEU B 155 14.60 -30.60 18.68
CA LEU B 155 13.81 -29.41 18.99
C LEU B 155 12.58 -29.45 18.08
N THR B 156 11.53 -30.13 18.53
CA THR B 156 10.39 -30.45 17.68
C THR B 156 9.09 -29.86 18.21
N ALA B 157 9.17 -28.74 18.92
CA ALA B 157 7.95 -28.09 19.38
C ALA B 157 7.23 -27.36 18.26
N ASN B 158 7.92 -27.06 17.16
CA ASN B 158 7.29 -26.37 16.03
C ASN B 158 6.38 -27.27 15.22
N GLU B 159 6.38 -28.59 15.48
CA GLU B 159 5.50 -29.48 14.75
C GLU B 159 4.03 -29.19 15.01
N SER B 160 3.72 -28.45 16.08
CA SER B 160 2.35 -28.00 16.31
C SER B 160 1.89 -27.07 15.18
N GLY B 161 2.81 -26.41 14.52
CA GLY B 161 2.48 -25.48 13.45
C GLY B 161 2.27 -24.05 13.89
N ARG B 162 2.22 -23.79 15.20
CA ARG B 162 2.03 -22.44 15.68
C ARG B 162 3.37 -21.69 15.73
N LEU B 163 3.30 -20.38 15.50
CA LEU B 163 4.51 -19.57 15.52
C LEU B 163 5.11 -19.50 16.92
N ILE B 164 4.26 -19.41 17.94
CA ILE B 164 4.76 -19.31 19.31
C ILE B 164 5.50 -20.58 19.71
N ASP B 165 5.08 -21.73 19.19
CA ASP B 165 5.82 -22.96 19.45
C ASP B 165 7.17 -22.96 18.76
N PHE B 166 7.24 -22.35 17.56
CA PHE B 166 8.54 -22.19 16.90
C PHE B 166 9.44 -21.27 17.71
N LEU B 167 8.85 -20.23 18.33
CA LEU B 167 9.65 -19.36 19.18
C LEU B 167 10.13 -20.08 20.43
N LYS B 168 9.29 -20.95 21.00
CA LYS B 168 9.74 -21.80 22.10
C LYS B 168 10.90 -22.68 21.66
N ASP B 169 10.84 -23.21 20.44
CA ASP B 169 11.96 -24.01 19.92
C ASP B 169 13.22 -23.18 19.78
N VAL B 170 13.09 -21.93 19.35
CA VAL B 170 14.25 -21.04 19.26
C VAL B 170 14.86 -20.83 20.64
N MET B 171 14.01 -20.57 21.63
CA MET B 171 14.49 -20.37 23.00
C MET B 171 15.19 -21.62 23.52
N ASP B 172 14.63 -22.80 23.23
CA ASP B 172 15.27 -24.04 23.66
C ASP B 172 16.59 -24.27 22.95
N SER B 173 16.67 -23.89 21.68
CA SER B 173 17.93 -24.00 20.94
C SER B 173 19.00 -23.12 21.56
N MET B 174 18.60 -21.97 22.10
CA MET B 174 19.56 -21.10 22.76
C MET B 174 20.27 -21.80 23.92
N ASP B 175 19.64 -22.81 24.53
CA ASP B 175 20.22 -23.51 25.66
C ASP B 175 20.94 -24.80 25.31
N LYS B 176 20.90 -25.22 24.04
CA LYS B 176 21.65 -26.41 23.64
C LYS B 176 23.14 -26.14 23.74
N GLU B 177 23.87 -27.10 24.33
CA GLU B 177 25.32 -26.95 24.43
C GLU B 177 25.96 -26.98 23.04
N GLU B 178 25.49 -27.85 22.15
CA GLU B 178 26.04 -27.97 20.82
C GLU B 178 24.92 -28.06 19.80
N MET B 179 25.00 -27.24 18.76
CA MET B 179 24.08 -27.29 17.62
C MET B 179 24.82 -27.86 16.43
N GLU B 180 24.22 -28.84 15.77
CA GLU B 180 24.81 -29.48 14.61
C GLU B 180 24.14 -28.99 13.34
N ILE B 181 24.93 -28.81 12.29
CA ILE B 181 24.44 -28.41 10.99
C ILE B 181 25.03 -29.35 9.93
N THR B 182 24.69 -29.09 8.68
CA THR B 182 25.19 -29.87 7.55
C THR B 182 25.67 -28.92 6.47
N THR B 183 26.84 -29.21 5.89
CA THR B 183 27.46 -28.35 4.90
C THR B 183 27.75 -29.15 3.62
N HIS B 184 27.71 -28.45 2.50
CA HIS B 184 28.02 -29.03 1.20
C HIS B 184 29.28 -28.39 0.64
N PHE B 185 29.92 -29.10 -0.28
CA PHE B 185 31.17 -28.64 -0.89
C PHE B 185 31.35 -29.36 -2.22
N GLN B 186 32.45 -29.03 -2.90
CA GLN B 186 32.78 -29.67 -4.18
C GLN B 186 33.39 -31.04 -3.96
N ILE B 205 29.36 -33.06 -5.00
CA ILE B 205 28.60 -32.39 -3.96
C ILE B 205 28.28 -33.35 -2.82
N GLY B 206 29.14 -33.36 -1.80
CA GLY B 206 28.94 -34.18 -0.63
C GLY B 206 28.43 -33.37 0.56
N LYS B 207 27.96 -34.09 1.57
CA LYS B 207 27.40 -33.49 2.77
C LYS B 207 28.35 -33.73 3.94
N LYS B 208 28.66 -32.67 4.68
CA LYS B 208 29.52 -32.74 5.85
C LYS B 208 28.79 -32.17 7.05
N LYS B 209 28.97 -32.82 8.20
CA LYS B 209 28.35 -32.37 9.44
C LYS B 209 29.29 -31.44 10.19
N GLN B 210 28.77 -30.28 10.59
CA GLN B 210 29.52 -29.32 11.40
C GLN B 210 28.78 -29.14 12.72
N ARG B 211 29.53 -29.15 13.82
CA ARG B 211 28.97 -29.11 15.16
C ARG B 211 29.40 -27.82 15.85
N LEU B 212 28.50 -26.84 15.89
CA LEU B 212 28.77 -25.59 16.57
C LEU B 212 28.74 -25.79 18.09
N ASN B 213 29.39 -24.87 18.80
CA ASN B 213 29.31 -24.84 20.25
C ASN B 213 28.29 -23.79 20.67
N LYS B 214 28.08 -23.69 21.98
CA LYS B 214 26.99 -22.84 22.49
C LYS B 214 27.20 -21.38 22.13
N ARG B 215 28.41 -20.86 22.35
CA ARG B 215 28.65 -19.45 22.07
C ARG B 215 28.63 -19.17 20.57
N SER B 216 29.14 -20.09 19.75
CA SER B 216 29.12 -19.89 18.31
C SER B 216 27.69 -19.83 17.78
N TYR B 217 26.85 -20.76 18.21
CA TYR B 217 25.45 -20.73 17.80
C TYR B 217 24.76 -19.47 18.31
N LEU B 218 25.08 -19.07 19.54
CA LEU B 218 24.45 -17.87 20.09
C LEU B 218 24.85 -16.63 19.31
N ILE B 219 26.09 -16.59 18.82
CA ILE B 219 26.53 -15.46 18.00
C ILE B 219 25.84 -15.49 16.65
N ARG B 220 25.66 -16.70 16.08
CA ARG B 220 24.96 -16.80 14.80
C ARG B 220 23.50 -16.38 14.93
N ALA B 221 22.85 -16.75 16.02
CA ALA B 221 21.41 -16.49 16.17
C ALA B 221 21.12 -15.02 16.41
N LEU B 222 22.07 -14.28 16.98
CA LEU B 222 21.89 -12.86 17.25
C LEU B 222 22.38 -11.98 16.12
N THR B 223 22.74 -12.57 14.99
CA THR B 223 23.41 -11.86 13.91
C THR B 223 22.41 -11.42 12.85
N LEU B 224 22.50 -10.17 12.42
CA LEU B 224 21.76 -9.65 11.30
C LEU B 224 22.70 -9.41 10.13
N ASN B 225 22.31 -9.84 8.94
CA ASN B 225 23.11 -9.59 7.76
C ASN B 225 22.99 -8.13 7.34
N THR B 226 24.01 -7.64 6.63
CA THR B 226 24.04 -6.26 6.17
C THR B 226 24.44 -6.22 4.70
N MET B 227 23.98 -5.16 4.04
CA MET B 227 24.31 -4.93 2.64
C MET B 227 23.96 -3.48 2.32
N THR B 228 24.19 -3.09 1.07
CA THR B 228 23.90 -1.74 0.63
C THR B 228 22.55 -1.70 -0.07
N LYS B 229 21.92 -0.54 -0.04
CA LYS B 229 20.63 -0.35 -0.70
C LYS B 229 20.84 0.15 -2.12
N ASP B 230 20.40 -0.63 -3.09
CA ASP B 230 20.50 -0.26 -4.49
C ASP B 230 19.22 0.45 -4.95
N ALA B 231 19.38 1.29 -5.97
CA ALA B 231 18.26 1.98 -6.61
C ALA B 231 17.44 2.79 -5.60
N GLU B 232 18.11 3.76 -4.98
CA GLU B 232 17.47 4.67 -4.03
C GLU B 232 17.49 6.07 -4.60
N ARG B 233 16.33 6.73 -4.58
CA ARG B 233 16.17 8.05 -5.17
C ARG B 233 16.44 9.13 -4.14
N GLY B 234 17.08 10.21 -4.59
CA GLY B 234 17.24 11.39 -3.76
C GLY B 234 18.40 11.37 -2.79
N LYS B 235 19.28 10.38 -2.87
CA LYS B 235 20.42 10.26 -1.97
C LYS B 235 21.71 10.30 -2.77
N LEU B 236 22.62 11.19 -2.35
CA LEU B 236 23.93 11.27 -3.01
C LEU B 236 24.82 10.10 -2.63
N LYS B 237 24.79 9.69 -1.37
CA LYS B 237 25.67 8.66 -0.86
C LYS B 237 24.88 7.41 -0.48
N ARG B 238 25.55 6.26 -0.57
CA ARG B 238 24.91 4.99 -0.29
C ARG B 238 24.81 4.76 1.21
N ARG B 239 23.95 3.82 1.59
CA ARG B 239 23.71 3.51 2.98
C ARG B 239 23.50 2.01 3.14
N ALA B 240 23.69 1.54 4.36
CA ALA B 240 23.59 0.12 4.68
C ALA B 240 22.16 -0.25 5.08
N ILE B 241 21.81 -1.52 4.85
CA ILE B 241 20.53 -2.07 5.22
C ILE B 241 20.76 -3.44 5.85
N ALA B 242 19.73 -3.97 6.49
CA ALA B 242 19.87 -5.17 7.29
C ALA B 242 18.84 -6.22 6.87
N THR B 243 19.21 -7.48 7.09
CA THR B 243 18.30 -8.62 6.91
C THR B 243 18.23 -9.39 8.21
N PRO B 244 17.08 -9.44 8.88
CA PRO B 244 16.99 -10.19 10.13
C PRO B 244 17.14 -11.69 9.90
N GLY B 245 17.66 -12.37 10.93
CA GLY B 245 17.83 -13.80 10.88
C GLY B 245 16.55 -14.55 11.18
N MET B 246 16.67 -15.88 11.17
CA MET B 246 15.49 -16.72 11.36
C MET B 246 15.02 -16.74 12.80
N GLN B 247 15.93 -16.60 13.77
CA GLN B 247 15.56 -16.73 15.16
C GLN B 247 14.72 -15.55 15.65
N ILE B 248 14.95 -14.35 15.12
CA ILE B 248 14.32 -13.15 15.67
C ILE B 248 13.05 -12.73 14.93
N ARG B 249 12.75 -13.33 13.78
CA ARG B 249 11.66 -12.83 12.94
C ARG B 249 10.31 -12.94 13.63
N GLY B 250 10.04 -14.05 14.32
CA GLY B 250 8.75 -14.22 14.96
C GLY B 250 8.53 -13.23 16.09
N PHE B 251 9.56 -12.99 16.90
CA PHE B 251 9.44 -12.03 17.99
C PHE B 251 9.21 -10.63 17.45
N VAL B 252 9.92 -10.27 16.39
CA VAL B 252 9.71 -8.95 15.78
C VAL B 252 8.31 -8.84 15.21
N TYR B 253 7.80 -9.94 14.65
CA TYR B 253 6.43 -9.93 14.14
C TYR B 253 5.42 -9.69 15.25
N PHE B 254 5.62 -10.35 16.40
CA PHE B 254 4.68 -10.16 17.51
C PHE B 254 4.75 -8.75 18.08
N VAL B 255 5.97 -8.22 18.25
CA VAL B 255 6.11 -6.86 18.75
C VAL B 255 5.48 -5.87 17.79
N GLU B 256 5.68 -6.07 16.49
CA GLU B 256 5.08 -5.17 15.51
C GLU B 256 3.57 -5.33 15.45
N ALA B 257 3.05 -6.53 15.72
CA ALA B 257 1.60 -6.69 15.81
C ALA B 257 1.04 -5.87 16.97
N LEU B 258 1.71 -5.90 18.13
CA LEU B 258 1.27 -5.07 19.24
C LEU B 258 1.36 -3.58 18.90
N ALA B 259 2.47 -3.17 18.28
CA ALA B 259 2.62 -1.77 17.92
C ALA B 259 1.58 -1.35 16.90
N ARG B 260 1.21 -2.24 15.99
CA ARG B 260 0.16 -1.96 15.02
C ARG B 260 -1.19 -1.78 15.71
N SER B 261 -1.49 -2.66 16.68
CA SER B 261 -2.73 -2.50 17.43
C SER B 261 -2.78 -1.16 18.14
N ILE B 262 -1.65 -0.74 18.72
CA ILE B 262 -1.61 0.56 19.38
C ILE B 262 -1.78 1.69 18.37
N CYS B 263 -1.08 1.60 17.24
CA CYS B 263 -1.10 2.68 16.25
C CYS B 263 -2.47 2.85 15.61
N GLU B 264 -3.22 1.76 15.44
CA GLU B 264 -4.55 1.86 14.88
C GLU B 264 -5.48 2.71 15.73
N LYS B 265 -5.19 2.86 17.02
CA LYS B 265 -6.03 3.61 17.93
C LYS B 265 -5.55 5.04 18.16
N LEU B 266 -4.51 5.47 17.46
CA LEU B 266 -3.92 6.79 17.65
C LEU B 266 -4.21 7.65 16.43
N GLU B 267 -4.74 8.85 16.67
CA GLU B 267 -5.09 9.73 15.56
C GLU B 267 -3.86 10.32 14.89
N GLN B 268 -2.78 10.53 15.64
CA GLN B 268 -1.58 11.15 15.10
C GLN B 268 -0.74 10.19 14.27
N SER B 269 -1.01 8.89 14.34
CA SER B 269 -0.16 7.91 13.69
C SER B 269 -0.28 8.01 12.18
N GLY B 270 0.86 7.95 11.50
CA GLY B 270 0.91 7.83 10.06
C GLY B 270 0.96 6.42 9.55
N LEU B 271 1.05 5.44 10.45
CA LEU B 271 1.05 4.02 10.15
C LEU B 271 -0.03 3.34 10.96
N PRO B 272 -0.60 2.24 10.46
CA PRO B 272 -0.35 1.61 9.17
C PRO B 272 -1.39 1.96 8.10
N VAL B 273 -1.69 3.24 7.92
CA VAL B 273 -2.59 3.69 6.86
C VAL B 273 -1.77 4.23 5.71
N GLY B 274 -2.13 3.85 4.49
CA GLY B 274 -1.43 4.30 3.31
C GLY B 274 -2.40 4.73 2.24
N GLY B 275 -1.88 5.52 1.30
CA GLY B 275 -2.65 5.95 0.14
C GLY B 275 -3.70 6.99 0.42
N ASN B 276 -4.85 6.85 -0.23
CA ASN B 276 -5.92 7.83 -0.07
C ASN B 276 -6.48 7.82 1.34
N GLU B 277 -6.54 6.66 1.98
CA GLU B 277 -6.98 6.61 3.38
C GLU B 277 -6.03 7.39 4.27
N LYS B 278 -4.73 7.23 4.06
CA LYS B 278 -3.74 8.00 4.83
C LYS B 278 -3.90 9.49 4.56
N LYS B 279 -4.08 9.89 3.31
CA LYS B 279 -4.23 11.31 3.01
C LYS B 279 -5.49 11.87 3.66
N ALA B 280 -6.60 11.14 3.61
CA ALA B 280 -7.83 11.60 4.23
C ALA B 280 -7.66 11.72 5.74
N LYS B 281 -7.02 10.73 6.36
CA LYS B 281 -6.81 10.79 7.81
C LYS B 281 -5.94 11.98 8.20
N LEU B 282 -4.85 12.19 7.46
CA LEU B 282 -3.98 13.33 7.77
C LEU B 282 -4.70 14.65 7.58
N ALA B 283 -5.47 14.78 6.50
CA ALA B 283 -6.21 16.01 6.26
C ALA B 283 -7.24 16.26 7.36
N ASN B 284 -7.95 15.21 7.79
CA ASN B 284 -8.93 15.36 8.85
C ASN B 284 -8.27 15.75 10.17
N VAL B 285 -7.14 15.13 10.49
CA VAL B 285 -6.44 15.47 11.72
C VAL B 285 -5.95 16.91 11.69
N VAL B 286 -5.38 17.33 10.56
CA VAL B 286 -4.90 18.71 10.45
C VAL B 286 -6.05 19.69 10.56
N ARG B 287 -7.18 19.41 9.91
CA ARG B 287 -8.31 20.33 9.99
C ARG B 287 -8.92 20.36 11.38
N LYS B 288 -8.93 19.21 12.09
CA LYS B 288 -9.40 19.20 13.47
C LYS B 288 -8.50 20.04 14.36
N MET B 289 -7.18 19.94 14.14
CA MET B 289 -6.27 20.80 14.89
C MET B 289 -6.51 22.27 14.59
N MET B 290 -6.77 22.61 13.32
CA MET B 290 -7.03 24.00 12.96
C MET B 290 -8.31 24.50 13.61
N THR B 291 -9.36 23.67 13.64
CA THR B 291 -10.62 24.08 14.23
C THR B 291 -10.51 24.24 15.74
N ASN B 292 -9.81 23.31 16.40
CA ASN B 292 -9.64 23.41 17.85
C ASN B 292 -8.82 24.63 18.23
N SER B 293 -7.98 25.12 17.34
CA SER B 293 -7.18 26.31 17.62
C SER B 293 -8.07 27.53 17.74
N GLN B 294 -7.80 28.34 18.75
CA GLN B 294 -8.50 29.62 18.89
C GLN B 294 -8.07 30.58 17.78
N ASP B 295 -9.01 31.40 17.34
CA ASP B 295 -8.70 32.38 16.30
C ASP B 295 -7.72 33.44 16.78
N THR B 296 -7.67 33.68 18.09
CA THR B 296 -6.82 34.72 18.65
C THR B 296 -5.43 34.22 19.01
N GLU B 297 -4.98 33.12 18.41
CA GLU B 297 -3.64 32.60 18.69
C GLU B 297 -2.95 32.21 17.39
N LEU B 298 -1.63 32.34 17.39
CA LEU B 298 -0.84 31.97 16.23
C LEU B 298 -0.77 30.46 16.07
N SER B 299 -0.55 30.02 14.85
CA SER B 299 -0.39 28.61 14.56
C SER B 299 0.76 28.43 13.57
N PHE B 300 1.71 27.58 13.93
CA PHE B 300 2.84 27.27 13.08
C PHE B 300 2.98 25.75 12.96
N THR B 301 3.39 25.31 11.77
CA THR B 301 3.63 23.90 11.52
C THR B 301 5.10 23.67 11.21
N ILE B 302 5.65 22.59 11.75
CA ILE B 302 7.05 22.24 11.55
C ILE B 302 7.12 21.06 10.59
N THR B 303 7.70 21.30 9.42
CA THR B 303 8.05 20.21 8.50
C THR B 303 9.36 19.64 9.00
N GLY B 304 9.27 18.60 9.82
CA GLY B 304 10.41 18.13 10.60
C GLY B 304 10.88 16.75 10.18
N ASP B 305 12.21 16.58 10.18
CA ASP B 305 12.84 15.28 10.10
C ASP B 305 13.65 15.06 11.37
N ASN B 306 13.94 13.80 11.67
CA ASN B 306 14.80 13.42 12.77
C ASN B 306 16.12 12.90 12.22
N THR B 307 17.22 13.27 12.87
CA THR B 307 18.54 12.85 12.44
C THR B 307 18.89 11.53 13.08
N LYS B 308 19.14 10.51 12.26
CA LYS B 308 19.58 9.19 12.70
C LYS B 308 18.69 8.65 13.82
N TRP B 309 17.41 8.50 13.50
CA TRP B 309 16.46 7.99 14.46
C TRP B 309 16.82 6.57 14.91
N ASN B 310 17.17 5.72 13.94
CA ASN B 310 17.41 4.32 14.25
C ASN B 310 18.80 4.08 14.82
N GLU B 311 19.72 5.03 14.66
CA GLU B 311 21.04 4.92 15.26
C GLU B 311 21.12 5.55 16.64
N ASN B 312 20.05 6.20 17.08
CA ASN B 312 20.00 6.80 18.41
C ASN B 312 18.98 6.15 19.33
N GLN B 313 17.93 5.54 18.79
CA GLN B 313 16.99 4.82 19.61
C GLN B 313 17.62 3.54 20.14
N ASN B 314 17.23 3.15 21.34
CA ASN B 314 17.89 2.02 21.95
C ASN B 314 16.93 0.87 22.17
N PRO B 315 17.36 -0.38 21.95
CA PRO B 315 16.48 -1.51 22.23
C PRO B 315 16.06 -1.62 23.68
N ARG B 316 16.87 -1.11 24.61
CA ARG B 316 16.50 -1.12 26.02
C ARG B 316 15.28 -0.24 26.27
N MET B 317 15.19 0.89 25.58
CA MET B 317 14.01 1.74 25.71
C MET B 317 12.77 1.08 25.12
N PHE B 318 12.94 0.33 24.03
CA PHE B 318 11.80 -0.42 23.50
C PHE B 318 11.37 -1.52 24.47
N LEU B 319 12.33 -2.14 25.16
CA LEU B 319 11.99 -3.10 26.19
C LEU B 319 11.22 -2.43 27.32
N ALA B 320 11.63 -1.22 27.71
CA ALA B 320 10.90 -0.48 28.73
C ALA B 320 9.48 -0.15 28.28
N MET B 321 9.33 0.28 27.03
CA MET B 321 8.00 0.59 26.49
C MET B 321 7.12 -0.65 26.50
N ILE B 322 7.66 -1.79 26.06
CA ILE B 322 6.88 -3.02 26.05
C ILE B 322 6.53 -3.45 27.47
N THR B 323 7.44 -3.23 28.42
CA THR B 323 7.15 -3.57 29.80
C THR B 323 6.03 -2.71 30.36
N TYR B 324 6.02 -1.41 30.05
CA TYR B 324 4.94 -0.58 30.53
C TYR B 324 3.62 -0.91 29.84
N ILE B 325 3.67 -1.24 28.56
CA ILE B 325 2.45 -1.52 27.80
C ILE B 325 1.80 -2.80 28.27
N THR B 326 2.60 -3.80 28.62
CA THR B 326 2.09 -5.12 29.01
C THR B 326 1.91 -5.28 30.51
N ARG B 327 1.69 -4.18 31.24
CA ARG B 327 1.38 -4.30 32.66
C ARG B 327 0.06 -5.01 32.87
N ASN B 328 -0.03 -5.78 33.94
CA ASN B 328 -1.24 -6.51 34.33
C ASN B 328 -1.65 -7.51 33.25
N GLN B 329 -0.68 -8.02 32.51
CA GLN B 329 -0.91 -9.03 31.49
C GLN B 329 -0.33 -10.37 31.96
N PRO B 330 -0.76 -11.48 31.35
CA PRO B 330 -0.18 -12.77 31.72
C PRO B 330 1.32 -12.80 31.45
N GLU B 331 2.02 -13.60 32.25
CA GLU B 331 3.49 -13.60 32.18
C GLU B 331 3.98 -14.07 30.81
N TRP B 332 3.34 -15.08 30.22
CA TRP B 332 3.80 -15.60 28.95
C TRP B 332 3.75 -14.54 27.86
N PHE B 333 2.69 -13.73 27.85
CA PHE B 333 2.58 -12.66 26.86
C PHE B 333 3.69 -11.64 27.03
N ARG B 334 3.97 -11.25 28.27
CA ARG B 334 5.04 -10.30 28.51
C ARG B 334 6.39 -10.88 28.07
N ASN B 335 6.63 -12.16 28.34
CA ASN B 335 7.90 -12.77 27.95
C ASN B 335 8.03 -12.80 26.43
N VAL B 336 6.99 -13.24 25.73
CA VAL B 336 7.08 -13.40 24.28
C VAL B 336 7.21 -12.04 23.62
N LEU B 337 6.65 -10.98 24.22
CA LEU B 337 6.88 -9.66 23.67
C LEU B 337 8.26 -9.11 24.02
N SER B 338 8.79 -9.46 25.20
CA SER B 338 10.07 -8.92 25.64
C SER B 338 11.25 -9.57 24.94
N ILE B 339 11.08 -10.76 24.37
CA ILE B 339 12.22 -11.45 23.76
C ILE B 339 12.86 -10.59 22.66
N ALA B 340 12.04 -9.96 21.83
CA ALA B 340 12.58 -9.23 20.69
C ALA B 340 13.50 -8.07 21.08
N PRO B 341 13.13 -7.15 21.98
CA PRO B 341 14.09 -6.13 22.40
C PRO B 341 15.33 -6.69 23.06
N ILE B 342 15.19 -7.78 23.81
CA ILE B 342 16.34 -8.39 24.46
C ILE B 342 17.33 -8.91 23.43
N MET B 343 16.82 -9.64 22.43
CA MET B 343 17.69 -10.12 21.36
C MET B 343 18.26 -8.98 20.55
N PHE B 344 17.52 -7.88 20.40
CA PHE B 344 18.01 -6.75 19.63
C PHE B 344 19.06 -5.95 20.39
N SER B 345 19.06 -5.99 21.71
CA SER B 345 20.11 -5.30 22.46
C SER B 345 21.39 -6.11 22.57
N ASN B 346 21.37 -7.37 22.15
CA ASN B 346 22.56 -8.21 22.10
C ASN B 346 22.93 -8.58 20.66
N LYS B 347 22.52 -7.76 19.69
CA LYS B 347 22.64 -8.14 18.30
C LYS B 347 24.05 -7.96 17.78
N MET B 348 24.42 -8.78 16.80
CA MET B 348 25.67 -8.67 16.08
C MET B 348 25.35 -8.34 14.62
N ALA B 349 26.28 -7.68 13.95
CA ALA B 349 26.09 -7.27 12.57
C ALA B 349 27.16 -7.92 11.69
N ARG B 350 26.71 -8.59 10.63
CA ARG B 350 27.64 -9.10 9.63
C ARG B 350 28.35 -7.93 8.95
N LEU B 351 29.65 -8.10 8.74
CA LEU B 351 30.43 -7.03 8.14
C LEU B 351 30.19 -6.93 6.63
N GLY B 352 29.95 -8.05 5.96
CA GLY B 352 29.60 -8.04 4.55
C GLY B 352 30.61 -8.80 3.72
N LYS B 353 30.76 -8.37 2.46
CA LYS B 353 31.64 -9.08 1.53
C LYS B 353 33.11 -8.88 1.91
N GLY B 354 33.48 -7.68 2.33
CA GLY B 354 34.86 -7.38 2.62
C GLY B 354 35.41 -6.30 1.72
N TYR B 355 36.54 -6.56 1.09
CA TYR B 355 37.15 -5.59 0.19
C TYR B 355 37.86 -6.34 -0.93
N MET B 356 38.12 -5.62 -2.02
CA MET B 356 38.92 -6.13 -3.11
C MET B 356 40.21 -5.33 -3.20
N PHE B 357 41.33 -6.01 -3.35
CA PHE B 357 42.64 -5.39 -3.41
C PHE B 357 43.18 -5.51 -4.84
N GLU B 358 43.71 -4.41 -5.36
CA GLU B 358 44.22 -4.34 -6.72
C GLU B 358 45.71 -4.04 -6.69
N SER B 359 46.49 -4.84 -7.40
CA SER B 359 47.90 -4.58 -7.62
C SER B 359 48.10 -4.04 -9.03
N LYS B 360 48.57 -2.80 -9.13
CA LYS B 360 48.76 -2.20 -10.45
C LYS B 360 49.93 -2.81 -11.19
N SER B 361 51.05 -3.02 -10.49
CA SER B 361 52.26 -3.52 -11.16
C SER B 361 52.07 -4.95 -11.64
N MET B 362 51.58 -5.82 -10.78
CA MET B 362 51.38 -7.22 -11.13
C MET B 362 50.05 -7.48 -11.82
N LYS B 363 49.20 -6.45 -11.96
CA LYS B 363 47.93 -6.54 -12.67
C LYS B 363 47.09 -7.72 -12.17
N LEU B 364 46.76 -7.68 -10.89
CA LEU B 364 45.95 -8.71 -10.28
C LEU B 364 44.98 -8.08 -9.29
N ARG B 365 43.87 -8.78 -9.05
CA ARG B 365 42.87 -8.36 -8.08
C ARG B 365 42.47 -9.57 -7.26
N THR B 366 42.03 -9.33 -6.03
CA THR B 366 41.67 -10.42 -5.14
C THR B 366 40.62 -9.95 -4.15
N GLN B 367 39.79 -10.88 -3.71
CA GLN B 367 38.73 -10.60 -2.75
C GLN B 367 39.23 -10.88 -1.34
N VAL B 368 39.10 -9.88 -0.46
CA VAL B 368 39.46 -10.02 0.94
C VAL B 368 38.17 -10.22 1.73
N PRO B 369 37.96 -11.37 2.36
CA PRO B 369 36.74 -11.57 3.14
C PRO B 369 36.69 -10.63 4.34
N ALA B 370 35.46 -10.32 4.75
CA ALA B 370 35.28 -9.45 5.91
C ALA B 370 35.69 -10.13 7.21
N GLU B 371 35.77 -11.46 7.23
CA GLU B 371 36.13 -12.18 8.43
C GLU B 371 37.61 -12.08 8.76
N MET B 372 38.43 -11.57 7.83
CA MET B 372 39.85 -11.38 8.10
C MET B 372 40.19 -9.99 8.60
N LEU B 373 39.21 -9.07 8.65
CA LEU B 373 39.49 -7.72 9.08
C LEU B 373 39.87 -7.61 10.55
N ALA B 374 39.68 -8.69 11.32
CA ALA B 374 40.05 -8.65 12.73
C ALA B 374 41.56 -8.55 12.90
N ASN B 375 42.32 -9.28 12.10
CA ASN B 375 43.76 -9.38 12.28
C ASN B 375 44.47 -9.29 10.92
N ILE B 376 44.04 -8.36 10.09
CA ILE B 376 44.68 -8.12 8.80
C ILE B 376 45.59 -6.92 8.93
N ASP B 377 46.69 -6.95 8.19
CA ASP B 377 47.60 -5.80 8.16
C ASP B 377 46.88 -4.59 7.60
N LEU B 378 47.12 -3.43 8.19
CA LEU B 378 46.43 -2.21 7.83
C LEU B 378 47.14 -1.41 6.75
N LYS B 379 48.24 -1.92 6.20
CA LYS B 379 48.95 -1.18 5.16
C LYS B 379 48.16 -1.13 3.85
N TYR B 380 47.37 -2.17 3.56
CA TYR B 380 46.63 -2.21 2.30
C TYR B 380 45.59 -1.11 2.22
N PHE B 381 44.88 -0.87 3.31
CA PHE B 381 43.73 0.02 3.28
C PHE B 381 44.17 1.48 3.20
N ASN B 382 43.28 2.32 2.70
CA ASN B 382 43.54 3.75 2.68
C ASN B 382 43.28 4.33 4.06
N LYS B 383 43.40 5.66 4.17
CA LYS B 383 43.36 6.31 5.48
C LYS B 383 42.01 6.15 6.15
N SER B 384 40.93 6.45 5.42
CA SER B 384 39.60 6.42 6.00
C SER B 384 39.20 5.00 6.41
N THR B 385 39.45 4.02 5.55
CA THR B 385 39.13 2.64 5.88
C THR B 385 39.97 2.14 7.05
N ARG B 386 41.24 2.55 7.09
CA ARG B 386 42.09 2.17 8.22
C ARG B 386 41.55 2.73 9.52
N GLU B 387 41.09 3.98 9.51
CA GLU B 387 40.47 4.55 10.70
C GLU B 387 39.20 3.79 11.10
N LYS B 388 38.37 3.43 10.11
CA LYS B 388 37.18 2.64 10.41
C LYS B 388 37.55 1.33 11.09
N ILE B 389 38.54 0.64 10.53
CA ILE B 389 38.92 -0.67 11.06
C ILE B 389 39.51 -0.53 12.46
N GLU B 390 40.32 0.51 12.68
CA GLU B 390 40.90 0.73 13.99
C GLU B 390 39.82 1.03 15.03
N LYS B 391 38.80 1.80 14.64
CA LYS B 391 37.71 2.09 15.57
C LYS B 391 36.87 0.86 15.86
N ILE B 392 36.67 -0.01 14.86
CA ILE B 392 35.71 -1.10 15.01
C ILE B 392 36.33 -2.41 15.47
N ARG B 393 37.67 -2.52 15.46
CA ARG B 393 38.30 -3.78 15.84
C ARG B 393 37.96 -4.27 17.25
N PRO B 394 37.88 -3.42 18.28
CA PRO B 394 37.46 -3.93 19.59
C PRO B 394 36.10 -4.60 19.57
N LEU B 395 35.21 -4.18 18.68
CA LEU B 395 33.85 -4.74 18.63
C LEU B 395 33.78 -6.05 17.86
N LEU B 396 34.78 -6.37 17.05
CA LEU B 396 34.69 -7.53 16.17
C LEU B 396 34.80 -8.82 16.96
N ILE B 397 33.85 -9.73 16.74
CA ILE B 397 33.86 -11.05 17.35
C ILE B 397 33.26 -12.04 16.36
N ASP B 398 33.99 -13.12 16.08
CA ASP B 398 33.47 -14.24 15.29
C ASP B 398 33.05 -13.80 13.89
N GLY B 399 33.70 -12.79 13.35
CA GLY B 399 33.38 -12.29 12.02
C GLY B 399 32.25 -11.29 11.97
N THR B 400 31.69 -10.89 13.10
CA THR B 400 30.63 -9.91 13.16
C THR B 400 31.05 -8.79 14.11
N ALA B 401 30.27 -7.72 14.14
CA ALA B 401 30.54 -6.56 14.97
C ALA B 401 29.47 -6.43 16.04
N SER B 402 29.90 -6.24 17.28
CA SER B 402 28.97 -6.02 18.38
C SER B 402 28.28 -4.68 18.22
N LEU B 403 26.96 -4.69 18.16
CA LEU B 403 26.17 -3.48 17.99
C LEU B 403 25.04 -3.50 19.02
N SER B 404 25.32 -3.05 20.23
CA SER B 404 24.26 -3.04 21.24
C SER B 404 23.30 -1.87 21.03
N PRO B 405 23.77 -0.63 20.92
CA PRO B 405 22.82 0.48 20.73
C PRO B 405 22.25 0.50 19.32
N GLY B 406 21.10 1.12 19.20
CA GLY B 406 20.51 1.37 17.89
C GLY B 406 19.56 0.29 17.45
N MET B 407 18.59 0.69 16.64
CA MET B 407 17.78 -0.22 15.84
C MET B 407 18.35 -0.22 14.44
N MET B 408 18.66 -1.41 13.92
CA MET B 408 19.56 -1.45 12.77
C MET B 408 19.02 -0.72 11.54
N MET B 409 18.00 -1.27 10.88
CA MET B 409 17.54 -0.72 9.61
C MET B 409 16.13 -1.22 9.34
N GLY B 410 15.17 -0.29 9.29
CA GLY B 410 13.82 -0.64 8.87
C GLY B 410 13.15 -1.70 9.72
N MET B 411 13.36 -1.65 11.03
CA MET B 411 12.73 -2.58 11.95
C MET B 411 12.10 -1.80 13.10
N PHE B 412 11.01 -2.34 13.63
CA PHE B 412 10.27 -1.71 14.72
C PHE B 412 9.81 -0.30 14.36
N ASN B 413 9.34 -0.13 13.11
CA ASN B 413 8.90 1.19 12.67
C ASN B 413 7.65 1.65 13.41
N MET B 414 6.71 0.74 13.66
CA MET B 414 5.48 1.14 14.33
C MET B 414 5.68 1.39 15.82
N LEU B 415 6.62 0.70 16.47
CA LEU B 415 6.94 1.03 17.85
C LEU B 415 7.61 2.39 17.94
N SER B 416 8.45 2.72 16.96
CA SER B 416 8.99 4.07 16.85
C SER B 416 7.88 5.09 16.67
N THR B 417 6.87 4.74 15.86
CA THR B 417 5.71 5.61 15.71
C THR B 417 4.99 5.81 17.04
N VAL B 418 4.88 4.74 17.83
CA VAL B 418 4.25 4.85 19.14
C VAL B 418 5.01 5.83 20.02
N LEU B 419 6.34 5.71 20.03
CA LEU B 419 7.15 6.63 20.84
C LEU B 419 6.98 8.08 20.38
N GLY B 420 7.02 8.31 19.07
CA GLY B 420 6.84 9.66 18.55
C GLY B 420 5.46 10.22 18.86
N VAL B 421 4.43 9.38 18.78
CA VAL B 421 3.08 9.84 19.09
C VAL B 421 2.96 10.16 20.56
N SER B 422 3.62 9.40 21.44
CA SER B 422 3.62 9.75 22.85
C SER B 422 4.27 11.12 23.08
N ILE B 423 5.37 11.39 22.39
CA ILE B 423 5.98 12.71 22.54
C ILE B 423 5.05 13.80 22.00
N LEU B 424 4.36 13.56 20.88
CA LEU B 424 3.36 14.51 20.40
C LEU B 424 2.22 14.72 21.39
N ASN B 425 1.72 13.64 21.98
CA ASN B 425 0.66 13.67 22.98
C ASN B 425 1.05 14.42 24.23
N LEU B 426 2.34 14.47 24.55
CA LEU B 426 2.82 15.29 25.66
C LEU B 426 2.57 16.78 25.45
N GLY B 427 1.99 17.18 24.33
CA GLY B 427 1.86 18.59 24.00
C GLY B 427 0.50 19.20 24.25
N GLN B 428 -0.37 18.50 24.97
CA GLN B 428 -1.65 19.07 25.35
C GLN B 428 -1.45 20.12 26.45
N LYS B 429 -2.42 21.02 26.57
CA LYS B 429 -2.32 22.06 27.57
C LYS B 429 -2.31 21.51 29.00
N LYS B 430 -2.92 20.35 29.20
CA LYS B 430 -2.87 19.72 30.52
C LYS B 430 -1.46 19.30 30.89
N TYR B 431 -0.58 19.11 29.89
CA TYR B 431 0.78 18.68 30.13
C TYR B 431 1.78 19.82 30.02
N THR B 432 1.64 20.68 29.01
CA THR B 432 2.51 21.84 28.90
C THR B 432 2.28 22.81 30.07
N LYS B 433 1.04 22.90 30.55
CA LYS B 433 0.69 23.75 31.68
C LYS B 433 1.09 25.20 31.44
N THR B 434 0.84 25.66 30.21
CA THR B 434 1.16 27.03 29.83
C THR B 434 0.22 27.45 28.71
N THR B 435 0.51 28.58 28.09
CA THR B 435 -0.33 29.15 27.06
C THR B 435 -0.07 28.58 25.67
N TYR B 436 0.91 27.69 25.52
CA TYR B 436 1.17 27.04 24.25
C TYR B 436 0.87 25.56 24.34
N TRP B 437 0.63 24.95 23.19
CA TRP B 437 0.39 23.52 23.09
C TRP B 437 0.75 23.08 21.69
N TRP B 438 0.97 21.77 21.52
CA TRP B 438 1.37 21.26 20.23
C TRP B 438 0.70 19.92 19.98
N ASP B 439 0.66 19.55 18.69
CA ASP B 439 0.20 18.25 18.22
C ASP B 439 0.69 18.11 16.80
N GLY B 440 0.53 16.92 16.23
CA GLY B 440 0.97 16.72 14.86
C GLY B 440 0.84 15.29 14.42
N LEU B 441 1.63 14.94 13.42
CA LEU B 441 1.59 13.63 12.78
C LEU B 441 2.92 12.90 13.00
N GLN B 442 2.85 11.58 13.06
CA GLN B 442 4.03 10.76 13.29
C GLN B 442 3.95 9.51 12.42
N SER B 443 5.01 9.22 11.69
CA SER B 443 5.13 8.01 10.88
C SER B 443 6.56 7.52 11.01
N SER B 444 6.75 6.46 11.78
CA SER B 444 8.07 5.94 12.12
C SER B 444 8.94 7.03 12.71
N ASP B 445 9.82 7.62 11.90
CA ASP B 445 10.67 8.71 12.36
C ASP B 445 10.27 10.07 11.83
N ASP B 446 9.59 10.13 10.69
CA ASP B 446 9.15 11.41 10.15
C ASP B 446 7.99 11.95 10.97
N PHE B 447 7.92 13.28 11.07
CA PHE B 447 6.86 13.89 11.85
C PHE B 447 6.53 15.25 11.27
N ALA B 448 5.33 15.73 11.60
CA ALA B 448 4.95 17.12 11.41
C ALA B 448 4.34 17.61 12.72
N LEU B 449 4.64 18.85 13.09
CA LEU B 449 4.25 19.38 14.38
C LEU B 449 3.52 20.70 14.18
N ILE B 450 2.38 20.85 14.85
CA ILE B 450 1.60 22.09 14.84
C ILE B 450 1.67 22.69 16.24
N VAL B 451 2.08 23.95 16.32
CA VAL B 451 2.26 24.65 17.58
C VAL B 451 1.34 25.85 17.62
N ASN B 452 0.60 25.99 18.71
CA ASN B 452 -0.30 27.13 18.92
C ASN B 452 0.14 27.91 20.14
N ALA B 453 0.06 29.24 20.05
CA ALA B 453 0.47 30.10 21.15
C ALA B 453 -0.11 31.48 20.91
N PRO B 454 -0.31 32.27 21.96
CA PRO B 454 -0.82 33.65 21.76
C PRO B 454 0.11 34.54 20.97
N ASN B 455 1.43 34.30 21.01
CA ASN B 455 2.36 35.15 20.29
C ASN B 455 3.57 34.33 19.84
N HIS B 456 4.52 35.01 19.20
CA HIS B 456 5.70 34.34 18.66
C HIS B 456 6.59 33.79 19.77
N GLU B 457 6.68 34.49 20.90
CA GLU B 457 7.45 33.99 22.03
C GLU B 457 6.92 32.63 22.50
N GLY B 458 5.60 32.49 22.56
CA GLY B 458 5.03 31.22 22.92
C GLY B 458 5.33 30.14 21.91
N ILE B 459 5.34 30.50 20.62
CA ILE B 459 5.69 29.53 19.58
C ILE B 459 7.12 29.04 19.76
N GLN B 460 8.03 29.97 20.01
CA GLN B 460 9.42 29.60 20.25
C GLN B 460 9.55 28.72 21.48
N ALA B 461 8.85 29.07 22.55
CA ALA B 461 8.92 28.28 23.78
C ALA B 461 8.37 26.87 23.57
N GLY B 462 7.27 26.75 22.82
CA GLY B 462 6.72 25.44 22.56
C GLY B 462 7.62 24.59 21.69
N VAL B 463 8.23 25.19 20.67
CA VAL B 463 9.18 24.44 19.85
C VAL B 463 10.38 24.00 20.68
N ASP B 464 10.89 24.89 21.53
CA ASP B 464 12.01 24.52 22.40
C ASP B 464 11.64 23.38 23.34
N ARG B 465 10.45 23.44 23.93
CA ARG B 465 10.04 22.38 24.85
C ARG B 465 9.89 21.06 24.13
N PHE B 466 9.31 21.08 22.92
CA PHE B 466 9.21 19.85 22.14
C PHE B 466 10.58 19.28 21.83
N TYR B 467 11.51 20.15 21.40
CA TYR B 467 12.86 19.71 21.07
C TYR B 467 13.56 19.10 22.27
N ARG B 468 13.44 19.73 23.44
CA ARG B 468 14.12 19.25 24.63
C ARG B 468 13.49 17.96 25.16
N THR B 469 12.17 17.84 25.07
CA THR B 469 11.52 16.58 25.45
C THR B 469 11.97 15.44 24.55
N CYS B 470 12.05 15.71 23.24
CA CYS B 470 12.55 14.70 22.32
C CYS B 470 13.98 14.31 22.67
N LYS B 471 14.82 15.30 22.99
CA LYS B 471 16.17 15.00 23.45
C LYS B 471 16.15 14.10 24.68
N LEU B 472 15.22 14.36 25.60
CA LEU B 472 15.13 13.53 26.80
C LEU B 472 14.81 12.08 26.46
N VAL B 473 13.92 11.86 25.49
CA VAL B 473 13.57 10.49 25.14
C VAL B 473 14.50 9.94 24.06
N GLY B 474 15.56 10.69 23.76
CA GLY B 474 16.54 10.23 22.79
C GLY B 474 16.18 10.48 21.34
N ILE B 475 15.35 11.48 21.06
CA ILE B 475 14.96 11.83 19.70
C ILE B 475 15.62 13.15 19.35
N ASN B 476 16.36 13.18 18.25
CA ASN B 476 17.10 14.35 17.83
C ASN B 476 16.46 14.92 16.58
N MET B 477 15.92 16.12 16.68
CA MET B 477 15.26 16.77 15.55
C MET B 477 16.33 17.34 14.62
N SER B 478 16.34 16.89 13.38
CA SER B 478 17.31 17.36 12.40
C SER B 478 17.07 18.83 12.13
N LYS B 479 17.97 19.69 12.61
CA LYS B 479 17.82 21.12 12.40
C LYS B 479 18.02 21.49 10.94
N LYS B 480 18.98 20.86 10.26
CA LYS B 480 19.28 21.23 8.88
C LYS B 480 18.27 20.69 7.89
N LYS B 481 17.36 19.82 8.31
CA LYS B 481 16.33 19.29 7.41
C LYS B 481 14.92 19.65 7.87
N SER B 482 14.78 20.58 8.80
CA SER B 482 13.47 20.97 9.31
C SER B 482 13.29 22.47 9.18
N TYR B 483 12.04 22.89 8.99
CA TYR B 483 11.70 24.31 8.94
C TYR B 483 10.30 24.49 9.50
N ILE B 484 9.92 25.74 9.72
CA ILE B 484 8.65 26.08 10.35
C ILE B 484 8.06 27.28 9.63
N ASN B 485 6.74 27.26 9.46
CA ASN B 485 6.01 28.36 8.84
C ASN B 485 4.58 28.34 9.37
N ARG B 486 3.80 29.34 8.97
CA ARG B 486 2.40 29.40 9.36
C ARG B 486 1.67 28.15 8.89
N THR B 487 0.75 27.67 9.71
CA THR B 487 0.06 26.42 9.41
C THR B 487 -0.77 26.57 8.13
N GLY B 488 -0.74 25.52 7.31
CA GLY B 488 -1.44 25.53 6.04
C GLY B 488 -0.69 24.82 4.95
N THR B 489 0.64 24.79 5.04
CA THR B 489 1.47 24.03 4.11
C THR B 489 2.53 23.28 4.88
N PHE B 490 2.72 22.01 4.56
CA PHE B 490 3.77 21.20 5.17
C PHE B 490 4.04 20.01 4.27
N GLU B 491 5.08 19.27 4.62
CA GLU B 491 5.42 18.04 3.92
C GLU B 491 5.54 16.92 4.95
N PHE B 492 5.01 15.76 4.63
CA PHE B 492 5.00 14.63 5.56
C PHE B 492 5.01 13.33 4.78
N THR B 493 6.05 12.53 4.99
CA THR B 493 6.23 11.24 4.32
C THR B 493 6.09 11.38 2.81
N SER B 494 6.78 12.38 2.25
CA SER B 494 6.84 12.67 0.83
C SER B 494 5.52 13.12 0.25
N PHE B 495 4.53 13.41 1.10
CA PHE B 495 3.28 14.01 0.66
C PHE B 495 3.36 15.52 0.87
N PHE B 496 3.05 16.27 -0.16
CA PHE B 496 3.15 17.72 -0.12
C PHE B 496 1.76 18.32 0.07
N TYR B 497 1.57 19.03 1.17
CA TYR B 497 0.29 19.58 1.57
C TYR B 497 0.31 21.08 1.35
N ARG B 498 -0.57 21.56 0.49
CA ARG B 498 -0.78 23.00 0.28
C ARG B 498 -2.27 23.24 0.44
N TYR B 499 -2.70 23.44 1.69
CA TYR B 499 -4.10 23.51 2.07
C TYR B 499 -4.85 22.25 1.68
N GLY B 500 -4.14 21.16 1.52
CA GLY B 500 -4.65 19.90 0.99
C GLY B 500 -3.55 19.23 0.22
N PHE B 501 -3.60 17.91 0.15
CA PHE B 501 -2.54 17.17 -0.51
C PHE B 501 -2.62 17.33 -2.02
N VAL B 502 -1.48 17.61 -2.64
CA VAL B 502 -1.42 17.85 -4.07
C VAL B 502 -1.01 16.56 -4.77
N ALA B 503 -1.28 16.50 -6.08
CA ALA B 503 -0.88 15.36 -6.87
C ALA B 503 0.63 15.39 -7.12
N ASN B 504 1.23 14.20 -7.19
CA ASN B 504 2.64 14.05 -7.51
C ASN B 504 2.75 12.90 -8.52
N PHE B 505 2.76 13.26 -9.80
CA PHE B 505 2.77 12.24 -10.86
C PHE B 505 4.12 11.58 -11.01
N SER B 506 5.22 12.31 -10.77
CA SER B 506 6.56 11.76 -10.99
C SER B 506 6.85 10.56 -10.10
N MET B 507 6.18 10.44 -8.95
CA MET B 507 6.42 9.31 -8.07
C MET B 507 5.94 8.01 -8.69
N GLU B 508 4.83 8.05 -9.43
CA GLU B 508 4.29 6.87 -10.07
C GLU B 508 4.79 6.69 -11.50
N LEU B 509 5.59 7.63 -12.01
CA LEU B 509 6.07 7.54 -13.38
C LEU B 509 6.88 6.27 -13.67
N PRO B 510 7.77 5.80 -12.79
CA PRO B 510 8.48 4.55 -13.09
C PRO B 510 7.59 3.33 -13.19
N SER B 511 6.36 3.38 -12.66
CA SER B 511 5.47 2.23 -12.76
C SER B 511 4.96 2.02 -14.18
N PHE B 512 4.88 3.08 -14.98
CA PHE B 512 4.48 2.95 -16.37
C PHE B 512 5.56 2.21 -17.14
N GLY B 513 5.13 1.29 -18.01
CA GLY B 513 6.04 0.49 -18.81
C GLY B 513 5.73 -0.99 -18.69
N VAL B 514 6.57 -1.78 -19.34
CA VAL B 514 6.40 -3.22 -19.37
C VAL B 514 6.93 -3.80 -18.06
N SER B 515 6.03 -4.38 -17.26
CA SER B 515 6.41 -4.83 -15.92
C SER B 515 7.27 -6.08 -15.95
N GLY B 516 7.05 -6.96 -16.93
CA GLY B 516 7.89 -8.13 -17.06
C GLY B 516 7.41 -9.36 -16.34
N ILE B 517 6.12 -9.67 -16.47
CA ILE B 517 5.55 -10.90 -15.95
C ILE B 517 5.36 -11.85 -17.12
N ASN B 518 4.51 -11.45 -18.05
CA ASN B 518 4.29 -12.10 -19.34
C ASN B 518 3.46 -11.12 -20.17
N GLU B 519 3.04 -11.55 -21.35
CA GLU B 519 2.38 -10.64 -22.27
C GLU B 519 1.03 -10.17 -21.73
N SER B 520 0.19 -11.12 -21.31
CA SER B 520 -1.14 -10.77 -20.82
C SER B 520 -1.05 -9.90 -19.57
N ALA B 521 -0.24 -10.32 -18.61
CA ALA B 521 -0.12 -9.59 -17.37
C ALA B 521 0.42 -8.19 -17.60
N ASP B 522 1.40 -8.05 -18.52
CA ASP B 522 1.97 -6.74 -18.77
C ASP B 522 0.96 -5.81 -19.43
N MET B 523 0.15 -6.33 -20.35
CA MET B 523 -0.91 -5.50 -20.94
C MET B 523 -1.88 -5.02 -19.86
N SER B 524 -2.31 -5.94 -18.99
CA SER B 524 -3.22 -5.56 -17.91
C SER B 524 -2.60 -4.54 -16.99
N VAL B 525 -1.31 -4.70 -16.66
CA VAL B 525 -0.64 -3.77 -15.77
C VAL B 525 -0.59 -2.39 -16.40
N GLY B 526 -0.26 -2.32 -17.70
CA GLY B 526 -0.18 -1.02 -18.35
C GLY B 526 -1.51 -0.28 -18.31
N VAL B 527 -2.59 -0.96 -18.69
CA VAL B 527 -3.88 -0.26 -18.72
C VAL B 527 -4.34 0.09 -17.31
N THR B 528 -4.12 -0.82 -16.35
CA THR B 528 -4.55 -0.56 -14.98
C THR B 528 -3.77 0.59 -14.36
N VAL B 529 -2.47 0.69 -14.66
CA VAL B 529 -1.67 1.80 -14.16
C VAL B 529 -2.18 3.12 -14.74
N ILE B 530 -2.49 3.14 -16.03
CA ILE B 530 -3.03 4.37 -16.61
C ILE B 530 -4.34 4.76 -15.91
N LYS B 531 -5.23 3.78 -15.69
CA LYS B 531 -6.51 4.08 -15.04
C LYS B 531 -6.30 4.58 -13.61
N ASN B 532 -5.42 3.91 -12.86
CA ASN B 532 -5.19 4.30 -11.46
C ASN B 532 -4.59 5.69 -11.37
N ASN B 533 -3.69 6.04 -12.28
CA ASN B 533 -3.12 7.38 -12.24
C ASN B 533 -4.12 8.43 -12.71
N MET B 534 -5.07 8.05 -13.58
CA MET B 534 -6.17 8.97 -13.88
C MET B 534 -6.99 9.24 -12.63
N ILE B 535 -7.27 8.20 -11.85
CA ILE B 535 -8.12 8.36 -10.68
C ILE B 535 -7.41 9.16 -9.59
N ASN B 536 -6.14 8.83 -9.32
CA ASN B 536 -5.45 9.31 -8.12
C ASN B 536 -4.55 10.50 -8.38
N ASN B 537 -3.64 10.40 -9.35
CA ASN B 537 -2.57 11.37 -9.51
C ASN B 537 -2.89 12.44 -10.54
N ASP B 538 -4.17 12.71 -10.80
CA ASP B 538 -4.62 13.78 -11.67
C ASP B 538 -4.02 13.67 -13.07
N LEU B 539 -3.98 12.44 -13.59
CA LEU B 539 -3.51 12.20 -14.96
C LEU B 539 -4.65 12.51 -15.92
N GLY B 540 -4.48 13.55 -16.73
CA GLY B 540 -5.54 14.02 -17.62
C GLY B 540 -5.84 13.05 -18.74
N PRO B 541 -7.03 13.19 -19.33
CA PRO B 541 -7.44 12.25 -20.39
C PRO B 541 -6.53 12.25 -21.60
N ALA B 542 -6.08 13.42 -22.05
CA ALA B 542 -5.18 13.48 -23.20
C ALA B 542 -3.85 12.80 -22.88
N THR B 543 -3.30 13.10 -21.71
CA THR B 543 -2.07 12.44 -21.30
C THR B 543 -2.29 10.95 -21.06
N ALA B 544 -3.50 10.55 -20.66
CA ALA B 544 -3.79 9.13 -20.53
C ALA B 544 -3.78 8.44 -21.87
N GLN B 545 -4.35 9.07 -22.90
CA GLN B 545 -4.31 8.49 -24.24
C GLN B 545 -2.87 8.40 -24.75
N MET B 546 -2.08 9.45 -24.53
CA MET B 546 -0.68 9.40 -24.95
C MET B 546 0.10 8.35 -24.17
N ALA B 547 -0.21 8.18 -22.90
CA ALA B 547 0.41 7.13 -22.10
C ALA B 547 0.05 5.76 -22.64
N LEU B 548 -1.21 5.58 -23.06
CA LEU B 548 -1.62 4.32 -23.65
C LEU B 548 -0.86 4.06 -24.94
N GLN B 549 -0.69 5.08 -25.78
CA GLN B 549 0.07 4.92 -27.01
C GLN B 549 1.52 4.53 -26.73
N LEU B 550 2.15 5.23 -25.79
CA LEU B 550 3.54 4.94 -25.45
C LEU B 550 3.68 3.54 -24.85
N PHE B 551 2.74 3.14 -24.01
CA PHE B 551 2.79 1.80 -23.45
C PHE B 551 2.63 0.75 -24.53
N ILE B 552 1.73 0.97 -25.49
CA ILE B 552 1.54 0.01 -26.57
C ILE B 552 2.82 -0.10 -27.40
N LYS B 553 3.47 1.03 -27.67
CA LYS B 553 4.71 1.01 -28.42
C LYS B 553 5.79 0.21 -27.69
N ASP B 554 5.95 0.48 -26.40
CA ASP B 554 6.96 -0.23 -25.61
C ASP B 554 6.61 -1.71 -25.50
N TYR B 555 5.33 -2.02 -25.38
CA TYR B 555 4.89 -3.41 -25.28
C TYR B 555 5.18 -4.17 -26.56
N ARG B 556 4.91 -3.54 -27.71
CA ARG B 556 5.19 -4.20 -28.99
C ARG B 556 6.68 -4.38 -29.21
N TYR B 557 7.49 -3.39 -28.84
CA TYR B 557 8.93 -3.54 -29.01
C TYR B 557 9.50 -4.60 -28.06
N THR B 558 9.03 -4.61 -26.82
CA THR B 558 9.58 -5.54 -25.83
C THR B 558 9.30 -6.98 -26.19
N TYR B 559 8.08 -7.29 -26.61
CA TYR B 559 7.65 -8.66 -26.83
C TYR B 559 7.67 -9.08 -28.29
N ARG B 560 8.21 -8.25 -29.17
CA ARG B 560 8.33 -8.57 -30.59
C ARG B 560 6.97 -8.89 -31.19
N CYS B 561 5.95 -8.13 -30.78
CA CYS B 561 4.58 -8.39 -31.21
C CYS B 561 3.99 -7.20 -31.93
N HIS B 562 4.75 -6.63 -32.88
CA HIS B 562 4.25 -5.55 -33.70
C HIS B 562 3.07 -6.02 -34.54
N ARG B 563 2.40 -5.08 -35.18
CA ARG B 563 1.22 -5.39 -35.98
C ARG B 563 1.58 -6.33 -37.12
N GLY B 564 0.64 -7.22 -37.44
CA GLY B 564 0.85 -8.16 -38.53
C GLY B 564 1.06 -7.49 -39.87
N ASP B 565 0.39 -6.36 -40.10
CA ASP B 565 0.46 -5.65 -41.37
C ASP B 565 1.63 -4.68 -41.43
N THR B 566 2.66 -4.90 -40.62
CA THR B 566 3.90 -4.12 -40.69
C THR B 566 5.04 -5.04 -41.08
N GLN B 567 6.16 -4.44 -41.45
CA GLN B 567 7.35 -5.18 -41.86
C GLN B 567 8.51 -4.95 -40.90
N ILE B 568 8.21 -4.87 -39.61
CA ILE B 568 9.27 -4.83 -38.60
C ILE B 568 9.94 -6.19 -38.58
N GLN B 569 11.23 -6.23 -38.94
CA GLN B 569 11.93 -7.50 -39.06
C GLN B 569 12.38 -7.96 -37.68
N THR B 570 11.64 -8.89 -37.10
CA THR B 570 12.01 -9.56 -35.87
C THR B 570 11.98 -11.07 -36.10
N ARG B 571 12.48 -11.81 -35.12
CA ARG B 571 12.43 -13.27 -35.22
C ARG B 571 11.00 -13.79 -35.18
N ARG B 572 10.10 -13.06 -34.53
CA ARG B 572 8.70 -13.45 -34.38
C ARG B 572 7.83 -12.91 -35.50
N ALA B 573 8.37 -12.10 -36.41
CA ALA B 573 7.55 -11.41 -37.39
C ALA B 573 6.93 -12.35 -38.41
N PHE B 574 7.63 -13.41 -38.79
CA PHE B 574 7.08 -14.33 -39.77
C PHE B 574 5.86 -15.08 -39.24
N GLU B 575 5.93 -15.56 -37.99
CA GLU B 575 4.80 -16.25 -37.41
C GLU B 575 3.61 -15.32 -37.27
N LEU B 576 3.84 -14.08 -36.85
CA LEU B 576 2.75 -13.13 -36.72
C LEU B 576 2.17 -12.78 -38.08
N LYS B 577 3.00 -12.72 -39.11
CA LYS B 577 2.50 -12.50 -40.47
C LYS B 577 1.61 -13.65 -40.91
N LYS B 578 2.04 -14.88 -40.64
CA LYS B 578 1.22 -16.04 -40.99
C LYS B 578 -0.11 -16.04 -40.25
N LEU B 579 -0.08 -15.72 -38.95
CA LEU B 579 -1.32 -15.68 -38.19
C LEU B 579 -2.24 -14.55 -38.66
N TRP B 580 -1.65 -13.41 -39.04
CA TRP B 580 -2.43 -12.30 -39.56
C TRP B 580 -3.09 -12.65 -40.89
N GLU B 581 -2.36 -13.34 -41.76
CA GLU B 581 -2.91 -13.67 -43.08
C GLU B 581 -4.13 -14.58 -42.97
N GLN B 582 -4.06 -15.60 -42.10
CA GLN B 582 -5.13 -16.58 -42.03
C GLN B 582 -6.33 -16.11 -41.23
N THR B 583 -6.20 -15.04 -40.44
CA THR B 583 -7.31 -14.54 -39.64
C THR B 583 -8.29 -13.77 -40.52
N ARG B 584 -9.58 -13.91 -40.21
CA ARG B 584 -10.60 -13.17 -40.94
C ARG B 584 -10.93 -11.85 -40.25
N SER B 585 -11.16 -11.87 -38.95
CA SER B 585 -11.46 -10.67 -38.18
C SER B 585 -10.18 -10.24 -37.46
N LYS B 586 -9.53 -9.21 -37.99
CA LYS B 586 -8.23 -8.80 -37.46
C LYS B 586 -8.35 -8.15 -36.09
N ALA B 587 -9.47 -7.46 -35.83
CA ALA B 587 -9.60 -6.75 -34.56
C ALA B 587 -9.63 -7.72 -33.38
N GLY B 588 -10.04 -8.97 -33.61
CA GLY B 588 -10.11 -9.94 -32.54
C GLY B 588 -8.77 -10.42 -32.04
N LEU B 589 -7.72 -10.29 -32.84
CA LEU B 589 -6.39 -10.70 -32.41
C LEU B 589 -5.90 -9.79 -31.29
N LEU B 590 -5.25 -10.39 -30.30
CA LEU B 590 -4.63 -9.61 -29.25
C LEU B 590 -3.40 -8.88 -29.78
N VAL B 591 -2.99 -7.83 -29.05
CA VAL B 591 -1.76 -7.14 -29.41
C VAL B 591 -0.58 -8.09 -29.31
N SER B 592 -0.64 -9.06 -28.39
CA SER B 592 0.42 -10.07 -28.29
C SER B 592 0.49 -10.91 -29.57
N ASP B 593 -0.61 -11.02 -30.30
CA ASP B 593 -0.67 -11.77 -31.54
C ASP B 593 -0.59 -10.86 -32.76
N GLY B 594 -0.21 -9.59 -32.58
CA GLY B 594 -0.09 -8.67 -33.67
C GLY B 594 -1.35 -7.91 -34.02
N GLY B 595 -2.41 -8.05 -33.25
CA GLY B 595 -3.64 -7.35 -33.52
C GLY B 595 -3.56 -5.89 -33.14
N PRO B 596 -4.61 -5.15 -33.47
CA PRO B 596 -4.64 -3.72 -33.18
C PRO B 596 -4.99 -3.44 -31.72
N ASN B 597 -4.75 -2.19 -31.33
CA ASN B 597 -5.03 -1.72 -29.97
C ASN B 597 -6.43 -1.12 -29.95
N LEU B 598 -7.34 -1.74 -29.21
CA LEU B 598 -8.71 -1.28 -29.10
C LEU B 598 -8.97 -0.52 -27.81
N TYR B 599 -7.95 -0.28 -27.00
CA TYR B 599 -8.13 0.41 -25.73
C TYR B 599 -8.27 1.91 -25.94
N ASN B 600 -9.16 2.50 -25.16
CA ASN B 600 -9.27 3.95 -25.04
C ASN B 600 -9.64 4.25 -23.59
N ILE B 601 -10.00 5.51 -23.32
CA ILE B 601 -10.29 5.92 -21.95
C ILE B 601 -11.47 5.14 -21.38
N ARG B 602 -12.47 4.86 -22.22
CA ARG B 602 -13.72 4.29 -21.71
C ARG B 602 -13.56 2.84 -21.27
N ASN B 603 -12.60 2.11 -21.83
CA ASN B 603 -12.49 0.68 -21.57
C ASN B 603 -11.13 0.30 -20.96
N LEU B 604 -10.53 1.19 -20.19
CA LEU B 604 -9.27 0.87 -19.53
C LEU B 604 -9.43 -0.21 -18.46
N HIS B 605 -10.63 -0.41 -17.94
CA HIS B 605 -10.88 -1.33 -16.85
C HIS B 605 -11.24 -2.73 -17.30
N ILE B 606 -11.18 -3.01 -18.59
CA ILE B 606 -11.67 -4.26 -19.17
C ILE B 606 -10.48 -5.07 -19.64
N PRO B 607 -10.39 -6.36 -19.29
CA PRO B 607 -9.29 -7.19 -19.80
C PRO B 607 -9.34 -7.30 -21.32
N GLU B 608 -8.17 -7.44 -21.93
CA GLU B 608 -8.07 -7.40 -23.39
C GLU B 608 -8.80 -8.57 -24.03
N VAL B 609 -8.65 -9.76 -23.46
CA VAL B 609 -9.29 -10.95 -24.04
C VAL B 609 -10.80 -10.80 -24.00
N CYS B 610 -11.34 -10.26 -22.92
CA CYS B 610 -12.77 -10.00 -22.84
C CYS B 610 -13.18 -8.79 -23.68
N LEU B 611 -12.30 -7.81 -23.83
CA LEU B 611 -12.63 -6.61 -24.58
C LEU B 611 -12.94 -6.92 -26.04
N LYS B 612 -12.15 -7.81 -26.65
CA LYS B 612 -12.31 -8.18 -28.05
C LYS B 612 -12.71 -9.63 -28.21
N TRP B 613 -13.44 -10.17 -27.23
CA TRP B 613 -13.83 -11.58 -27.28
C TRP B 613 -14.76 -11.86 -28.46
N GLU B 614 -15.74 -10.99 -28.68
CA GLU B 614 -16.73 -11.22 -29.73
C GLU B 614 -16.22 -10.86 -31.12
N LEU B 615 -15.03 -10.30 -31.23
CA LEU B 615 -14.42 -10.01 -32.53
C LEU B 615 -13.47 -11.11 -32.99
N MET B 616 -13.31 -12.18 -32.21
CA MET B 616 -12.32 -13.20 -32.54
C MET B 616 -12.91 -14.25 -33.49
N ASP B 617 -12.04 -14.81 -34.31
CA ASP B 617 -12.40 -16.00 -35.05
C ASP B 617 -12.61 -17.16 -34.09
N GLU B 618 -13.48 -18.10 -34.48
CA GLU B 618 -13.79 -19.22 -33.61
C GLU B 618 -12.57 -20.10 -33.38
N ASP B 619 -11.84 -20.40 -34.44
CA ASP B 619 -10.69 -21.30 -34.29
C ASP B 619 -9.53 -20.61 -33.60
N TYR B 620 -9.29 -19.34 -33.92
CA TYR B 620 -8.24 -18.59 -33.22
C TYR B 620 -8.55 -18.49 -31.73
N GLN B 621 -9.81 -18.21 -31.40
CA GLN B 621 -10.20 -18.14 -30.00
C GLN B 621 -10.08 -19.50 -29.33
N GLY B 622 -10.41 -20.57 -30.05
CA GLY B 622 -10.27 -21.90 -29.47
C GLY B 622 -8.83 -22.27 -29.20
N ARG B 623 -7.92 -21.86 -30.10
CA ARG B 623 -6.50 -22.14 -29.89
C ARG B 623 -5.95 -21.29 -28.75
N LEU B 624 -6.28 -20.00 -28.73
CA LEU B 624 -5.76 -19.10 -27.71
C LEU B 624 -6.17 -19.53 -26.31
N CYS B 625 -7.45 -19.80 -26.12
CA CYS B 625 -7.99 -20.24 -24.84
C CYS B 625 -8.15 -21.76 -24.81
N ASN B 626 -7.04 -22.47 -25.04
CA ASN B 626 -7.06 -23.92 -25.04
C ASN B 626 -6.38 -24.45 -23.79
N PRO B 627 -7.10 -25.08 -22.87
CA PRO B 627 -6.45 -25.58 -21.64
C PRO B 627 -5.37 -26.62 -21.90
N MET B 628 -5.44 -27.34 -23.01
CA MET B 628 -4.43 -28.33 -23.36
C MET B 628 -3.28 -27.70 -24.15
N ASN B 629 -2.71 -26.63 -23.63
CA ASN B 629 -1.55 -26.01 -24.24
C ASN B 629 -0.36 -26.12 -23.29
N PRO B 630 0.86 -26.29 -23.82
CA PRO B 630 2.01 -26.55 -22.95
C PRO B 630 2.58 -25.31 -22.26
N PHE B 631 2.14 -24.12 -22.62
CA PHE B 631 2.72 -22.90 -22.07
C PHE B 631 2.12 -22.49 -20.74
N VAL B 632 0.97 -23.04 -20.37
CA VAL B 632 0.37 -22.80 -19.06
C VAL B 632 -0.01 -24.15 -18.46
N SER B 633 0.47 -24.41 -17.24
CA SER B 633 0.25 -25.69 -16.58
C SER B 633 -1.24 -25.99 -16.41
N ASN B 642 -15.70 -29.28 -19.46
CA ASN B 642 -15.20 -28.07 -20.08
C ASN B 642 -14.30 -27.30 -19.12
N ALA B 643 -12.99 -27.40 -19.34
CA ALA B 643 -12.00 -26.74 -18.49
C ALA B 643 -11.58 -25.41 -19.11
N VAL B 644 -10.78 -24.66 -18.34
CA VAL B 644 -10.22 -23.39 -18.78
C VAL B 644 -8.73 -23.39 -18.46
N VAL B 645 -8.02 -22.46 -19.09
CA VAL B 645 -6.57 -22.39 -18.92
C VAL B 645 -6.26 -21.90 -17.51
N MET B 646 -5.54 -22.71 -16.76
CA MET B 646 -5.07 -22.37 -15.42
C MET B 646 -3.63 -22.86 -15.28
N PRO B 647 -2.81 -22.17 -14.46
CA PRO B 647 -1.43 -22.57 -14.25
C PRO B 647 -1.29 -23.83 -13.40
N SER B 654 -2.19 -17.48 -8.43
CA SER B 654 -1.04 -16.68 -8.78
C SER B 654 -1.25 -15.95 -10.11
N MET B 655 -2.50 -15.66 -10.43
CA MET B 655 -2.85 -14.96 -11.66
C MET B 655 -3.06 -13.47 -11.39
N GLU B 656 -1.98 -12.82 -10.94
CA GLU B 656 -2.03 -11.38 -10.72
C GLU B 656 -2.03 -10.65 -12.05
N TYR B 657 -2.93 -9.68 -12.19
CA TYR B 657 -3.09 -8.90 -13.41
C TYR B 657 -3.33 -9.79 -14.62
N ASP B 658 -3.99 -10.93 -14.42
CA ASP B 658 -4.31 -11.85 -15.52
C ASP B 658 -5.70 -12.41 -15.24
N ALA B 659 -6.72 -11.73 -15.74
CA ALA B 659 -8.09 -12.15 -15.50
C ALA B 659 -8.40 -13.48 -16.18
N VAL B 660 -8.09 -13.57 -17.47
CA VAL B 660 -8.33 -14.77 -18.25
C VAL B 660 -6.98 -15.28 -18.74
N ALA B 661 -6.66 -16.52 -18.40
CA ALA B 661 -5.39 -17.10 -18.79
C ALA B 661 -5.47 -17.61 -20.22
N THR B 662 -4.49 -17.23 -21.03
CA THR B 662 -4.38 -17.70 -22.41
C THR B 662 -3.01 -18.30 -22.62
N THR B 663 -2.66 -18.61 -23.87
CA THR B 663 -1.32 -19.08 -24.16
C THR B 663 -0.26 -18.00 -23.96
N HIS B 664 -0.67 -16.75 -23.79
CA HIS B 664 0.26 -15.65 -23.55
C HIS B 664 0.60 -15.48 -22.08
N SER B 665 0.11 -16.36 -21.21
CA SER B 665 0.40 -16.32 -19.79
C SER B 665 1.56 -17.24 -19.42
N TRP B 666 2.52 -17.40 -20.32
CA TRP B 666 3.65 -18.27 -20.10
C TRP B 666 4.54 -17.75 -18.97
N ILE B 667 5.50 -18.58 -18.59
CA ILE B 667 6.41 -18.30 -17.48
C ILE B 667 7.82 -18.26 -18.03
N PRO B 668 8.60 -17.20 -17.80
CA PRO B 668 9.97 -17.15 -18.30
C PRO B 668 10.90 -18.05 -17.49
N LYS B 669 12.11 -18.20 -18.01
CA LYS B 669 13.09 -19.08 -17.41
C LYS B 669 13.61 -18.52 -16.09
N ARG B 670 14.00 -19.43 -15.19
CA ARG B 670 14.66 -19.06 -13.95
C ARG B 670 16.14 -18.80 -14.18
N ASN B 671 16.76 -18.12 -13.22
CA ASN B 671 18.20 -17.92 -13.26
C ASN B 671 18.91 -19.25 -13.02
N ARG B 672 19.95 -19.51 -13.80
CA ARG B 672 20.67 -20.77 -13.74
C ARG B 672 22.03 -20.63 -13.05
N SER B 673 22.25 -19.54 -12.32
CA SER B 673 23.52 -19.33 -11.65
C SER B 673 23.77 -20.35 -10.54
N ILE B 674 22.72 -20.96 -9.99
CA ILE B 674 22.90 -21.89 -8.89
C ILE B 674 23.53 -23.19 -9.34
N LEU B 675 23.48 -23.50 -10.64
CA LEU B 675 24.07 -24.73 -11.14
C LEU B 675 25.59 -24.76 -11.01
N ASN B 676 26.23 -23.60 -10.85
CA ASN B 676 27.67 -23.53 -10.69
C ASN B 676 28.10 -23.54 -9.23
N THR B 677 27.16 -23.59 -8.29
CA THR B 677 27.46 -23.56 -6.87
C THR B 677 27.31 -24.95 -6.28
N SER B 678 27.58 -25.06 -4.98
CA SER B 678 27.41 -26.31 -4.25
C SER B 678 25.99 -26.50 -3.74
N GLN B 679 25.13 -25.51 -3.93
CA GLN B 679 23.74 -25.59 -3.51
C GLN B 679 22.82 -26.09 -4.62
N ARG B 680 23.35 -26.84 -5.58
CA ARG B 680 22.56 -27.28 -6.72
C ARG B 680 21.70 -28.50 -6.43
N GLY B 681 21.84 -29.11 -5.25
CA GLY B 681 20.90 -30.14 -4.84
C GLY B 681 19.56 -29.59 -4.40
N ILE B 682 19.49 -28.29 -4.13
CA ILE B 682 18.23 -27.65 -3.78
C ILE B 682 17.24 -27.77 -4.92
N LEU B 683 17.73 -27.79 -6.16
CA LEU B 683 16.83 -27.93 -7.31
C LEU B 683 16.13 -29.29 -7.30
N GLU B 684 16.90 -30.36 -7.11
CA GLU B 684 16.29 -31.69 -7.02
C GLU B 684 15.35 -31.77 -5.81
N ASP B 685 15.76 -31.19 -4.69
CA ASP B 685 14.93 -31.23 -3.49
C ASP B 685 13.60 -30.53 -3.72
N GLU B 686 13.62 -29.36 -4.38
CA GLU B 686 12.37 -28.65 -4.62
C GLU B 686 11.53 -29.33 -5.68
N GLN B 687 12.17 -30.02 -6.64
CA GLN B 687 11.40 -30.80 -7.60
C GLN B 687 10.62 -31.90 -6.89
N MET B 688 11.27 -32.60 -5.97
CA MET B 688 10.56 -33.65 -5.22
C MET B 688 9.52 -33.06 -4.28
N TYR B 689 9.79 -31.89 -3.70
CA TYR B 689 8.78 -31.21 -2.89
C TYR B 689 7.54 -30.89 -3.70
N GLN B 690 7.72 -30.36 -4.91
CA GLN B 690 6.58 -30.05 -5.77
C GLN B 690 5.81 -31.32 -6.14
N LYS B 691 6.53 -32.41 -6.42
CA LYS B 691 5.87 -33.67 -6.72
C LYS B 691 4.98 -34.11 -5.57
N CYS B 692 5.54 -34.09 -4.35
CA CYS B 692 4.76 -34.51 -3.18
C CYS B 692 3.58 -33.58 -2.92
N CYS B 693 3.78 -32.28 -3.11
CA CYS B 693 2.69 -31.32 -2.88
C CYS B 693 1.56 -31.54 -3.88
N ASN B 694 1.88 -31.78 -5.15
CA ASN B 694 0.83 -32.04 -6.13
C ASN B 694 0.10 -33.34 -5.83
N LEU B 695 0.83 -34.37 -5.39
CA LEU B 695 0.17 -35.60 -4.98
C LEU B 695 -0.78 -35.35 -3.82
N PHE B 696 -0.36 -34.55 -2.84
CA PHE B 696 -1.23 -34.22 -1.72
C PHE B 696 -2.47 -33.48 -2.19
N GLU B 697 -2.30 -32.53 -3.11
CA GLU B 697 -3.44 -31.79 -3.63
C GLU B 697 -4.41 -32.71 -4.35
N LYS B 698 -3.91 -33.82 -4.91
CA LYS B 698 -4.82 -34.82 -5.45
C LYS B 698 -5.76 -35.42 -4.39
N PHE B 699 -5.40 -35.33 -3.11
CA PHE B 699 -6.21 -35.88 -2.04
C PHE B 699 -7.07 -34.84 -1.33
N PHE B 700 -6.62 -33.59 -1.25
CA PHE B 700 -7.33 -32.51 -0.58
C PHE B 700 -7.56 -31.39 -1.57
N PRO B 701 -8.71 -31.37 -2.25
CA PRO B 701 -8.92 -30.38 -3.32
C PRO B 701 -8.86 -28.94 -2.84
N SER B 702 -9.22 -28.68 -1.59
CA SER B 702 -9.25 -27.32 -1.08
C SER B 702 -7.89 -26.81 -0.62
N SER B 703 -6.85 -27.64 -0.70
CA SER B 703 -5.54 -27.25 -0.20
C SER B 703 -4.99 -26.04 -0.94
N SER B 704 -5.16 -26.00 -2.27
CA SER B 704 -4.69 -24.86 -3.03
C SER B 704 -5.53 -23.61 -2.74
N TYR B 705 -6.85 -23.79 -2.60
CA TYR B 705 -7.72 -22.65 -2.37
C TYR B 705 -7.47 -22.03 -0.99
N ARG B 706 -7.43 -22.87 0.04
CA ARG B 706 -7.15 -22.40 1.40
C ARG B 706 -6.08 -23.30 2.01
N ARG B 707 -5.13 -22.67 2.70
CA ARG B 707 -3.97 -23.39 3.20
C ARG B 707 -4.39 -24.46 4.20
N PRO B 708 -3.99 -25.71 4.01
CA PRO B 708 -4.34 -26.76 4.97
C PRO B 708 -3.58 -26.60 6.28
N VAL B 709 -4.17 -27.14 7.34
CA VAL B 709 -3.61 -27.09 8.68
C VAL B 709 -3.63 -28.49 9.26
N GLY B 710 -2.59 -28.86 10.00
CA GLY B 710 -2.59 -30.16 10.65
C GLY B 710 -1.23 -30.59 11.18
N ILE B 711 -1.25 -31.36 12.28
CA ILE B 711 -0.03 -31.88 12.86
C ILE B 711 0.38 -33.23 12.27
N SER B 712 -0.52 -33.91 11.57
CA SER B 712 -0.22 -35.22 11.01
C SER B 712 0.67 -35.10 9.77
N SER B 713 1.41 -36.17 9.49
CA SER B 713 2.27 -36.19 8.33
C SER B 713 1.44 -36.28 7.05
N MET B 714 2.09 -35.95 5.93
CA MET B 714 1.38 -35.93 4.66
C MET B 714 0.88 -37.32 4.27
N VAL B 715 1.72 -38.34 4.42
CA VAL B 715 1.28 -39.69 4.07
C VAL B 715 0.15 -40.15 4.97
N GLU B 716 0.23 -39.83 6.26
CA GLU B 716 -0.83 -40.23 7.19
C GLU B 716 -2.15 -39.55 6.84
N ALA B 717 -2.10 -38.24 6.56
CA ALA B 717 -3.32 -37.51 6.20
C ALA B 717 -3.91 -38.05 4.91
N MET B 718 -3.05 -38.32 3.91
CA MET B 718 -3.55 -38.84 2.64
C MET B 718 -4.15 -40.23 2.81
N VAL B 719 -3.52 -41.10 3.61
CA VAL B 719 -4.07 -42.43 3.83
C VAL B 719 -5.41 -42.37 4.55
N SER B 720 -5.52 -41.52 5.57
CA SER B 720 -6.78 -41.38 6.28
C SER B 720 -7.88 -40.86 5.36
N ARG B 721 -7.56 -39.86 4.53
CA ARG B 721 -8.54 -39.34 3.59
C ARG B 721 -8.96 -40.40 2.59
N ALA B 722 -8.00 -41.17 2.08
CA ALA B 722 -8.33 -42.24 1.14
C ALA B 722 -9.22 -43.28 1.77
N ARG B 723 -8.97 -43.63 3.03
CA ARG B 723 -9.78 -44.66 3.68
C ARG B 723 -11.21 -44.16 3.91
N ILE B 724 -11.36 -42.94 4.42
CA ILE B 724 -12.71 -42.44 4.66
C ILE B 724 -13.46 -42.26 3.35
N ASP B 725 -12.78 -41.79 2.30
CA ASP B 725 -13.43 -41.62 1.01
C ASP B 725 -13.83 -42.95 0.39
N ALA B 726 -12.97 -43.97 0.49
CA ALA B 726 -13.33 -45.29 -0.03
C ALA B 726 -14.52 -45.86 0.72
N ARG B 727 -14.53 -45.70 2.05
CA ARG B 727 -15.67 -46.18 2.83
C ARG B 727 -16.96 -45.48 2.41
N ILE B 728 -16.90 -44.17 2.21
CA ILE B 728 -18.11 -43.44 1.82
C ILE B 728 -18.56 -43.83 0.42
N ASP B 729 -17.62 -44.00 -0.51
CA ASP B 729 -17.98 -44.41 -1.86
C ASP B 729 -18.61 -45.79 -1.86
N PHE B 730 -18.08 -46.71 -1.06
CA PHE B 730 -18.71 -48.02 -0.93
C PHE B 730 -20.11 -47.90 -0.35
N GLU B 731 -20.26 -47.07 0.69
CA GLU B 731 -21.57 -46.93 1.33
C GLU B 731 -22.60 -46.34 0.38
N SER B 732 -22.22 -45.31 -0.39
CA SER B 732 -23.13 -44.72 -1.36
C SER B 732 -23.19 -45.48 -2.67
N GLY B 733 -22.39 -46.54 -2.82
CA GLY B 733 -22.48 -47.38 -4.01
C GLY B 733 -21.79 -46.83 -5.24
N ARG B 734 -20.98 -45.78 -5.09
CA ARG B 734 -20.26 -45.25 -6.24
C ARG B 734 -19.17 -46.19 -6.72
N ILE B 735 -18.60 -47.02 -5.84
CA ILE B 735 -17.63 -48.02 -6.21
C ILE B 735 -18.06 -49.35 -5.61
N LYS B 736 -17.57 -50.44 -6.21
CA LYS B 736 -17.94 -51.77 -5.79
C LYS B 736 -16.97 -52.30 -4.74
N LYS B 737 -17.34 -53.43 -4.12
CA LYS B 737 -16.56 -53.95 -3.00
C LYS B 737 -15.15 -54.35 -3.41
N GLU B 738 -14.96 -54.81 -4.66
CA GLU B 738 -13.63 -55.19 -5.10
C GLU B 738 -12.68 -54.00 -5.13
N GLU B 739 -13.13 -52.86 -5.66
CA GLU B 739 -12.29 -51.67 -5.68
C GLU B 739 -12.01 -51.17 -4.27
N PHE B 740 -13.01 -51.24 -3.39
CA PHE B 740 -12.80 -50.87 -1.99
C PHE B 740 -11.73 -51.75 -1.35
N ALA B 741 -11.80 -53.07 -1.59
CA ALA B 741 -10.80 -53.97 -1.03
C ALA B 741 -9.42 -53.70 -1.61
N GLU B 742 -9.35 -53.38 -2.90
CA GLU B 742 -8.06 -53.04 -3.51
C GLU B 742 -7.47 -51.79 -2.88
N ILE B 743 -8.30 -50.76 -2.66
CA ILE B 743 -7.82 -49.54 -2.03
C ILE B 743 -7.35 -49.83 -0.61
N MET B 744 -8.08 -50.68 0.11
CA MET B 744 -7.66 -51.04 1.46
C MET B 744 -6.34 -51.80 1.45
N LYS B 745 -6.14 -52.69 0.47
CA LYS B 745 -4.87 -53.41 0.37
C LYS B 745 -3.71 -52.47 0.07
N ILE B 746 -3.92 -51.51 -0.84
CA ILE B 746 -2.87 -50.54 -1.13
C ILE B 746 -2.59 -49.67 0.09
N CYS B 747 -3.62 -49.31 0.84
CA CYS B 747 -3.42 -48.53 2.06
C CYS B 747 -2.63 -49.31 3.09
N SER B 748 -2.91 -50.62 3.23
CA SER B 748 -2.13 -51.44 4.15
C SER B 748 -0.68 -51.53 3.71
N THR B 749 -0.45 -51.67 2.41
CA THR B 749 0.93 -51.68 1.89
C THR B 749 1.63 -50.36 2.20
N ILE B 750 0.93 -49.24 2.02
CA ILE B 750 1.52 -47.93 2.31
C ILE B 750 1.84 -47.81 3.79
N GLU B 751 0.95 -48.30 4.65
CA GLU B 751 1.20 -48.28 6.08
C GLU B 751 2.43 -49.11 6.42
N GLU B 752 2.58 -50.28 5.80
CA GLU B 752 3.77 -51.09 6.02
C GLU B 752 5.03 -50.38 5.58
N LEU B 753 4.99 -49.72 4.41
CA LEU B 753 6.15 -48.98 3.94
C LEU B 753 6.45 -47.78 4.81
N ARG B 754 5.44 -47.24 5.49
CA ARG B 754 5.63 -46.03 6.28
C ARG B 754 6.61 -46.24 7.43
N ARG B 755 6.49 -47.37 8.13
CA ARG B 755 7.38 -47.62 9.27
C ARG B 755 8.81 -47.88 8.82
N GLN B 756 8.98 -48.75 7.83
CA GLN B 756 10.31 -49.10 7.33
C GLN B 756 10.88 -47.98 6.46
N MET C 1 -8.19 -44.62 -6.79
CA MET C 1 -7.29 -45.72 -7.14
C MET C 1 -5.98 -45.21 -7.71
N GLU C 2 -6.06 -44.29 -8.68
CA GLU C 2 -4.86 -43.69 -9.23
C GLU C 2 -4.10 -42.92 -8.17
N ARG C 3 -4.82 -42.18 -7.33
CA ARG C 3 -4.18 -41.42 -6.26
C ARG C 3 -3.42 -42.33 -5.31
N ILE C 4 -4.05 -43.42 -4.87
CA ILE C 4 -3.40 -44.30 -3.91
C ILE C 4 -2.24 -45.04 -4.55
N LYS C 5 -2.33 -45.38 -5.84
CA LYS C 5 -1.21 -46.02 -6.51
C LYS C 5 -0.03 -45.06 -6.64
N GLU C 6 -0.29 -43.79 -6.97
CA GLU C 6 0.79 -42.82 -7.03
C GLU C 6 1.42 -42.60 -5.66
N LEU C 7 0.60 -42.55 -4.61
CA LEU C 7 1.14 -42.41 -3.26
C LEU C 7 1.99 -43.61 -2.89
N ARG C 8 1.54 -44.82 -3.25
CA ARG C 8 2.34 -46.01 -2.99
C ARG C 8 3.67 -45.95 -3.75
N ASP C 9 3.64 -45.41 -4.97
CA ASP C 9 4.87 -45.25 -5.73
C ASP C 9 5.82 -44.29 -5.03
N LEU C 10 5.31 -43.16 -4.52
CA LEU C 10 6.19 -42.21 -3.86
C LEU C 10 6.73 -42.74 -2.55
N MET C 11 5.96 -43.58 -1.84
CA MET C 11 6.45 -44.14 -0.58
C MET C 11 7.52 -45.19 -0.80
N SER C 12 7.62 -45.76 -2.00
CA SER C 12 8.66 -46.74 -2.27
C SER C 12 10.03 -46.09 -2.47
N GLN C 13 10.07 -44.90 -3.04
CA GLN C 13 11.32 -44.18 -3.20
C GLN C 13 11.77 -43.61 -1.87
N SER C 14 13.09 -43.61 -1.65
CA SER C 14 13.62 -43.28 -0.33
C SER C 14 13.42 -41.81 0.03
N ARG C 15 13.76 -40.90 -0.89
CA ARG C 15 13.69 -39.47 -0.57
C ARG C 15 12.25 -39.00 -0.46
N THR C 16 11.39 -39.44 -1.37
CA THR C 16 9.98 -39.04 -1.31
C THR C 16 9.32 -39.58 -0.04
N ARG C 17 9.70 -40.80 0.36
CA ARG C 17 9.18 -41.33 1.62
C ARG C 17 9.62 -40.48 2.81
N GLU C 18 10.87 -40.03 2.80
CA GLU C 18 11.33 -39.15 3.87
C GLU C 18 10.54 -37.85 3.89
N ILE C 19 10.29 -37.27 2.73
CA ILE C 19 9.51 -36.03 2.67
C ILE C 19 8.10 -36.27 3.19
N LEU C 20 7.47 -37.37 2.75
CA LEU C 20 6.09 -37.62 3.11
C LEU C 20 5.93 -37.95 4.59
N THR C 21 6.95 -38.55 5.20
CA THR C 21 6.84 -38.93 6.59
C THR C 21 7.22 -37.78 7.52
N LYS C 22 8.31 -37.09 7.22
CA LYS C 22 8.81 -36.08 8.15
C LYS C 22 8.09 -34.74 8.03
N THR C 23 7.31 -34.51 6.98
CA THR C 23 6.65 -33.23 6.76
C THR C 23 5.20 -33.32 7.23
N THR C 24 4.85 -32.48 8.19
CA THR C 24 3.45 -32.38 8.62
C THR C 24 2.67 -31.52 7.63
N VAL C 25 1.35 -31.51 7.81
CA VAL C 25 0.49 -30.74 6.91
C VAL C 25 0.77 -29.25 7.06
N ASP C 26 1.09 -28.80 8.27
CA ASP C 26 1.45 -27.40 8.47
C ASP C 26 2.70 -27.02 7.71
N HIS C 27 3.71 -27.91 7.70
CA HIS C 27 4.95 -27.66 6.97
C HIS C 27 4.81 -27.90 5.48
N MET C 28 3.66 -28.43 5.03
CA MET C 28 3.46 -28.61 3.60
C MET C 28 3.45 -27.26 2.88
N ALA C 29 2.89 -26.23 3.51
CA ALA C 29 2.93 -24.90 2.92
C ALA C 29 4.37 -24.40 2.79
N ILE C 30 5.18 -24.65 3.82
CA ILE C 30 6.57 -24.21 3.80
C ILE C 30 7.33 -24.91 2.69
N ILE C 31 7.16 -26.23 2.54
CA ILE C 31 7.85 -26.92 1.47
C ILE C 31 7.24 -26.60 0.11
N LYS C 32 5.99 -26.13 0.07
CA LYS C 32 5.38 -25.73 -1.20
C LYS C 32 5.97 -24.42 -1.67
N LYS C 33 6.25 -23.50 -0.75
CA LYS C 33 6.95 -22.28 -1.11
C LYS C 33 8.46 -22.46 -1.18
N TYR C 34 8.96 -23.66 -0.85
CA TYR C 34 10.39 -23.93 -0.88
C TYR C 34 10.93 -23.76 -2.29
N THR C 35 12.04 -23.04 -2.40
CA THR C 35 12.65 -22.80 -3.70
C THR C 35 14.15 -22.61 -3.52
N SER C 36 14.88 -22.80 -4.61
CA SER C 36 16.31 -22.54 -4.61
C SER C 36 16.63 -21.04 -4.63
N GLY C 37 15.64 -20.20 -4.92
CA GLY C 37 15.86 -18.77 -4.97
C GLY C 37 15.68 -18.22 -6.37
N ARG C 38 14.55 -17.55 -6.60
CA ARG C 38 14.28 -16.91 -7.88
C ARG C 38 14.90 -15.52 -7.84
N GLN C 39 16.07 -15.39 -8.45
CA GLN C 39 16.87 -14.16 -8.37
C GLN C 39 16.24 -13.09 -9.26
N GLU C 40 15.07 -12.63 -8.85
CA GLU C 40 14.32 -11.59 -9.55
C GLU C 40 14.32 -10.34 -8.70
N LYS C 41 14.99 -9.29 -9.18
CA LYS C 41 15.05 -8.01 -8.50
C LYS C 41 14.49 -6.87 -9.32
N ASN C 42 14.77 -6.85 -10.63
CA ASN C 42 14.23 -5.83 -11.54
C ASN C 42 13.53 -6.57 -12.67
N PRO C 43 12.25 -6.93 -12.46
CA PRO C 43 11.56 -7.76 -13.47
C PRO C 43 11.45 -7.11 -14.83
N ALA C 44 11.33 -5.78 -14.90
CA ALA C 44 11.26 -5.11 -16.20
C ALA C 44 12.57 -5.26 -16.95
N LEU C 45 13.69 -4.97 -16.29
CA LEU C 45 15.01 -5.17 -16.90
C LEU C 45 15.23 -6.63 -17.27
N ARG C 46 14.82 -7.54 -16.38
CA ARG C 46 15.03 -8.95 -16.66
C ARG C 46 14.22 -9.41 -17.86
N MET C 47 13.00 -8.92 -18.01
CA MET C 47 12.19 -9.29 -19.16
C MET C 47 12.76 -8.71 -20.45
N LYS C 48 13.17 -7.43 -20.42
CA LYS C 48 13.80 -6.86 -21.59
C LYS C 48 15.08 -7.61 -21.97
N TRP C 49 15.81 -8.11 -20.98
CA TRP C 49 17.03 -8.84 -21.25
C TRP C 49 16.73 -10.24 -21.80
N MET C 50 15.71 -10.90 -21.25
CA MET C 50 15.40 -12.26 -21.68
C MET C 50 14.72 -12.31 -23.03
N MET C 51 13.95 -11.28 -23.39
CA MET C 51 13.29 -11.31 -24.70
C MET C 51 14.28 -11.24 -25.85
N ALA C 52 15.54 -10.91 -25.59
CA ALA C 52 16.59 -10.99 -26.59
C ALA C 52 17.23 -12.37 -26.67
N MET C 53 16.83 -13.30 -25.82
CA MET C 53 17.37 -14.65 -25.84
C MET C 53 16.65 -15.52 -26.87
N LYS C 54 17.25 -16.66 -27.18
CA LYS C 54 16.67 -17.56 -28.16
C LYS C 54 15.42 -18.23 -27.62
N TYR C 55 15.49 -18.75 -26.40
CA TYR C 55 14.37 -19.45 -25.76
C TYR C 55 14.15 -18.90 -24.37
N PRO C 56 13.46 -17.78 -24.24
CA PRO C 56 13.20 -17.20 -22.92
C PRO C 56 11.98 -17.77 -22.21
N ILE C 57 11.24 -18.67 -22.84
CA ILE C 57 9.95 -19.13 -22.34
C ILE C 57 10.03 -20.62 -22.03
N THR C 58 9.47 -21.00 -20.88
CA THR C 58 9.38 -22.40 -20.51
C THR C 58 8.05 -22.99 -20.96
N ALA C 59 8.06 -24.30 -21.21
CA ALA C 59 6.85 -25.01 -21.58
C ALA C 59 6.98 -26.46 -21.16
N ASP C 60 5.83 -27.13 -21.04
CA ASP C 60 5.83 -28.53 -20.64
C ASP C 60 6.47 -29.38 -21.73
N LYS C 61 6.98 -30.55 -21.32
CA LYS C 61 7.71 -31.40 -22.24
C LYS C 61 6.84 -31.98 -23.35
N ARG C 62 5.52 -31.84 -23.25
CA ARG C 62 4.63 -32.28 -24.31
C ARG C 62 4.72 -31.42 -25.56
N ILE C 63 5.33 -30.23 -25.46
CA ILE C 63 5.44 -29.36 -26.63
C ILE C 63 6.31 -30.01 -27.70
N MET C 64 7.22 -30.89 -27.31
CA MET C 64 8.06 -31.59 -28.28
C MET C 64 7.25 -32.54 -29.15
N GLU C 65 6.02 -32.86 -28.75
CA GLU C 65 5.13 -33.67 -29.57
C GLU C 65 3.94 -32.89 -30.10
N MET C 66 3.58 -31.77 -29.47
CA MET C 66 2.45 -30.97 -29.92
C MET C 66 2.85 -29.86 -30.89
N ILE C 67 4.10 -29.46 -30.91
CA ILE C 67 4.58 -28.40 -31.79
C ILE C 67 5.85 -28.89 -32.48
N PRO C 68 6.00 -28.69 -33.78
CA PRO C 68 7.22 -29.14 -34.47
C PRO C 68 8.44 -28.35 -34.01
N GLU C 69 9.60 -28.97 -34.19
CA GLU C 69 10.84 -28.32 -33.77
C GLU C 69 11.10 -27.05 -34.58
N ARG C 70 10.76 -27.06 -35.87
CA ARG C 70 10.98 -25.94 -36.75
C ARG C 70 9.72 -25.65 -37.56
N ASN C 71 9.54 -24.39 -37.92
CA ASN C 71 8.39 -23.97 -38.72
C ASN C 71 8.75 -24.07 -40.20
N GLU C 72 7.93 -23.44 -41.06
CA GLU C 72 8.17 -23.49 -42.50
C GLU C 72 9.51 -22.85 -42.85
N GLN C 73 9.82 -21.71 -42.24
CA GLN C 73 11.08 -21.02 -42.52
C GLN C 73 12.27 -21.64 -41.80
N GLY C 74 12.07 -22.75 -41.10
CA GLY C 74 13.16 -23.41 -40.39
C GLY C 74 13.51 -22.82 -39.06
N GLN C 75 12.83 -21.77 -38.62
CA GLN C 75 13.09 -21.18 -37.32
C GLN C 75 12.78 -22.18 -36.22
N THR C 76 13.68 -22.30 -35.25
CA THR C 76 13.50 -23.25 -34.17
C THR C 76 12.45 -22.73 -33.20
N LEU C 77 11.55 -23.62 -32.78
CA LEU C 77 10.46 -23.26 -31.89
C LEU C 77 10.68 -23.70 -30.45
N TRP C 78 11.46 -24.76 -30.24
CA TRP C 78 11.74 -25.21 -28.89
C TRP C 78 13.09 -25.93 -28.88
N SER C 79 13.64 -26.07 -27.67
CA SER C 79 14.89 -26.78 -27.46
C SER C 79 14.70 -27.80 -26.34
N LYS C 80 15.58 -28.79 -26.32
CA LYS C 80 15.49 -29.86 -25.34
C LYS C 80 16.11 -29.51 -23.99
N THR C 81 16.74 -28.35 -23.88
CA THR C 81 17.28 -27.91 -22.60
C THR C 81 16.16 -27.76 -21.59
N ASN C 82 16.37 -28.30 -20.40
CA ASN C 82 15.36 -28.24 -19.34
C ASN C 82 15.54 -26.97 -18.52
N ASP C 83 14.42 -26.47 -18.00
CA ASP C 83 14.46 -25.33 -17.09
C ASP C 83 15.06 -25.77 -15.75
N ALA C 84 15.65 -24.80 -15.05
CA ALA C 84 16.31 -25.10 -13.78
C ALA C 84 15.28 -25.54 -12.74
N GLY C 85 15.58 -26.65 -12.07
CA GLY C 85 14.71 -27.14 -11.03
C GLY C 85 13.39 -27.72 -11.50
N SER C 86 13.31 -28.15 -12.75
CA SER C 86 12.07 -28.68 -13.30
C SER C 86 12.38 -29.47 -14.57
N ASP C 87 11.37 -30.18 -15.05
CA ASP C 87 11.46 -30.92 -16.30
C ASP C 87 10.87 -30.16 -17.49
N ARG C 88 10.43 -28.92 -17.28
CA ARG C 88 9.96 -28.08 -18.36
C ARG C 88 11.12 -27.73 -19.29
N VAL C 89 10.80 -27.57 -20.57
CA VAL C 89 11.81 -27.30 -21.57
C VAL C 89 11.79 -25.82 -21.95
N MET C 90 12.80 -25.38 -22.68
CA MET C 90 12.95 -24.00 -23.08
C MET C 90 12.40 -23.81 -24.49
N VAL C 91 11.52 -22.82 -24.65
CA VAL C 91 10.88 -22.57 -25.94
C VAL C 91 10.95 -21.07 -26.24
N SER C 92 10.74 -20.75 -27.48
CA SER C 92 10.70 -19.43 -28.08
C SER C 92 9.28 -18.88 -28.07
N PRO C 93 9.10 -17.56 -28.06
CA PRO C 93 7.76 -17.00 -28.26
C PRO C 93 7.18 -17.37 -29.60
N LEU C 94 8.02 -17.68 -30.58
CA LEU C 94 7.56 -18.21 -31.85
C LEU C 94 6.71 -19.45 -31.65
N ALA C 95 7.01 -20.25 -30.62
CA ALA C 95 6.18 -21.41 -30.33
C ALA C 95 4.77 -21.00 -29.93
N VAL C 96 4.65 -19.95 -29.12
CA VAL C 96 3.33 -19.50 -28.68
C VAL C 96 2.54 -18.94 -29.86
N THR C 97 3.16 -18.09 -30.67
CA THR C 97 2.41 -17.55 -31.81
C THR C 97 2.21 -18.58 -32.92
N TRP C 98 2.98 -19.67 -32.92
CA TRP C 98 2.67 -20.78 -33.81
C TRP C 98 1.48 -21.57 -33.30
N TRP C 99 1.40 -21.76 -31.98
CA TRP C 99 0.25 -22.44 -31.40
C TRP C 99 -1.02 -21.67 -31.69
N ASN C 100 -0.97 -20.34 -31.57
CA ASN C 100 -2.16 -19.53 -31.76
C ASN C 100 -2.67 -19.55 -33.20
N ARG C 101 -1.90 -20.08 -34.15
CA ARG C 101 -2.36 -20.19 -35.52
C ARG C 101 -2.45 -21.61 -36.04
N ASN C 102 -1.83 -22.58 -35.38
CA ASN C 102 -1.81 -23.96 -35.87
C ASN C 102 -2.18 -24.99 -34.81
N GLY C 103 -2.39 -24.58 -33.56
CA GLY C 103 -2.67 -25.52 -32.51
C GLY C 103 -4.06 -26.11 -32.60
N PRO C 104 -4.31 -27.19 -31.87
CA PRO C 104 -5.65 -27.77 -31.82
C PRO C 104 -6.64 -26.77 -31.22
N THR C 105 -7.87 -26.80 -31.72
CA THR C 105 -8.92 -25.88 -31.32
C THR C 105 -9.94 -26.58 -30.45
N THR C 106 -10.26 -25.98 -29.32
CA THR C 106 -11.28 -26.49 -28.41
C THR C 106 -12.48 -25.55 -28.41
N SER C 107 -13.52 -25.96 -27.70
CA SER C 107 -14.77 -25.20 -27.64
C SER C 107 -14.70 -24.22 -26.48
N THR C 108 -14.68 -22.92 -26.81
CA THR C 108 -14.68 -21.88 -25.79
C THR C 108 -16.09 -21.31 -25.61
N VAL C 109 -17.01 -22.16 -25.15
CA VAL C 109 -18.38 -21.74 -24.92
C VAL C 109 -18.67 -21.47 -23.45
N HIS C 110 -17.89 -22.05 -22.54
CA HIS C 110 -18.09 -21.84 -21.11
C HIS C 110 -17.32 -20.64 -20.57
N TYR C 111 -16.48 -20.01 -21.39
CA TYR C 111 -15.70 -18.87 -20.91
C TYR C 111 -16.56 -17.71 -20.44
N PRO C 112 -17.62 -17.29 -21.15
CA PRO C 112 -18.47 -16.22 -20.59
C PRO C 112 -19.09 -16.58 -19.26
N LYS C 113 -19.35 -17.86 -19.00
CA LYS C 113 -19.89 -18.25 -17.70
C LYS C 113 -18.82 -18.15 -16.61
N VAL C 114 -17.63 -18.67 -16.89
CA VAL C 114 -16.58 -18.70 -15.87
C VAL C 114 -16.12 -17.29 -15.52
N TYR C 115 -16.09 -16.40 -16.50
CA TYR C 115 -15.60 -15.04 -16.28
C TYR C 115 -16.73 -14.04 -16.41
N LYS C 116 -17.86 -14.36 -15.78
CA LYS C 116 -19.08 -13.56 -15.93
C LYS C 116 -18.88 -12.12 -15.51
N THR C 117 -17.98 -11.85 -14.58
CA THR C 117 -17.82 -10.48 -14.09
C THR C 117 -17.22 -9.57 -15.15
N TYR C 118 -16.20 -10.04 -15.85
CA TYR C 118 -15.55 -9.20 -16.86
C TYR C 118 -16.46 -8.99 -18.07
N PHE C 119 -17.13 -10.04 -18.51
CA PHE C 119 -18.10 -9.86 -19.59
C PHE C 119 -19.28 -9.01 -19.15
N GLU C 120 -19.61 -9.03 -17.86
CA GLU C 120 -20.60 -8.11 -17.33
C GLU C 120 -20.13 -6.67 -17.44
N LYS C 121 -18.85 -6.43 -17.14
CA LYS C 121 -18.27 -5.11 -17.37
C LYS C 121 -18.40 -4.72 -18.84
N VAL C 122 -18.10 -5.66 -19.73
CA VAL C 122 -18.18 -5.38 -21.16
C VAL C 122 -19.60 -5.00 -21.56
N GLU C 123 -20.59 -5.74 -21.06
CA GLU C 123 -21.98 -5.45 -21.37
C GLU C 123 -22.40 -4.09 -20.80
N ARG C 124 -21.95 -3.77 -19.59
CA ARG C 124 -22.32 -2.50 -18.99
C ARG C 124 -21.74 -1.33 -19.78
N LEU C 125 -20.51 -1.48 -20.28
CA LEU C 125 -19.95 -0.43 -21.12
C LEU C 125 -20.65 -0.38 -22.48
N LYS C 126 -21.01 -1.54 -23.03
CA LYS C 126 -21.59 -1.60 -24.35
C LYS C 126 -22.94 -0.91 -24.41
N HIS C 127 -23.78 -1.10 -23.39
CA HIS C 127 -25.13 -0.56 -23.38
C HIS C 127 -25.22 0.74 -22.59
N GLY C 128 -24.09 1.29 -22.15
CA GLY C 128 -24.13 2.54 -21.41
C GLY C 128 -24.49 3.71 -22.29
N THR C 129 -24.94 4.78 -21.64
CA THR C 129 -25.36 5.99 -22.30
C THR C 129 -24.47 7.14 -21.85
N PHE C 130 -23.94 7.90 -22.80
CA PHE C 130 -23.07 9.03 -22.52
C PHE C 130 -23.88 10.32 -22.65
N GLY C 131 -23.74 11.19 -21.65
CA GLY C 131 -24.32 12.51 -21.71
C GLY C 131 -23.28 13.54 -22.10
N PRO C 132 -23.61 14.82 -21.92
CA PRO C 132 -22.64 15.87 -22.23
C PRO C 132 -21.53 15.93 -21.19
N VAL C 133 -20.44 16.58 -21.58
CA VAL C 133 -19.31 16.83 -20.69
C VAL C 133 -19.45 18.24 -20.16
N HIS C 134 -19.44 18.39 -18.83
CA HIS C 134 -19.54 19.68 -18.18
C HIS C 134 -18.22 20.01 -17.51
N PHE C 135 -17.66 21.17 -17.85
CA PHE C 135 -16.45 21.66 -17.21
C PHE C 135 -16.84 22.46 -15.98
N ARG C 136 -16.43 21.97 -14.80
CA ARG C 136 -16.90 22.49 -13.54
C ARG C 136 -15.73 22.62 -12.58
N ASN C 137 -16.01 23.13 -11.39
CA ASN C 137 -15.01 23.19 -10.33
C ASN C 137 -15.16 21.93 -9.49
N GLN C 138 -14.50 20.87 -9.91
CA GLN C 138 -14.62 19.58 -9.24
C GLN C 138 -14.03 19.63 -7.84
N VAL C 139 -14.73 19.01 -6.89
CA VAL C 139 -14.26 18.88 -5.52
C VAL C 139 -14.37 17.40 -5.17
N LYS C 140 -13.28 16.67 -5.34
CA LYS C 140 -13.26 15.27 -4.97
C LYS C 140 -12.96 15.11 -3.48
N ILE C 141 -13.54 14.06 -2.89
CA ILE C 141 -13.39 13.77 -1.48
C ILE C 141 -12.97 12.32 -1.32
N ARG C 142 -11.93 12.08 -0.52
CA ARG C 142 -11.48 10.72 -0.29
C ARG C 142 -12.47 9.99 0.61
N ARG C 143 -13.10 8.94 0.08
CA ARG C 143 -14.10 8.18 0.80
C ARG C 143 -13.92 6.71 0.50
N ARG C 144 -14.44 5.87 1.40
CA ARG C 144 -14.45 4.43 1.15
C ARG C 144 -15.55 4.10 0.16
N VAL C 145 -15.16 3.54 -0.98
CA VAL C 145 -16.10 3.11 -2.00
C VAL C 145 -15.85 1.64 -2.29
N ASP C 146 -16.88 0.96 -2.79
CA ASP C 146 -16.78 -0.45 -3.13
C ASP C 146 -16.39 -0.59 -4.59
N ILE C 147 -15.41 -1.45 -4.87
CA ILE C 147 -14.96 -1.66 -6.24
C ILE C 147 -15.50 -3.01 -6.71
N ASN C 148 -15.63 -3.95 -5.79
CA ASN C 148 -16.29 -5.23 -6.05
C ASN C 148 -17.49 -5.33 -5.12
N PRO C 149 -18.72 -5.18 -5.62
CA PRO C 149 -19.88 -5.17 -4.72
C PRO C 149 -20.07 -6.47 -3.98
N GLY C 150 -19.71 -7.59 -4.59
CA GLY C 150 -19.95 -8.89 -3.97
C GLY C 150 -21.44 -9.09 -3.72
N HIS C 151 -21.76 -9.57 -2.52
CA HIS C 151 -23.13 -9.76 -2.10
C HIS C 151 -23.45 -8.74 -1.01
N ALA C 152 -24.72 -8.32 -0.95
CA ALA C 152 -25.09 -7.23 -0.06
C ALA C 152 -24.88 -7.61 1.40
N ASP C 153 -25.62 -8.61 1.88
CA ASP C 153 -25.62 -8.96 3.30
C ASP C 153 -24.58 -10.04 3.62
N LEU C 154 -23.34 -9.78 3.20
CA LEU C 154 -22.25 -10.70 3.47
C LEU C 154 -20.97 -9.93 3.71
N SER C 155 -20.06 -10.54 4.45
CA SER C 155 -18.71 -10.05 4.64
C SER C 155 -17.73 -10.97 3.91
N ALA C 156 -16.46 -10.60 3.91
CA ALA C 156 -15.47 -11.39 3.22
C ALA C 156 -15.34 -12.78 3.84
N LYS C 157 -15.31 -12.86 5.17
CA LYS C 157 -15.19 -14.16 5.83
C LYS C 157 -16.47 -14.99 5.65
N GLU C 158 -17.63 -14.36 5.78
CA GLU C 158 -18.88 -15.09 5.57
C GLU C 158 -18.99 -15.56 4.14
N ALA C 159 -18.59 -14.73 3.18
CA ALA C 159 -18.59 -15.14 1.79
C ALA C 159 -17.64 -16.31 1.57
N GLN C 160 -16.47 -16.28 2.20
CA GLN C 160 -15.53 -17.39 2.05
C GLN C 160 -16.10 -18.68 2.63
N ASP C 161 -16.76 -18.60 3.78
CA ASP C 161 -17.38 -19.79 4.37
C ASP C 161 -18.49 -20.33 3.47
N VAL C 162 -19.29 -19.44 2.89
CA VAL C 162 -20.32 -19.86 1.95
C VAL C 162 -19.70 -20.56 0.75
N ILE C 163 -18.62 -20.00 0.22
CA ILE C 163 -17.94 -20.59 -0.94
C ILE C 163 -17.40 -21.97 -0.58
N MET C 164 -16.79 -22.10 0.59
CA MET C 164 -16.28 -23.41 1.02
C MET C 164 -17.40 -24.41 1.16
N GLU C 165 -18.54 -24.00 1.71
CA GLU C 165 -19.68 -24.91 1.84
C GLU C 165 -20.18 -25.34 0.47
N VAL C 166 -20.27 -24.41 -0.48
CA VAL C 166 -20.83 -24.74 -1.79
C VAL C 166 -19.88 -25.63 -2.58
N VAL C 167 -18.60 -25.31 -2.59
CA VAL C 167 -17.66 -25.99 -3.47
C VAL C 167 -16.98 -27.17 -2.79
N PHE C 168 -16.62 -27.04 -1.51
CA PHE C 168 -15.88 -28.07 -0.78
C PHE C 168 -16.65 -28.44 0.48
N PRO C 169 -17.74 -29.19 0.34
CA PRO C 169 -18.57 -29.49 1.52
C PRO C 169 -17.84 -30.26 2.60
N ASN C 170 -16.91 -31.13 2.24
CA ASN C 170 -16.21 -31.98 3.20
C ASN C 170 -14.94 -31.35 3.74
N GLU C 171 -14.63 -30.13 3.34
CA GLU C 171 -13.43 -29.44 3.82
C GLU C 171 -13.77 -28.21 4.65
N VAL C 172 -15.05 -28.04 5.03
CA VAL C 172 -15.46 -26.84 5.75
C VAL C 172 -14.94 -26.80 7.17
N GLY C 173 -14.55 -27.95 7.72
CA GLY C 173 -14.04 -27.95 9.08
C GLY C 173 -15.17 -27.92 10.09
N ALA C 174 -15.10 -26.96 11.00
CA ALA C 174 -16.10 -26.83 12.07
C ALA C 174 -17.13 -25.74 11.79
N ARG C 175 -17.01 -25.03 10.67
CA ARG C 175 -17.93 -23.93 10.40
C ARG C 175 -19.33 -24.44 10.14
N ILE C 176 -20.31 -23.77 10.72
CA ILE C 176 -21.73 -24.01 10.45
C ILE C 176 -22.35 -22.68 10.06
N LEU C 177 -23.08 -22.68 8.94
CA LEU C 177 -23.68 -21.45 8.45
C LEU C 177 -24.86 -21.07 9.33
N THR C 178 -24.77 -19.90 9.96
CA THR C 178 -25.78 -19.44 10.90
C THR C 178 -26.71 -18.38 10.31
N SER C 179 -26.15 -17.40 9.60
CA SER C 179 -26.97 -16.34 9.03
C SER C 179 -27.91 -16.90 7.98
N GLU C 180 -29.16 -16.43 8.01
CA GLU C 180 -30.13 -16.89 7.01
C GLU C 180 -29.72 -16.49 5.61
N SER C 181 -29.02 -15.37 5.47
CA SER C 181 -28.48 -14.99 4.16
C SER C 181 -27.51 -16.03 3.65
N GLN C 182 -26.63 -16.53 4.53
CA GLN C 182 -25.67 -17.55 4.13
C GLN C 182 -26.38 -18.83 3.68
N LEU C 183 -27.40 -19.26 4.43
CA LEU C 183 -28.12 -20.46 4.05
C LEU C 183 -28.83 -20.28 2.71
N THR C 184 -29.47 -19.13 2.51
CA THR C 184 -30.17 -18.88 1.25
C THR C 184 -29.22 -18.88 0.07
N ILE C 185 -28.11 -18.14 0.19
CA ILE C 185 -27.15 -18.08 -0.90
C ILE C 185 -26.53 -19.44 -1.15
N THR C 186 -26.27 -20.19 -0.09
CA THR C 186 -25.68 -21.52 -0.24
C THR C 186 -26.61 -22.45 -1.01
N LYS C 187 -27.89 -22.48 -0.63
CA LYS C 187 -28.85 -23.30 -1.36
C LYS C 187 -28.96 -22.86 -2.81
N GLU C 188 -29.02 -21.54 -3.04
CA GLU C 188 -29.18 -21.02 -4.39
C GLU C 188 -28.01 -21.41 -5.29
N LYS C 189 -26.78 -21.25 -4.77
CA LYS C 189 -25.61 -21.57 -5.58
C LYS C 189 -25.41 -23.06 -5.73
N LYS C 190 -25.76 -23.85 -4.72
CA LYS C 190 -25.69 -25.30 -4.86
C LYS C 190 -26.65 -25.79 -5.94
N LYS C 191 -27.86 -25.25 -5.98
CA LYS C 191 -28.79 -25.61 -7.04
C LYS C 191 -28.30 -25.12 -8.40
N GLU C 192 -27.81 -23.88 -8.46
CA GLU C 192 -27.37 -23.33 -9.74
C GLU C 192 -26.15 -24.05 -10.27
N LEU C 193 -25.21 -24.42 -9.40
CA LEU C 193 -24.00 -25.11 -9.80
C LEU C 193 -24.13 -26.63 -9.71
N GLN C 194 -25.35 -27.14 -9.57
CA GLN C 194 -25.54 -28.59 -9.56
C GLN C 194 -25.21 -29.18 -10.92
N ASP C 195 -24.50 -30.30 -10.92
CA ASP C 195 -24.06 -30.98 -12.14
C ASP C 195 -23.22 -30.05 -13.01
N CYS C 196 -22.43 -29.18 -12.37
CA CYS C 196 -21.52 -28.30 -13.08
C CYS C 196 -20.27 -29.06 -13.50
N LYS C 197 -19.75 -28.74 -14.68
CA LYS C 197 -18.60 -29.43 -15.24
C LYS C 197 -17.34 -28.55 -15.28
N ILE C 198 -17.18 -27.70 -14.28
CA ILE C 198 -15.99 -26.85 -14.16
C ILE C 198 -15.17 -27.36 -12.98
N ALA C 199 -13.86 -27.10 -13.05
CA ALA C 199 -12.98 -27.53 -11.97
C ALA C 199 -13.37 -26.83 -10.68
N PRO C 200 -13.36 -27.54 -9.54
CA PRO C 200 -13.81 -26.92 -8.29
C PRO C 200 -13.05 -25.67 -7.89
N LEU C 201 -11.75 -25.63 -8.17
CA LEU C 201 -10.98 -24.42 -7.87
C LEU C 201 -11.47 -23.24 -8.70
N MET C 202 -11.76 -23.48 -9.98
CA MET C 202 -12.27 -22.43 -10.84
C MET C 202 -13.66 -21.98 -10.37
N VAL C 203 -14.49 -22.92 -9.94
CA VAL C 203 -15.80 -22.56 -9.40
C VAL C 203 -15.66 -21.71 -8.15
N ALA C 204 -14.70 -22.06 -7.29
CA ALA C 204 -14.46 -21.26 -6.08
C ALA C 204 -14.02 -19.85 -6.43
N TYR C 205 -13.16 -19.71 -7.44
CA TYR C 205 -12.74 -18.38 -7.86
C TYR C 205 -13.89 -17.59 -8.47
N MET C 206 -14.78 -18.27 -9.21
CA MET C 206 -15.98 -17.61 -9.74
C MET C 206 -16.84 -17.09 -8.60
N LEU C 207 -17.06 -17.92 -7.58
CA LEU C 207 -17.87 -17.49 -6.45
C LEU C 207 -17.19 -16.38 -5.66
N GLU C 208 -15.85 -16.37 -5.63
CA GLU C 208 -15.14 -15.26 -5.00
C GLU C 208 -15.37 -13.97 -5.77
N ARG C 209 -15.31 -14.03 -7.09
CA ARG C 209 -15.58 -12.84 -7.88
C ARG C 209 -17.03 -12.38 -7.74
N GLU C 210 -17.94 -13.31 -7.48
CA GLU C 210 -19.36 -12.99 -7.42
C GLU C 210 -19.83 -12.53 -6.04
N LEU C 211 -19.22 -13.02 -4.95
CA LEU C 211 -19.76 -12.86 -3.62
C LEU C 211 -18.90 -12.08 -2.65
N VAL C 212 -17.63 -11.83 -2.94
CA VAL C 212 -16.72 -11.25 -1.98
C VAL C 212 -16.64 -9.75 -2.19
N ARG C 213 -17.04 -8.99 -1.18
CA ARG C 213 -17.05 -7.54 -1.25
C ARG C 213 -15.64 -7.00 -1.08
N LYS C 214 -15.34 -5.90 -1.79
CA LYS C 214 -14.05 -5.24 -1.68
C LYS C 214 -14.27 -3.73 -1.73
N THR C 215 -13.83 -3.03 -0.68
CA THR C 215 -13.98 -1.59 -0.58
C THR C 215 -12.61 -0.94 -0.40
N ARG C 216 -12.46 0.24 -0.98
CA ARG C 216 -11.21 0.97 -0.92
C ARG C 216 -11.48 2.46 -0.83
N PHE C 217 -10.51 3.20 -0.31
CA PHE C 217 -10.57 4.65 -0.28
C PHE C 217 -10.08 5.20 -1.61
N LEU C 218 -10.90 6.03 -2.25
CA LEU C 218 -10.53 6.66 -3.50
C LEU C 218 -11.02 8.10 -3.49
N PRO C 219 -10.34 9.00 -4.19
CA PRO C 219 -10.88 10.35 -4.36
C PRO C 219 -12.03 10.34 -5.35
N VAL C 220 -13.25 10.47 -4.85
CA VAL C 220 -14.45 10.15 -5.63
C VAL C 220 -15.35 11.37 -5.69
N ALA C 221 -15.89 11.62 -6.88
CA ALA C 221 -17.02 12.51 -7.08
C ALA C 221 -18.10 11.73 -7.82
N GLY C 222 -19.36 12.11 -7.58
CA GLY C 222 -20.44 11.34 -8.15
C GLY C 222 -20.75 10.10 -7.33
N GLY C 223 -21.39 9.14 -7.99
CA GLY C 223 -21.85 7.96 -7.30
C GLY C 223 -20.71 7.08 -6.83
N THR C 224 -20.92 6.45 -5.67
CA THR C 224 -19.92 5.58 -5.08
C THR C 224 -20.26 4.10 -5.23
N SER C 225 -21.22 3.75 -6.08
CA SER C 225 -21.50 2.35 -6.34
C SER C 225 -20.46 1.76 -7.28
N SER C 226 -20.41 0.43 -7.32
CA SER C 226 -19.39 -0.25 -8.09
C SER C 226 -19.48 0.08 -9.58
N VAL C 227 -20.70 0.16 -10.12
CA VAL C 227 -20.86 0.41 -11.55
C VAL C 227 -20.34 1.79 -11.92
N TYR C 228 -20.31 2.73 -10.97
CA TYR C 228 -19.74 4.05 -11.23
C TYR C 228 -18.28 4.14 -10.86
N ILE C 229 -17.82 3.33 -9.91
CA ILE C 229 -16.42 3.34 -9.52
C ILE C 229 -15.54 2.75 -10.62
N GLU C 230 -16.03 1.68 -11.27
CA GLU C 230 -15.24 1.04 -12.32
C GLU C 230 -14.98 1.95 -13.50
N VAL C 231 -15.80 2.99 -13.68
CA VAL C 231 -15.60 3.96 -14.74
C VAL C 231 -15.29 5.34 -14.17
N LEU C 232 -14.75 5.39 -12.95
CA LEU C 232 -14.45 6.66 -12.31
C LEU C 232 -13.40 7.45 -13.09
N HIS C 233 -12.45 6.76 -13.72
CA HIS C 233 -11.49 7.44 -14.58
C HIS C 233 -12.17 8.10 -15.77
N LEU C 234 -13.25 7.49 -16.26
CA LEU C 234 -13.95 8.01 -17.43
C LEU C 234 -14.90 9.13 -17.08
N THR C 235 -15.57 9.04 -15.93
CA THR C 235 -16.69 9.93 -15.65
C THR C 235 -16.29 11.19 -14.88
N GLN C 236 -15.20 11.16 -14.13
CA GLN C 236 -14.83 12.28 -13.28
C GLN C 236 -13.40 12.73 -13.57
N GLY C 237 -13.20 14.04 -13.63
CA GLY C 237 -11.89 14.60 -13.84
C GLY C 237 -11.58 15.73 -12.87
N THR C 238 -10.43 16.39 -13.05
CA THR C 238 -10.08 17.48 -12.15
C THR C 238 -10.85 18.75 -12.47
N CYS C 239 -11.27 18.94 -13.72
CA CYS C 239 -11.96 20.14 -14.13
C CYS C 239 -13.23 19.85 -14.94
N TRP C 240 -13.64 18.59 -15.02
CA TRP C 240 -14.74 18.23 -15.90
C TRP C 240 -15.51 17.06 -15.32
N GLU C 241 -16.76 16.93 -15.75
CA GLU C 241 -17.61 15.81 -15.38
C GLU C 241 -18.26 15.28 -16.65
N GLN C 242 -18.15 13.97 -16.86
CA GLN C 242 -18.72 13.30 -18.02
C GLN C 242 -19.99 12.58 -17.58
N MET C 243 -21.14 13.04 -18.05
CA MET C 243 -22.40 12.39 -17.72
C MET C 243 -22.47 11.02 -18.37
N TYR C 244 -22.75 9.99 -17.56
CA TYR C 244 -22.73 8.63 -18.05
C TYR C 244 -23.60 7.75 -17.16
N THR C 245 -24.31 6.81 -17.77
CA THR C 245 -25.15 5.87 -17.04
C THR C 245 -24.78 4.46 -17.50
N PRO C 246 -24.41 3.57 -16.59
CA PRO C 246 -24.09 2.20 -17.00
C PRO C 246 -25.31 1.50 -17.59
N GLY C 247 -25.04 0.59 -18.53
CA GLY C 247 -26.11 -0.03 -19.29
C GLY C 247 -26.80 -1.20 -18.63
N GLY C 248 -26.31 -1.67 -17.48
CA GLY C 248 -26.88 -2.83 -16.83
C GLY C 248 -28.15 -2.51 -16.07
N GLU C 249 -28.50 -3.42 -15.17
CA GLU C 249 -29.64 -3.26 -14.29
C GLU C 249 -29.15 -2.70 -12.96
N VAL C 250 -29.80 -1.64 -12.48
CA VAL C 250 -29.37 -0.92 -11.29
C VAL C 250 -29.99 -1.56 -10.06
N ARG C 251 -29.18 -1.79 -9.03
CA ARG C 251 -29.69 -2.28 -7.76
C ARG C 251 -30.61 -1.24 -7.13
N ASN C 252 -31.69 -1.74 -6.52
CA ASN C 252 -32.70 -0.84 -5.99
C ASN C 252 -32.30 -0.20 -4.67
N ASP C 253 -31.46 -0.87 -3.87
CA ASP C 253 -31.00 -0.27 -2.62
C ASP C 253 -30.13 0.96 -2.90
N ASP C 254 -29.33 0.91 -3.97
CA ASP C 254 -28.58 2.08 -4.39
C ASP C 254 -29.52 3.23 -4.76
N VAL C 255 -30.62 2.90 -5.45
CA VAL C 255 -31.59 3.93 -5.81
C VAL C 255 -32.19 4.54 -4.55
N ASP C 256 -32.53 3.70 -3.56
CA ASP C 256 -33.10 4.21 -2.33
C ASP C 256 -32.13 5.15 -1.61
N GLN C 257 -30.86 4.72 -1.50
CA GLN C 257 -29.87 5.54 -0.81
C GLN C 257 -29.64 6.87 -1.53
N SER C 258 -29.53 6.83 -2.85
CA SER C 258 -29.31 8.05 -3.61
C SER C 258 -30.51 8.97 -3.54
N LEU C 259 -31.72 8.40 -3.55
CA LEU C 259 -32.92 9.22 -3.39
C LEU C 259 -32.95 9.89 -2.04
N ILE C 260 -32.56 9.17 -0.98
CA ILE C 260 -32.51 9.78 0.34
C ILE C 260 -31.52 10.92 0.37
N ILE C 261 -30.33 10.72 -0.21
CA ILE C 261 -29.32 11.77 -0.23
C ILE C 261 -29.84 13.00 -0.97
N ALA C 262 -30.39 12.79 -2.16
CA ALA C 262 -30.88 13.90 -2.97
C ALA C 262 -32.02 14.62 -2.28
N ALA C 263 -32.95 13.88 -1.69
CA ALA C 263 -34.08 14.50 -1.01
C ALA C 263 -33.61 15.33 0.18
N ARG C 264 -32.66 14.80 0.96
CA ARG C 264 -32.14 15.57 2.09
C ARG C 264 -31.47 16.86 1.62
N ASN C 265 -30.65 16.77 0.57
CA ASN C 265 -29.99 17.97 0.05
C ASN C 265 -31.02 18.99 -0.43
N ILE C 266 -32.03 18.52 -1.18
CA ILE C 266 -33.01 19.42 -1.75
C ILE C 266 -33.84 20.09 -0.65
N VAL C 267 -34.27 19.32 0.34
CA VAL C 267 -35.07 19.89 1.42
C VAL C 267 -34.26 20.90 2.22
N ARG C 268 -33.02 20.55 2.56
CA ARG C 268 -32.20 21.48 3.34
C ARG C 268 -31.94 22.76 2.57
N ARG C 269 -31.68 22.66 1.27
CA ARG C 269 -31.49 23.87 0.47
C ARG C 269 -32.77 24.69 0.38
N ALA C 270 -33.93 24.02 0.26
CA ALA C 270 -35.19 24.72 0.09
C ALA C 270 -35.63 25.43 1.37
N THR C 271 -35.21 24.93 2.53
CA THR C 271 -35.64 25.52 3.78
C THR C 271 -35.22 26.98 3.92
N VAL C 272 -34.15 27.38 3.23
CA VAL C 272 -33.63 28.74 3.35
C VAL C 272 -34.16 29.68 2.28
N SER C 273 -34.96 29.18 1.35
CA SER C 273 -35.50 30.03 0.29
C SER C 273 -36.68 30.84 0.81
N ALA C 274 -37.11 31.82 0.00
CA ALA C 274 -38.27 32.62 0.35
C ALA C 274 -39.55 31.79 0.29
N ASP C 275 -39.70 31.00 -0.78
CA ASP C 275 -40.82 30.07 -0.92
C ASP C 275 -40.24 28.67 -1.00
N PRO C 276 -40.16 27.96 0.13
CA PRO C 276 -39.56 26.62 0.11
C PRO C 276 -40.26 25.63 -0.80
N LEU C 277 -41.58 25.71 -0.92
CA LEU C 277 -42.32 24.70 -1.69
C LEU C 277 -41.99 24.79 -3.18
N ALA C 278 -42.04 26.00 -3.75
CA ALA C 278 -41.73 26.15 -5.17
C ALA C 278 -40.30 25.75 -5.47
N SER C 279 -39.36 26.15 -4.60
CA SER C 279 -37.97 25.77 -4.78
C SER C 279 -37.80 24.26 -4.73
N LEU C 280 -38.47 23.60 -3.79
CA LEU C 280 -38.38 22.15 -3.71
C LEU C 280 -38.93 21.49 -4.96
N LEU C 281 -40.06 21.98 -5.47
CA LEU C 281 -40.64 21.39 -6.67
C LEU C 281 -39.72 21.56 -7.86
N GLU C 282 -39.23 22.78 -8.09
CA GLU C 282 -38.39 23.03 -9.24
C GLU C 282 -37.06 22.30 -9.13
N MET C 283 -36.59 22.03 -7.91
CA MET C 283 -35.38 21.24 -7.75
C MET C 283 -35.63 19.75 -7.98
N CYS C 284 -36.80 19.25 -7.56
CA CYS C 284 -37.10 17.84 -7.77
C CYS C 284 -37.34 17.54 -9.25
N HIS C 285 -37.91 18.49 -9.99
CA HIS C 285 -38.10 18.27 -11.42
C HIS C 285 -36.81 18.39 -12.22
N SER C 286 -35.77 18.97 -11.64
CA SER C 286 -34.50 19.17 -12.33
C SER C 286 -33.44 18.16 -11.90
N THR C 287 -33.79 17.19 -11.08
CA THR C 287 -32.82 16.27 -10.49
C THR C 287 -32.95 14.90 -11.15
N GLN C 288 -31.80 14.31 -11.50
CA GLN C 288 -31.75 12.97 -12.05
C GLN C 288 -30.89 12.10 -11.15
N ILE C 289 -31.29 10.84 -10.99
CA ILE C 289 -30.59 9.89 -10.13
C ILE C 289 -30.24 8.68 -10.98
N GLY C 290 -28.98 8.58 -11.39
CA GLY C 290 -28.56 7.47 -12.23
C GLY C 290 -29.23 7.43 -13.59
N GLY C 291 -29.37 8.60 -14.23
CA GLY C 291 -30.00 8.65 -15.53
C GLY C 291 -31.51 8.59 -15.50
N VAL C 292 -32.12 8.62 -14.33
CA VAL C 292 -33.57 8.54 -14.19
C VAL C 292 -34.06 9.81 -13.51
N ARG C 293 -35.15 10.37 -14.02
CA ARG C 293 -35.74 11.56 -13.42
C ARG C 293 -36.17 11.28 -11.99
N MET C 294 -35.98 12.27 -11.13
CA MET C 294 -36.28 12.08 -9.70
C MET C 294 -37.78 11.90 -9.47
N VAL C 295 -38.61 12.61 -10.24
CA VAL C 295 -40.05 12.56 -10.02
C VAL C 295 -40.59 11.15 -10.30
N ASP C 296 -40.07 10.51 -11.34
CA ASP C 296 -40.49 9.14 -11.63
C ASP C 296 -40.11 8.20 -10.50
N ILE C 297 -38.89 8.33 -9.98
CA ILE C 297 -38.46 7.50 -8.86
C ILE C 297 -39.37 7.73 -7.66
N LEU C 298 -39.66 8.99 -7.35
CA LEU C 298 -40.55 9.30 -6.24
C LEU C 298 -41.92 8.66 -6.45
N ARG C 299 -42.40 8.65 -7.69
CA ARG C 299 -43.69 8.03 -7.97
C ARG C 299 -43.64 6.51 -7.88
N GLN C 300 -42.46 5.90 -8.00
CA GLN C 300 -42.38 4.44 -7.94
C GLN C 300 -41.33 3.96 -6.95
N ASN C 301 -41.19 4.62 -5.81
CA ASN C 301 -40.26 4.13 -4.80
C ASN C 301 -40.88 4.15 -3.41
N PRO C 302 -41.00 3.00 -2.75
CA PRO C 302 -41.55 2.92 -1.39
C PRO C 302 -40.48 3.04 -0.31
N THR C 303 -39.90 4.24 -0.18
CA THR C 303 -38.83 4.49 0.78
C THR C 303 -39.37 5.33 1.94
N GLU C 304 -39.12 4.85 3.15
CA GLU C 304 -39.61 5.50 4.37
C GLU C 304 -38.52 6.44 4.88
N GLU C 305 -38.65 7.73 4.59
CA GLU C 305 -37.67 8.71 5.01
C GLU C 305 -38.34 10.07 5.06
N GLN C 306 -37.87 10.92 5.97
CA GLN C 306 -38.53 12.21 6.21
C GLN C 306 -38.42 13.13 5.00
N ALA C 307 -37.21 13.31 4.47
CA ALA C 307 -37.03 14.20 3.33
C ALA C 307 -37.70 13.64 2.08
N VAL C 308 -37.62 12.32 1.90
CA VAL C 308 -38.29 11.68 0.77
C VAL C 308 -39.80 11.88 0.87
N ASP C 309 -40.35 11.75 2.08
CA ASP C 309 -41.78 11.95 2.25
C ASP C 309 -42.17 13.41 2.06
N ILE C 310 -41.31 14.36 2.44
CA ILE C 310 -41.60 15.76 2.17
C ILE C 310 -41.62 16.02 0.67
N CYS C 311 -40.67 15.44 -0.06
CA CYS C 311 -40.65 15.57 -1.51
C CYS C 311 -41.89 14.95 -2.13
N LYS C 312 -42.31 13.79 -1.64
CA LYS C 312 -43.54 13.17 -2.14
C LYS C 312 -44.76 14.04 -1.86
N ALA C 313 -44.86 14.57 -0.65
CA ALA C 313 -46.01 15.37 -0.27
C ALA C 313 -46.08 16.65 -1.09
N ALA C 314 -44.93 17.24 -1.41
CA ALA C 314 -44.92 18.45 -2.23
C ALA C 314 -45.49 18.21 -3.62
N MET C 315 -45.47 16.97 -4.09
CA MET C 315 -45.99 16.62 -5.41
C MET C 315 -47.35 15.96 -5.36
N GLY C 316 -48.05 16.03 -4.24
CA GLY C 316 -49.37 15.45 -4.12
C GLY C 316 -49.40 13.95 -3.93
N LEU C 317 -48.26 13.30 -3.78
CA LEU C 317 -48.23 11.87 -3.54
C LEU C 317 -48.58 11.55 -2.10
N ARG C 318 -49.07 10.33 -1.88
CA ARG C 318 -49.35 9.86 -0.54
C ARG C 318 -48.07 9.39 0.13
N ILE C 319 -47.92 9.71 1.40
CA ILE C 319 -46.71 9.41 2.15
C ILE C 319 -47.07 8.50 3.32
N SER C 320 -46.05 7.79 3.80
CA SER C 320 -46.13 7.03 5.04
C SER C 320 -45.15 7.69 6.01
N SER C 321 -45.69 8.35 7.03
CA SER C 321 -44.85 9.13 7.93
C SER C 321 -44.03 8.20 8.81
N SER C 322 -43.03 7.56 8.21
CA SER C 322 -42.23 6.54 8.88
C SER C 322 -40.76 6.80 8.60
N PHE C 323 -39.91 6.04 9.27
CA PHE C 323 -38.48 6.08 9.02
C PHE C 323 -37.87 4.77 9.52
N SER C 324 -36.60 4.58 9.20
CA SER C 324 -35.88 3.37 9.55
C SER C 324 -34.87 3.66 10.65
N PHE C 325 -34.68 2.70 11.54
CA PHE C 325 -33.67 2.82 12.59
C PHE C 325 -33.30 1.43 13.05
N GLY C 326 -32.10 0.99 12.69
CA GLY C 326 -31.61 -0.30 13.14
C GLY C 326 -32.39 -1.49 12.61
N GLY C 327 -32.82 -1.43 11.36
CA GLY C 327 -33.54 -2.54 10.76
C GLY C 327 -35.00 -2.61 11.07
N PHE C 328 -35.56 -1.58 11.70
CA PHE C 328 -36.98 -1.53 12.04
C PHE C 328 -37.59 -0.26 11.47
N THR C 329 -38.87 -0.35 11.12
CA THR C 329 -39.61 0.80 10.59
C THR C 329 -40.38 1.44 11.73
N PHE C 330 -39.94 2.62 12.16
CA PHE C 330 -40.61 3.37 13.20
C PHE C 330 -41.69 4.25 12.62
N LYS C 331 -42.74 4.47 13.41
CA LYS C 331 -43.81 5.39 13.03
C LYS C 331 -44.33 6.07 14.29
N ARG C 332 -44.33 7.39 14.30
CA ARG C 332 -44.72 8.15 15.48
C ARG C 332 -46.23 8.28 15.52
N THR C 333 -46.88 7.49 16.38
CA THR C 333 -48.33 7.59 16.53
C THR C 333 -48.72 8.92 17.17
N SER C 334 -48.00 9.34 18.20
CA SER C 334 -48.31 10.60 18.86
C SER C 334 -47.05 11.13 19.54
N GLY C 335 -46.97 12.44 19.67
CA GLY C 335 -45.85 13.11 20.30
C GLY C 335 -45.14 14.04 19.33
N SER C 336 -44.22 14.81 19.91
CA SER C 336 -43.40 15.75 19.14
C SER C 336 -42.03 15.84 19.77
N SER C 337 -41.06 16.29 18.98
CA SER C 337 -39.68 16.40 19.44
C SER C 337 -39.03 17.64 18.83
N VAL C 338 -37.98 18.10 19.50
CA VAL C 338 -37.06 19.10 18.96
C VAL C 338 -35.65 18.58 19.20
N LYS C 339 -34.86 18.52 18.13
CA LYS C 339 -33.50 17.99 18.25
C LYS C 339 -32.64 18.92 19.09
N ARG C 340 -31.65 18.32 19.77
CA ARG C 340 -30.73 19.08 20.60
C ARG C 340 -29.45 18.26 20.76
N GLU C 341 -28.32 18.87 20.44
CA GLU C 341 -27.03 18.18 20.57
C GLU C 341 -26.58 18.21 22.03
N GLU C 342 -26.32 17.04 22.59
CA GLU C 342 -25.88 16.90 23.97
C GLU C 342 -24.61 16.05 24.00
N GLU C 343 -23.60 16.55 24.69
CA GLU C 343 -22.35 15.82 24.84
C GLU C 343 -22.46 14.84 25.99
N VAL C 344 -22.04 13.60 25.75
CA VAL C 344 -22.14 12.54 26.75
C VAL C 344 -20.79 11.85 26.87
N LEU C 345 -20.57 11.22 28.02
CA LEU C 345 -19.36 10.45 28.29
C LEU C 345 -19.71 8.98 28.22
N THR C 346 -19.02 8.25 27.34
CA THR C 346 -19.34 6.86 27.08
C THR C 346 -18.82 5.98 28.20
N GLY C 347 -19.25 4.71 28.18
CA GLY C 347 -18.78 3.76 29.18
C GLY C 347 -17.27 3.53 29.10
N ASN C 348 -16.72 3.52 27.89
CA ASN C 348 -15.30 3.36 27.67
C ASN C 348 -14.57 4.71 27.67
N LEU C 349 -15.13 5.72 28.34
CA LEU C 349 -14.48 7.01 28.54
C LEU C 349 -14.22 7.72 27.21
N GLN C 350 -15.28 7.86 26.41
CA GLN C 350 -15.23 8.59 25.15
C GLN C 350 -16.24 9.72 25.20
N THR C 351 -15.83 10.89 24.71
CA THR C 351 -16.69 12.06 24.66
C THR C 351 -17.18 12.27 23.24
N LEU C 352 -18.49 12.37 23.08
CA LEU C 352 -19.08 12.52 21.75
C LEU C 352 -20.40 13.28 21.87
N LYS C 353 -20.82 13.87 20.76
CA LYS C 353 -22.04 14.66 20.69
C LYS C 353 -23.14 13.82 20.05
N ILE C 354 -24.30 13.78 20.71
CA ILE C 354 -25.43 12.99 20.27
C ILE C 354 -26.63 13.91 20.08
N ARG C 355 -27.32 13.76 18.95
CA ARG C 355 -28.54 14.51 18.69
C ARG C 355 -29.65 13.94 19.55
N VAL C 356 -30.05 14.66 20.58
CA VAL C 356 -31.06 14.22 21.54
C VAL C 356 -32.40 14.81 21.14
N HIS C 357 -33.40 13.95 21.01
CA HIS C 357 -34.76 14.37 20.72
C HIS C 357 -35.50 14.61 22.03
N GLU C 358 -35.97 15.84 22.23
CA GLU C 358 -36.71 16.17 23.43
C GLU C 358 -38.17 15.73 23.28
N GLY C 359 -38.95 16.00 24.32
CA GLY C 359 -40.38 15.78 24.28
C GLY C 359 -40.76 14.32 24.45
N TYR C 360 -42.03 14.12 24.79
CA TYR C 360 -42.60 12.78 24.93
C TYR C 360 -43.16 12.32 23.59
N GLU C 361 -42.90 11.06 23.26
CA GLU C 361 -43.34 10.52 21.98
C GLU C 361 -43.69 9.05 22.13
N GLU C 362 -44.51 8.57 21.22
CA GLU C 362 -44.91 7.17 21.14
C GLU C 362 -44.64 6.66 19.73
N PHE C 363 -44.22 5.40 19.62
CA PHE C 363 -43.83 4.85 18.34
C PHE C 363 -44.33 3.41 18.24
N THR C 364 -44.32 2.91 17.01
CA THR C 364 -44.54 1.50 16.72
C THR C 364 -43.36 1.00 15.89
N MET C 365 -42.82 -0.15 16.29
CA MET C 365 -41.65 -0.73 15.64
C MET C 365 -42.08 -1.97 14.86
N VAL C 366 -41.66 -2.04 13.60
CA VAL C 366 -41.99 -3.16 12.72
C VAL C 366 -40.71 -3.70 12.12
N GLY C 367 -40.48 -5.01 12.27
CA GLY C 367 -39.32 -5.65 11.71
C GLY C 367 -39.68 -6.96 11.05
N ARG C 368 -38.72 -7.50 10.30
CA ARG C 368 -38.95 -8.74 9.55
C ARG C 368 -39.19 -9.94 10.47
N ARG C 369 -38.84 -9.83 11.75
CA ARG C 369 -39.05 -10.94 12.67
C ARG C 369 -39.61 -10.51 14.01
N ALA C 370 -39.87 -9.22 14.24
CA ALA C 370 -40.37 -8.77 15.53
C ALA C 370 -41.15 -7.48 15.36
N THR C 371 -41.97 -7.17 16.35
CA THR C 371 -42.82 -5.98 16.35
C THR C 371 -42.93 -5.47 17.77
N ALA C 372 -42.96 -4.15 17.93
CA ALA C 372 -42.99 -3.56 19.25
C ALA C 372 -43.71 -2.23 19.24
N ILE C 373 -44.17 -1.82 20.42
CA ILE C 373 -44.74 -0.50 20.66
C ILE C 373 -43.86 0.20 21.67
N LEU C 374 -43.45 1.43 21.35
CA LEU C 374 -42.47 2.15 22.15
C LEU C 374 -43.02 3.50 22.57
N ARG C 375 -42.86 3.82 23.85
CA ARG C 375 -43.15 5.14 24.38
C ARG C 375 -41.90 5.66 25.09
N LYS C 376 -41.56 6.93 24.87
CA LYS C 376 -40.31 7.45 25.40
C LYS C 376 -40.45 8.94 25.68
N ALA C 377 -39.56 9.42 26.55
CA ALA C 377 -39.35 10.82 26.83
C ALA C 377 -37.91 11.17 26.51
N THR C 378 -37.47 12.36 26.91
CA THR C 378 -36.12 12.80 26.61
C THR C 378 -35.09 11.90 27.30
N ARG C 379 -34.41 11.06 26.52
CA ARG C 379 -33.40 10.14 27.03
C ARG C 379 -33.96 9.24 28.12
N ARG C 380 -35.19 8.79 27.95
CA ARG C 380 -35.84 7.94 28.94
C ARG C 380 -36.90 7.09 28.27
N LEU C 381 -36.80 5.79 28.43
CA LEU C 381 -37.77 4.84 27.87
C LEU C 381 -38.94 4.68 28.84
N ILE C 382 -40.13 5.11 28.41
CA ILE C 382 -41.30 4.99 29.28
C ILE C 382 -41.74 3.54 29.37
N GLN C 383 -41.98 2.90 28.22
CA GLN C 383 -42.31 1.49 28.19
C GLN C 383 -42.03 0.94 26.80
N LEU C 384 -41.77 -0.35 26.74
CA LEU C 384 -41.58 -1.07 25.50
C LEU C 384 -42.38 -2.37 25.57
N ILE C 385 -43.15 -2.64 24.53
CA ILE C 385 -44.02 -3.82 24.48
C ILE C 385 -43.65 -4.58 23.21
N VAL C 386 -42.80 -5.59 23.34
CA VAL C 386 -42.32 -6.37 22.21
C VAL C 386 -43.19 -7.60 22.05
N SER C 387 -43.43 -7.99 20.81
CA SER C 387 -44.21 -9.17 20.45
C SER C 387 -43.50 -9.96 19.36
N GLY C 388 -42.20 -10.19 19.55
CA GLY C 388 -41.39 -10.82 18.54
C GLY C 388 -41.69 -12.30 18.37
N LYS C 389 -40.90 -12.93 17.50
CA LYS C 389 -41.13 -14.32 17.12
C LYS C 389 -40.36 -15.29 18.01
N ASP C 390 -39.04 -15.18 18.03
CA ASP C 390 -38.18 -16.05 18.81
C ASP C 390 -37.39 -15.24 19.84
N GLU C 391 -36.46 -15.90 20.52
CA GLU C 391 -35.65 -15.22 21.53
C GLU C 391 -34.75 -14.16 20.91
N GLN C 392 -34.11 -14.48 19.78
CA GLN C 392 -33.15 -13.54 19.20
C GLN C 392 -33.86 -12.33 18.60
N SER C 393 -35.03 -12.53 18.01
CA SER C 393 -35.78 -11.41 17.46
C SER C 393 -36.18 -10.42 18.55
N ILE C 394 -36.69 -10.94 19.67
CA ILE C 394 -37.05 -10.07 20.78
C ILE C 394 -35.82 -9.40 21.36
N ALA C 395 -34.70 -10.13 21.43
CA ALA C 395 -33.46 -9.54 21.92
C ALA C 395 -33.02 -8.37 21.05
N GLU C 396 -33.06 -8.57 19.72
CA GLU C 396 -32.68 -7.49 18.81
C GLU C 396 -33.62 -6.31 18.93
N ALA C 397 -34.93 -6.56 19.06
CA ALA C 397 -35.88 -5.47 19.23
C ALA C 397 -35.61 -4.69 20.51
N ILE C 398 -35.32 -5.40 21.60
CA ILE C 398 -35.03 -4.73 22.86
C ILE C 398 -33.77 -3.89 22.75
N ILE C 399 -32.74 -4.43 22.11
CA ILE C 399 -31.49 -3.68 21.93
C ILE C 399 -31.74 -2.42 21.11
N VAL C 400 -32.49 -2.54 20.03
CA VAL C 400 -32.77 -1.38 19.18
C VAL C 400 -33.55 -0.33 19.94
N ALA C 401 -34.56 -0.76 20.72
CA ALA C 401 -35.33 0.18 21.51
C ALA C 401 -34.47 0.86 22.57
N MET C 402 -33.58 0.11 23.21
CA MET C 402 -32.70 0.69 24.22
C MET C 402 -31.77 1.73 23.61
N VAL C 403 -31.21 1.44 22.43
CA VAL C 403 -30.35 2.41 21.77
C VAL C 403 -31.16 3.63 21.34
N PHE C 404 -32.37 3.41 20.85
CA PHE C 404 -33.22 4.50 20.40
C PHE C 404 -33.59 5.42 21.55
N SER C 405 -33.80 4.84 22.74
CA SER C 405 -34.19 5.62 23.90
C SER C 405 -33.11 6.61 24.33
N GLN C 406 -31.87 6.41 23.91
CA GLN C 406 -30.75 7.27 24.28
C GLN C 406 -30.58 7.33 25.80
N GLU C 407 -30.82 6.20 26.45
CA GLU C 407 -30.70 6.13 27.90
C GLU C 407 -29.25 6.30 28.32
N ASP C 408 -29.03 7.06 29.40
CA ASP C 408 -27.68 7.21 29.91
C ASP C 408 -27.11 5.89 30.39
N CYS C 409 -27.98 4.98 30.83
CA CYS C 409 -27.53 3.63 31.15
C CYS C 409 -26.94 2.94 29.92
N MET C 410 -27.59 3.10 28.77
CA MET C 410 -27.08 2.52 27.54
C MET C 410 -25.72 3.09 27.18
N ILE C 411 -25.55 4.40 27.35
CA ILE C 411 -24.27 5.03 27.07
C ILE C 411 -23.19 4.48 28.00
N LYS C 412 -23.50 4.40 29.29
CA LYS C 412 -22.53 3.91 30.27
C LYS C 412 -22.31 2.40 30.17
N ALA C 413 -23.11 1.68 29.40
CA ALA C 413 -22.92 0.25 29.23
C ALA C 413 -21.87 -0.11 28.18
N VAL C 414 -21.27 0.90 27.54
CA VAL C 414 -20.27 0.63 26.50
C VAL C 414 -18.98 0.13 27.14
N ARG C 415 -18.42 -0.93 26.57
CA ARG C 415 -17.15 -1.48 27.00
C ARG C 415 -16.23 -1.65 25.80
N GLY C 416 -15.00 -2.06 26.06
CA GLY C 416 -14.08 -2.39 24.99
C GLY C 416 -13.60 -1.17 24.22
N ASP C 417 -12.96 -1.47 23.08
CA ASP C 417 -12.39 -0.44 22.22
C ASP C 417 -13.40 -0.10 21.13
N LEU C 418 -14.46 0.61 21.52
CA LEU C 418 -15.48 1.05 20.59
C LEU C 418 -15.07 2.42 20.05
N ASN C 419 -14.80 2.48 18.75
CA ASN C 419 -14.35 3.70 18.11
C ASN C 419 -15.53 4.48 17.56
N PHE C 420 -15.48 5.80 17.69
CA PHE C 420 -16.52 6.67 17.16
C PHE C 420 -15.99 7.59 16.06
N VAL C 421 -14.83 7.26 15.50
CA VAL C 421 -14.32 7.90 14.29
C VAL C 421 -13.88 6.82 13.33
N ASN C 422 -13.83 7.19 12.06
CA ASN C 422 -13.42 6.26 11.02
C ASN C 422 -11.93 5.93 11.15
N ARG C 423 -11.51 4.90 10.41
CA ARG C 423 -10.09 4.62 10.31
C ARG C 423 -9.33 5.75 9.63
N ALA C 424 -10.04 6.60 8.87
CA ALA C 424 -9.49 7.82 8.33
C ALA C 424 -9.92 9.05 9.12
N ASN C 425 -10.26 8.87 10.40
CA ASN C 425 -10.65 9.95 11.30
C ASN C 425 -11.88 10.71 10.80
N GLN C 426 -12.81 10.01 10.15
CA GLN C 426 -14.08 10.59 9.76
C GLN C 426 -15.12 10.26 10.81
N ARG C 427 -15.84 11.28 11.27
CA ARG C 427 -16.81 11.08 12.34
C ARG C 427 -17.92 10.14 11.89
N LEU C 428 -18.24 9.16 12.74
CA LEU C 428 -19.30 8.20 12.47
C LEU C 428 -20.58 8.64 13.19
N ASN C 429 -21.68 8.00 12.80
CA ASN C 429 -22.94 8.23 13.49
C ASN C 429 -22.90 7.53 14.84
N PRO C 430 -23.02 8.26 15.95
CA PRO C 430 -22.92 7.60 17.26
C PRO C 430 -23.95 6.51 17.49
N MET C 431 -25.19 6.74 17.06
CA MET C 431 -26.24 5.76 17.26
C MET C 431 -25.95 4.47 16.52
N HIS C 432 -25.45 4.58 15.28
CA HIS C 432 -25.11 3.38 14.53
C HIS C 432 -23.99 2.60 15.20
N GLN C 433 -22.99 3.30 15.74
CA GLN C 433 -21.91 2.63 16.44
C GLN C 433 -22.42 1.92 17.69
N LEU C 434 -23.30 2.58 18.44
CA LEU C 434 -23.88 1.93 19.62
C LEU C 434 -24.69 0.70 19.24
N LEU C 435 -25.46 0.79 18.16
CA LEU C 435 -26.21 -0.37 17.68
C LEU C 435 -25.29 -1.51 17.33
N ARG C 436 -24.25 -1.24 16.52
CA ARG C 436 -23.35 -2.31 16.11
C ARG C 436 -22.59 -2.89 17.28
N HIS C 437 -22.28 -2.07 18.29
CA HIS C 437 -21.58 -2.60 19.45
C HIS C 437 -22.48 -3.49 20.29
N PHE C 438 -23.71 -3.04 20.56
CA PHE C 438 -24.60 -3.82 21.41
C PHE C 438 -25.25 -4.99 20.68
N GLN C 439 -25.21 -5.01 19.35
CA GLN C 439 -25.69 -6.18 18.63
C GLN C 439 -24.65 -7.29 18.53
N LYS C 440 -23.41 -7.01 18.92
CA LYS C 440 -22.40 -8.06 19.06
C LYS C 440 -22.47 -8.75 20.41
N ASP C 441 -22.60 -7.97 21.49
CA ASP C 441 -22.68 -8.53 22.83
C ASP C 441 -23.41 -7.52 23.70
N ALA C 442 -24.59 -7.89 24.18
CA ALA C 442 -25.44 -7.00 24.94
C ALA C 442 -25.64 -7.45 26.39
N LYS C 443 -24.79 -8.34 26.88
CA LYS C 443 -24.92 -8.81 28.26
C LYS C 443 -24.73 -7.67 29.24
N VAL C 444 -23.74 -6.82 29.01
CA VAL C 444 -23.47 -5.71 29.92
C VAL C 444 -24.61 -4.69 29.87
N LEU C 445 -25.15 -4.44 28.68
CA LEU C 445 -26.25 -3.49 28.54
C LEU C 445 -27.47 -3.95 29.32
N PHE C 446 -27.83 -5.23 29.19
CA PHE C 446 -28.97 -5.76 29.94
C PHE C 446 -28.68 -5.78 31.44
N GLN C 447 -27.43 -6.08 31.81
CA GLN C 447 -27.07 -6.10 33.22
C GLN C 447 -27.22 -4.73 33.85
N ASN C 448 -26.77 -3.68 33.16
CA ASN C 448 -26.80 -2.34 33.72
C ASN C 448 -28.12 -1.62 33.48
N TRP C 449 -29.00 -2.15 32.63
CA TRP C 449 -30.28 -1.48 32.40
C TRP C 449 -31.14 -1.46 33.66
N GLY C 450 -31.19 -2.57 34.37
CA GLY C 450 -31.96 -2.68 35.60
C GLY C 450 -33.00 -3.77 35.52
N ILE C 451 -33.76 -3.89 36.61
CA ILE C 451 -34.85 -4.84 36.70
C ILE C 451 -36.05 -4.14 37.35
N GLU C 452 -37.23 -4.73 37.16
CA GLU C 452 -38.47 -4.14 37.63
C GLU C 452 -39.53 -5.22 37.80
N PRO C 453 -40.24 -5.24 38.92
CA PRO C 453 -41.33 -6.23 39.08
C PRO C 453 -42.52 -5.89 38.19
N ILE C 454 -43.18 -6.94 37.69
CA ILE C 454 -44.32 -6.79 36.81
C ILE C 454 -45.60 -7.12 37.60
N ASP C 455 -46.70 -6.50 37.20
CA ASP C 455 -47.97 -6.62 37.88
C ASP C 455 -48.92 -7.61 37.24
N ASN C 456 -48.46 -8.38 36.26
CA ASN C 456 -49.27 -9.40 35.57
C ASN C 456 -50.52 -8.76 34.96
N VAL C 457 -50.30 -7.86 34.01
CA VAL C 457 -51.36 -7.19 33.29
C VAL C 457 -51.56 -7.87 31.95
N MET C 458 -52.79 -8.32 31.67
CA MET C 458 -53.18 -8.93 30.41
C MET C 458 -52.37 -10.18 30.09
N GLY C 459 -51.57 -10.67 31.03
CA GLY C 459 -50.74 -11.83 30.77
C GLY C 459 -49.49 -11.56 29.97
N MET C 460 -49.16 -10.30 29.71
CA MET C 460 -47.92 -9.99 29.01
C MET C 460 -46.74 -10.38 29.89
N ILE C 461 -45.75 -11.05 29.28
CA ILE C 461 -44.69 -11.68 30.05
C ILE C 461 -43.58 -10.68 30.33
N GLY C 462 -42.76 -11.00 31.32
CA GLY C 462 -41.55 -10.25 31.58
C GLY C 462 -40.34 -10.86 30.89
N ILE C 463 -39.23 -10.14 30.97
CA ILE C 463 -37.99 -10.55 30.33
C ILE C 463 -36.83 -10.27 31.27
N LEU C 464 -35.91 -11.21 31.38
CA LEU C 464 -34.75 -11.10 32.24
C LEU C 464 -33.50 -10.76 31.42
N PRO C 465 -32.45 -10.25 32.08
CA PRO C 465 -31.24 -9.88 31.32
C PRO C 465 -30.64 -11.03 30.52
N ASP C 466 -30.80 -12.27 30.95
CA ASP C 466 -30.32 -13.41 30.17
C ASP C 466 -31.39 -13.98 29.26
N MET C 467 -32.38 -13.18 28.87
CA MET C 467 -33.40 -13.56 27.89
C MET C 467 -34.19 -14.78 28.33
N THR C 468 -34.90 -14.63 29.44
CA THR C 468 -35.82 -15.66 29.91
C THR C 468 -37.16 -15.05 30.26
N PRO C 469 -38.26 -15.76 29.98
CA PRO C 469 -39.61 -15.22 30.21
C PRO C 469 -40.07 -15.33 31.66
N SER C 470 -39.64 -14.38 32.49
CA SER C 470 -40.05 -14.36 33.88
C SER C 470 -41.49 -13.86 34.01
N THR C 471 -42.09 -14.17 35.16
CA THR C 471 -43.44 -13.73 35.47
C THR C 471 -43.51 -12.85 36.70
N GLU C 472 -42.38 -12.56 37.34
CA GLU C 472 -42.33 -11.79 38.58
C GLU C 472 -41.62 -10.45 38.41
N MET C 473 -40.41 -10.47 37.87
CA MET C 473 -39.66 -9.25 37.61
C MET C 473 -39.14 -9.29 36.18
N SER C 474 -39.03 -8.10 35.58
CA SER C 474 -38.63 -7.97 34.18
C SER C 474 -37.65 -6.81 34.05
N LEU C 475 -37.14 -6.63 32.83
CA LEU C 475 -36.33 -5.45 32.54
C LEU C 475 -37.17 -4.19 32.74
N ARG C 476 -36.52 -3.14 33.23
CA ARG C 476 -37.21 -1.90 33.57
C ARG C 476 -37.98 -1.34 32.38
N GLY C 477 -39.30 -1.34 32.47
CA GLY C 477 -40.13 -0.77 31.43
C GLY C 477 -40.22 -1.58 30.15
N VAL C 478 -39.97 -2.89 30.21
CA VAL C 478 -40.01 -3.76 29.04
C VAL C 478 -41.00 -4.87 29.31
N ARG C 479 -41.91 -5.10 28.36
CA ARG C 479 -42.90 -6.17 28.44
C ARG C 479 -42.89 -6.96 27.14
N VAL C 480 -43.24 -8.23 27.24
CA VAL C 480 -43.26 -9.14 26.10
C VAL C 480 -44.70 -9.54 25.83
N SER C 481 -45.09 -9.51 24.56
CA SER C 481 -46.41 -9.94 24.11
C SER C 481 -46.27 -11.16 23.21
N LYS C 482 -47.40 -11.60 22.65
CA LYS C 482 -47.42 -12.72 21.71
C LYS C 482 -48.22 -12.33 20.47
N MET C 483 -47.81 -12.89 19.35
CA MET C 483 -48.45 -12.59 18.07
C MET C 483 -49.66 -13.48 17.84
N GLU C 492 -49.13 2.06 6.04
CA GLU C 492 -50.27 2.54 5.26
C GLU C 492 -50.06 4.00 4.84
N ARG C 493 -49.99 4.23 3.54
CA ARG C 493 -49.87 5.60 3.03
C ARG C 493 -51.14 6.38 3.34
N VAL C 494 -50.96 7.68 3.58
CA VAL C 494 -52.07 8.57 3.89
C VAL C 494 -51.97 9.82 3.04
N VAL C 495 -53.11 10.34 2.61
CA VAL C 495 -53.15 11.61 1.90
C VAL C 495 -52.75 12.72 2.86
N VAL C 496 -51.86 13.60 2.41
CA VAL C 496 -51.36 14.69 3.25
C VAL C 496 -51.38 15.98 2.44
N SER C 497 -51.33 17.08 3.16
CA SER C 497 -51.20 18.41 2.58
C SER C 497 -49.94 19.06 3.12
N ILE C 498 -49.20 19.74 2.25
CA ILE C 498 -47.91 20.34 2.61
C ILE C 498 -48.05 21.85 2.55
N ASP C 499 -47.57 22.51 3.59
CA ASP C 499 -47.65 23.96 3.73
C ASP C 499 -46.64 24.64 2.81
N ARG C 500 -46.71 25.97 2.78
CA ARG C 500 -45.71 26.74 2.04
C ARG C 500 -44.31 26.54 2.60
N PHE C 501 -44.20 26.31 3.90
CA PHE C 501 -42.92 26.06 4.56
C PHE C 501 -42.67 24.57 4.78
N LEU C 502 -43.13 23.74 3.86
CA LEU C 502 -42.85 22.30 3.85
C LEU C 502 -43.33 21.62 5.12
N ARG C 503 -44.39 22.15 5.73
CA ARG C 503 -45.00 21.53 6.90
C ARG C 503 -46.13 20.61 6.45
N VAL C 504 -45.96 19.32 6.70
CA VAL C 504 -46.90 18.31 6.23
C VAL C 504 -47.95 18.07 7.32
N ARG C 505 -49.21 18.29 6.98
CA ARG C 505 -50.31 18.10 7.90
C ARG C 505 -51.26 17.04 7.37
N ASP C 506 -51.75 16.19 8.28
CA ASP C 506 -52.71 15.18 7.91
C ASP C 506 -54.05 15.83 7.58
N GLN C 507 -54.99 15.01 7.08
CA GLN C 507 -56.30 15.52 6.70
C GLN C 507 -57.03 16.13 7.89
N ARG C 508 -56.87 15.53 9.08
CA ARG C 508 -57.47 16.10 10.28
C ARG C 508 -56.88 17.48 10.58
N GLY C 509 -55.57 17.63 10.44
CA GLY C 509 -54.94 18.92 10.64
C GLY C 509 -53.68 18.86 11.50
N ASN C 510 -53.35 17.68 12.00
CA ASN C 510 -52.17 17.53 12.84
C ASN C 510 -50.91 17.48 11.99
N VAL C 511 -49.82 17.99 12.55
CA VAL C 511 -48.54 18.02 11.85
C VAL C 511 -47.92 16.64 11.87
N LEU C 512 -47.48 16.16 10.70
CA LEU C 512 -46.80 14.88 10.57
C LEU C 512 -45.32 15.00 10.33
N LEU C 513 -44.89 15.94 9.48
CA LEU C 513 -43.49 16.15 9.19
C LEU C 513 -43.21 17.64 9.17
N SER C 514 -41.93 17.98 9.18
CA SER C 514 -41.47 19.36 9.11
C SER C 514 -40.02 19.35 8.65
N PRO C 515 -39.54 20.47 8.11
CA PRO C 515 -38.12 20.53 7.72
C PRO C 515 -37.16 20.30 8.87
N GLU C 516 -37.52 20.72 10.09
CA GLU C 516 -36.64 20.52 11.23
C GLU C 516 -36.41 19.04 11.52
N GLU C 517 -37.37 18.18 11.15
CA GLU C 517 -37.22 16.75 11.37
C GLU C 517 -36.24 16.11 10.39
N VAL C 518 -35.85 16.81 9.34
CA VAL C 518 -34.94 16.23 8.35
C VAL C 518 -33.54 16.14 8.94
N SER C 519 -32.91 14.98 8.74
CA SER C 519 -31.59 14.74 9.29
C SER C 519 -30.57 15.75 8.75
N GLU C 520 -29.66 16.17 9.62
CA GLU C 520 -28.60 17.10 9.25
C GLU C 520 -27.37 16.41 8.69
N THR C 521 -27.37 15.08 8.61
CA THR C 521 -26.22 14.35 8.09
C THR C 521 -26.02 14.66 6.62
N GLN C 522 -24.77 14.79 6.22
CA GLN C 522 -24.40 15.07 4.83
C GLN C 522 -23.70 13.82 4.29
N GLY C 523 -24.49 12.94 3.70
CA GLY C 523 -23.96 11.71 3.12
C GLY C 523 -23.59 11.87 1.67
N THR C 524 -23.30 10.73 1.04
CA THR C 524 -22.96 10.69 -0.38
C THR C 524 -23.80 9.63 -1.08
N GLU C 525 -24.03 9.85 -2.36
CA GLU C 525 -24.95 9.03 -3.14
C GLU C 525 -24.24 7.83 -3.74
N LYS C 526 -24.96 6.70 -3.79
CA LYS C 526 -24.44 5.52 -4.48
C LYS C 526 -24.47 5.70 -5.99
N LEU C 527 -25.51 6.34 -6.50
CA LEU C 527 -25.67 6.60 -7.93
C LEU C 527 -25.50 8.09 -8.18
N THR C 528 -24.83 8.43 -9.28
CA THR C 528 -24.53 9.83 -9.57
C THR C 528 -25.82 10.65 -9.66
N ILE C 529 -25.84 11.77 -8.96
CA ILE C 529 -26.98 12.66 -8.91
C ILE C 529 -26.71 13.82 -9.86
N THR C 530 -27.47 13.89 -10.95
CA THR C 530 -27.33 14.96 -11.93
C THR C 530 -28.40 16.00 -11.68
N TYR C 531 -27.98 17.25 -11.53
CA TYR C 531 -28.88 18.37 -11.33
C TYR C 531 -28.70 19.34 -12.48
N SER C 532 -29.80 19.68 -13.14
CA SER C 532 -29.78 20.52 -14.33
C SER C 532 -30.46 21.84 -14.01
N SER C 533 -29.67 22.90 -13.88
CA SER C 533 -30.17 24.24 -13.64
C SER C 533 -29.03 25.22 -13.87
N SER C 534 -29.25 26.49 -13.52
CA SER C 534 -28.20 27.49 -13.64
C SER C 534 -27.01 27.15 -12.75
N MET C 535 -27.27 26.72 -11.53
CA MET C 535 -26.23 26.27 -10.61
C MET C 535 -26.31 24.75 -10.53
N MET C 536 -25.40 24.07 -11.23
CA MET C 536 -25.35 22.62 -11.16
C MET C 536 -24.87 22.13 -9.81
N TRP C 537 -24.34 23.02 -8.97
CA TRP C 537 -23.85 22.69 -7.63
C TRP C 537 -24.84 23.05 -6.54
N GLU C 538 -26.07 23.40 -6.90
CA GLU C 538 -27.03 23.92 -5.92
C GLU C 538 -27.37 22.88 -4.86
N ILE C 539 -27.29 21.59 -5.19
CA ILE C 539 -27.60 20.54 -4.22
C ILE C 539 -26.40 19.64 -4.04
N ASN C 540 -25.20 20.20 -4.20
CA ASN C 540 -23.96 19.45 -4.01
C ASN C 540 -23.55 19.49 -2.54
N GLY C 541 -22.42 18.85 -2.25
CA GLY C 541 -21.91 18.78 -0.90
C GLY C 541 -21.38 20.11 -0.40
N PRO C 542 -21.13 20.20 0.91
CA PRO C 542 -20.72 21.49 1.48
C PRO C 542 -19.43 22.05 0.90
N GLU C 543 -18.45 21.20 0.61
CA GLU C 543 -17.19 21.68 0.03
C GLU C 543 -17.42 22.28 -1.35
N SER C 544 -18.13 21.55 -2.20
CA SER C 544 -18.47 22.07 -3.52
C SER C 544 -19.31 23.32 -3.42
N VAL C 545 -20.24 23.36 -2.46
CA VAL C 545 -21.09 24.54 -2.30
C VAL C 545 -20.25 25.76 -1.97
N LEU C 546 -19.33 25.62 -1.02
CA LEU C 546 -18.50 26.76 -0.63
C LEU C 546 -17.60 27.21 -1.77
N VAL C 547 -16.90 26.25 -2.41
CA VAL C 547 -15.98 26.60 -3.47
C VAL C 547 -16.71 27.26 -4.62
N ASN C 548 -17.85 26.68 -5.03
CA ASN C 548 -18.59 27.23 -6.15
C ASN C 548 -19.26 28.55 -5.80
N THR C 549 -19.65 28.76 -4.55
CA THR C 549 -20.21 30.04 -4.15
C THR C 549 -19.17 31.15 -4.27
N TYR C 550 -17.97 30.90 -3.75
CA TYR C 550 -16.94 31.93 -3.83
C TYR C 550 -16.44 32.11 -5.25
N GLN C 551 -16.40 31.04 -6.04
CA GLN C 551 -16.05 31.18 -7.45
C GLN C 551 -17.10 31.96 -8.22
N TRP C 552 -18.38 31.77 -7.87
CA TRP C 552 -19.43 32.56 -8.49
C TRP C 552 -19.29 34.03 -8.14
N ILE C 553 -18.93 34.33 -6.89
CA ILE C 553 -18.68 35.73 -6.53
C ILE C 553 -17.48 36.28 -7.29
N ILE C 554 -16.44 35.47 -7.45
CA ILE C 554 -15.24 35.94 -8.15
C ILE C 554 -15.54 36.23 -9.62
N ARG C 555 -16.24 35.30 -10.29
CA ARG C 555 -16.52 35.48 -11.71
C ARG C 555 -17.43 36.67 -11.95
N ASN C 556 -18.41 36.87 -11.09
CA ASN C 556 -19.36 37.96 -11.22
C ASN C 556 -18.96 39.17 -10.37
N TRP C 557 -17.66 39.37 -10.16
CA TRP C 557 -17.24 40.41 -9.22
C TRP C 557 -17.58 41.81 -9.71
N GLU C 558 -17.63 42.04 -11.03
CA GLU C 558 -17.89 43.38 -11.53
C GLU C 558 -19.28 43.86 -11.13
N ASN C 559 -20.31 43.15 -11.58
CA ASN C 559 -21.68 43.58 -11.29
C ASN C 559 -22.02 43.38 -9.81
N VAL C 560 -21.44 42.37 -9.16
CA VAL C 560 -21.64 42.21 -7.72
C VAL C 560 -21.08 43.41 -6.97
N LYS C 561 -19.89 43.87 -7.36
CA LYS C 561 -19.30 45.06 -6.74
C LYS C 561 -20.17 46.29 -7.00
N ILE C 562 -20.66 46.44 -8.22
CA ILE C 562 -21.51 47.59 -8.53
C ILE C 562 -22.78 47.56 -7.69
N GLN C 563 -23.40 46.39 -7.58
CA GLN C 563 -24.63 46.26 -6.80
C GLN C 563 -24.36 46.53 -5.32
N TRP C 564 -23.25 46.00 -4.80
CA TRP C 564 -22.87 46.25 -3.42
C TRP C 564 -22.69 47.74 -3.18
N SER C 565 -22.15 48.46 -4.16
CA SER C 565 -21.97 49.89 -4.01
C SER C 565 -23.30 50.64 -4.09
N GLN C 566 -24.24 50.18 -4.91
CA GLN C 566 -25.46 50.94 -5.17
C GLN C 566 -26.69 50.36 -4.48
N ASP C 567 -27.01 49.09 -4.71
CA ASP C 567 -28.24 48.48 -4.20
C ASP C 567 -27.91 47.18 -3.48
N PRO C 568 -27.39 47.26 -2.26
CA PRO C 568 -27.00 46.04 -1.54
C PRO C 568 -28.16 45.09 -1.25
N THR C 569 -29.39 45.62 -1.13
CA THR C 569 -30.50 44.77 -0.75
C THR C 569 -30.76 43.68 -1.78
N MET C 570 -30.71 44.03 -3.07
CA MET C 570 -30.91 43.01 -4.09
C MET C 570 -29.73 42.06 -4.16
N LEU C 571 -28.52 42.55 -3.90
CA LEU C 571 -27.35 41.67 -3.90
C LEU C 571 -27.45 40.62 -2.81
N TYR C 572 -27.89 41.02 -1.61
CA TYR C 572 -28.02 40.06 -0.52
C TYR C 572 -29.09 39.02 -0.80
N ASN C 573 -30.01 39.28 -1.72
CA ASN C 573 -31.13 38.41 -1.99
C ASN C 573 -30.92 37.52 -3.21
N LYS C 574 -29.70 37.44 -3.71
CA LYS C 574 -29.42 36.54 -4.83
C LYS C 574 -29.69 35.10 -4.42
N MET C 575 -30.27 34.33 -5.35
CA MET C 575 -30.55 32.93 -5.10
C MET C 575 -29.28 32.10 -5.01
N GLU C 576 -28.16 32.62 -5.49
CA GLU C 576 -26.91 31.85 -5.47
C GLU C 576 -26.38 31.66 -4.06
N PHE C 577 -26.65 32.61 -3.16
CA PHE C 577 -26.15 32.52 -1.79
C PHE C 577 -26.93 31.54 -0.94
N GLU C 578 -28.12 31.12 -1.38
CA GLU C 578 -28.95 30.24 -0.56
C GLU C 578 -28.31 28.89 -0.28
N PRO C 579 -27.65 28.20 -1.22
CA PRO C 579 -26.93 26.98 -0.83
C PRO C 579 -25.89 27.22 0.24
N PHE C 580 -25.23 28.38 0.21
CA PHE C 580 -24.32 28.76 1.29
C PHE C 580 -25.05 28.92 2.60
N GLN C 581 -26.18 29.64 2.58
CA GLN C 581 -26.93 29.88 3.80
C GLN C 581 -27.48 28.60 4.42
N SER C 582 -27.60 27.53 3.64
CA SER C 582 -27.97 26.24 4.18
C SER C 582 -26.85 25.62 5.02
N LEU C 583 -25.65 26.17 4.97
CA LEU C 583 -24.52 25.70 5.77
C LEU C 583 -24.35 26.48 7.06
N VAL C 584 -24.75 27.74 7.09
CA VAL C 584 -24.65 28.54 8.32
C VAL C 584 -25.57 27.95 9.37
N PRO C 585 -25.16 27.86 10.64
CA PRO C 585 -26.08 27.36 11.66
C PRO C 585 -27.33 28.20 11.76
N LYS C 586 -28.47 27.54 11.98
CA LYS C 586 -29.76 28.22 11.91
C LYS C 586 -29.86 29.32 12.95
N ALA C 587 -29.40 29.06 14.17
CA ALA C 587 -29.52 30.05 15.24
C ALA C 587 -28.66 31.27 14.99
N ALA C 588 -27.58 31.14 14.22
CA ALA C 588 -26.62 32.21 14.03
C ALA C 588 -26.77 32.93 12.70
N ARG C 589 -27.72 32.52 11.86
CA ARG C 589 -27.87 33.12 10.54
C ARG C 589 -28.18 34.61 10.65
N GLY C 590 -29.15 34.97 11.48
CA GLY C 590 -29.52 36.37 11.62
C GLY C 590 -28.42 37.21 12.23
N GLN C 591 -27.76 36.68 13.26
CA GLN C 591 -26.67 37.41 13.89
C GLN C 591 -25.54 37.68 12.91
N TYR C 592 -25.13 36.64 12.16
CA TYR C 592 -24.07 36.82 11.17
C TYR C 592 -24.50 37.82 10.09
N SER C 593 -25.75 37.71 9.62
CA SER C 593 -26.22 38.62 8.59
C SER C 593 -26.18 40.07 9.06
N GLY C 594 -26.70 40.32 10.28
CA GLY C 594 -26.71 41.68 10.79
C GLY C 594 -25.31 42.23 11.00
N PHE C 595 -24.42 41.40 11.57
CA PHE C 595 -23.04 41.82 11.79
C PHE C 595 -22.36 42.18 10.47
N VAL C 596 -22.52 41.32 9.47
CA VAL C 596 -21.86 41.56 8.19
C VAL C 596 -22.46 42.78 7.48
N ARG C 597 -23.78 42.98 7.61
CA ARG C 597 -24.40 44.15 7.00
C ARG C 597 -23.93 45.44 7.65
N VAL C 598 -23.76 45.43 8.98
CA VAL C 598 -23.21 46.61 9.64
C VAL C 598 -21.78 46.85 9.19
N LEU C 599 -20.99 45.77 9.06
CA LEU C 599 -19.64 45.92 8.56
C LEU C 599 -19.62 46.54 7.17
N PHE C 600 -20.50 46.06 6.29
CA PHE C 600 -20.57 46.59 4.93
C PHE C 600 -20.98 48.07 4.94
N GLN C 601 -21.95 48.42 5.77
CA GLN C 601 -22.39 49.82 5.82
C GLN C 601 -21.27 50.72 6.30
N GLN C 602 -20.52 50.29 7.32
CA GLN C 602 -19.36 51.07 7.74
C GLN C 602 -18.32 51.15 6.63
N MET C 603 -18.15 50.06 5.88
CA MET C 603 -17.19 50.05 4.77
C MET C 603 -17.58 51.03 3.69
N ARG C 604 -18.89 51.25 3.48
CA ARG C 604 -19.33 52.21 2.48
C ARG C 604 -19.11 53.65 2.93
N ASP C 605 -19.38 53.93 4.21
CA ASP C 605 -19.27 55.29 4.72
C ASP C 605 -17.84 55.73 4.99
N VAL C 606 -16.89 54.80 5.04
CA VAL C 606 -15.50 55.16 5.24
C VAL C 606 -14.76 54.97 3.92
N LEU C 607 -14.66 56.04 3.14
CA LEU C 607 -14.05 55.95 1.82
C LEU C 607 -12.57 55.60 1.93
N GLY C 608 -12.10 54.80 0.97
CA GLY C 608 -10.73 54.34 0.94
C GLY C 608 -10.49 53.05 1.68
N THR C 609 -11.38 52.66 2.58
CA THR C 609 -11.27 51.39 3.30
C THR C 609 -12.05 50.30 2.57
N PHE C 610 -11.76 50.16 1.28
CA PHE C 610 -12.47 49.23 0.40
C PHE C 610 -11.58 48.01 0.19
N ASP C 611 -11.77 47.00 1.03
CA ASP C 611 -11.06 45.74 0.92
C ASP C 611 -11.91 44.77 0.12
N THR C 612 -11.47 44.47 -1.11
CA THR C 612 -12.22 43.56 -1.97
C THR C 612 -12.34 42.17 -1.36
N VAL C 613 -11.22 41.66 -0.83
CA VAL C 613 -11.21 40.30 -0.28
C VAL C 613 -12.14 40.20 0.92
N GLN C 614 -12.18 41.25 1.75
CA GLN C 614 -13.08 41.24 2.90
C GLN C 614 -14.53 41.15 2.46
N ILE C 615 -14.92 41.94 1.46
CA ILE C 615 -16.29 41.91 0.96
C ILE C 615 -16.61 40.55 0.39
N ILE C 616 -15.70 39.98 -0.41
CA ILE C 616 -15.96 38.68 -1.02
C ILE C 616 -16.11 37.61 0.05
N LYS C 617 -15.26 37.65 1.09
CA LYS C 617 -15.34 36.66 2.15
C LYS C 617 -16.63 36.78 2.93
N LEU C 618 -17.08 38.00 3.23
CA LEU C 618 -18.21 38.19 4.12
C LEU C 618 -19.56 38.29 3.41
N LEU C 619 -19.58 38.40 2.09
CA LEU C 619 -20.85 38.59 1.39
C LEU C 619 -21.84 37.46 1.56
N PRO C 620 -21.46 36.18 1.42
CA PRO C 620 -22.47 35.12 1.52
C PRO C 620 -23.17 35.06 2.86
N PHE C 621 -22.57 35.60 3.92
CA PHE C 621 -23.19 35.58 5.24
C PHE C 621 -24.25 36.65 5.41
N ALA C 622 -24.38 37.59 4.48
CA ALA C 622 -25.37 38.65 4.57
C ALA C 622 -26.67 38.31 3.87
N ALA C 623 -26.83 37.08 3.41
CA ALA C 623 -28.02 36.68 2.66
C ALA C 623 -29.18 36.27 3.56
N ALA C 624 -29.00 36.25 4.86
CA ALA C 624 -30.04 35.88 5.79
C ALA C 624 -30.76 37.12 6.30
N PRO C 625 -32.00 36.99 6.77
CA PRO C 625 -32.69 38.11 7.41
C PRO C 625 -31.93 38.58 8.64
N PRO C 626 -31.55 39.86 8.69
CA PRO C 626 -30.65 40.31 9.74
C PRO C 626 -31.32 40.42 11.10
N GLU C 627 -30.58 40.07 12.14
CA GLU C 627 -30.98 40.29 13.53
C GLU C 627 -29.93 41.19 14.17
N GLN C 628 -30.38 42.26 14.81
CA GLN C 628 -29.47 43.30 15.30
C GLN C 628 -29.06 43.02 16.73
N SER C 629 -27.77 42.74 16.92
CA SER C 629 -27.17 42.61 18.24
C SER C 629 -25.81 43.28 18.23
N ARG C 630 -25.30 43.57 19.43
CA ARG C 630 -24.02 44.24 19.59
C ARG C 630 -22.86 43.27 19.70
N MET C 631 -23.10 41.97 19.52
CA MET C 631 -22.04 40.99 19.64
C MET C 631 -21.01 41.15 18.53
N GLN C 632 -19.74 41.11 18.89
CA GLN C 632 -18.65 41.12 17.93
C GLN C 632 -18.32 39.69 17.51
N PHE C 633 -17.87 39.56 16.27
CA PHE C 633 -17.47 38.25 15.73
C PHE C 633 -16.06 38.34 15.20
N SER C 634 -15.19 37.46 15.68
CA SER C 634 -13.88 37.27 15.08
C SER C 634 -13.87 36.15 14.06
N SER C 635 -14.90 35.30 14.05
CA SER C 635 -15.00 34.23 13.07
C SER C 635 -16.45 33.78 12.98
N LEU C 636 -16.82 33.29 11.81
CA LEU C 636 -18.16 32.80 11.52
C LEU C 636 -18.10 31.33 11.15
N THR C 637 -18.98 30.53 11.74
CA THR C 637 -18.91 29.09 11.58
C THR C 637 -19.73 28.62 10.39
N VAL C 638 -19.25 27.55 9.76
CA VAL C 638 -19.93 26.91 8.63
C VAL C 638 -19.87 25.40 8.84
N ASN C 639 -21.01 24.73 8.78
CA ASN C 639 -21.06 23.30 8.98
C ASN C 639 -20.55 22.59 7.74
N VAL C 640 -19.45 21.86 7.88
CA VAL C 640 -18.86 21.07 6.79
C VAL C 640 -18.64 19.66 7.34
N ARG C 641 -19.50 18.73 6.95
CA ARG C 641 -19.41 17.33 7.37
C ARG C 641 -19.48 17.19 8.89
N GLY C 642 -20.31 18.03 9.52
CA GLY C 642 -20.62 17.89 10.93
C GLY C 642 -19.79 18.77 11.84
N SER C 643 -18.64 19.27 11.39
CA SER C 643 -17.77 20.08 12.21
C SER C 643 -17.85 21.53 11.76
N GLY C 644 -18.12 22.42 12.72
CA GLY C 644 -18.19 23.84 12.40
C GLY C 644 -16.85 24.40 12.03
N MET C 645 -16.65 24.73 10.76
CA MET C 645 -15.39 25.27 10.27
C MET C 645 -15.49 26.78 10.24
N ARG C 646 -14.61 27.45 10.98
CA ARG C 646 -14.71 28.89 11.13
C ARG C 646 -14.08 29.62 9.96
N ILE C 647 -14.69 30.74 9.57
CA ILE C 647 -14.11 31.68 8.63
C ILE C 647 -13.73 32.91 9.44
N VAL C 648 -12.44 33.18 9.55
CA VAL C 648 -11.98 34.29 10.38
C VAL C 648 -12.26 35.60 9.67
N VAL C 649 -12.86 36.55 10.39
CA VAL C 649 -13.27 37.81 9.78
C VAL C 649 -12.05 38.57 9.27
N ARG C 650 -10.98 38.60 10.06
CA ARG C 650 -9.75 39.28 9.68
C ARG C 650 -8.66 38.23 9.38
N GLY C 651 -8.03 38.35 8.22
CA GLY C 651 -6.96 37.45 7.86
C GLY C 651 -7.48 36.14 7.29
N ASN C 652 -6.53 35.31 6.88
CA ASN C 652 -6.87 34.04 6.22
C ASN C 652 -7.45 33.05 7.22
N SER C 653 -7.92 31.93 6.68
CA SER C 653 -8.65 30.93 7.44
C SER C 653 -8.48 29.59 6.76
N PRO C 654 -8.74 28.48 7.45
CA PRO C 654 -8.71 27.18 6.77
C PRO C 654 -9.71 27.09 5.62
N VAL C 655 -10.91 27.64 5.81
CA VAL C 655 -11.88 27.63 4.72
C VAL C 655 -11.50 28.65 3.65
N PHE C 656 -11.08 29.84 4.05
CA PHE C 656 -10.91 30.97 3.15
C PHE C 656 -9.53 31.56 3.35
N ASN C 657 -8.60 31.27 2.44
CA ASN C 657 -7.28 31.90 2.46
C ASN C 657 -7.02 32.56 1.12
N TYR C 658 -6.70 33.85 1.16
CA TYR C 658 -6.39 34.64 -0.02
C TYR C 658 -4.89 34.91 -0.06
N ASN C 659 -4.27 34.59 -1.18
CA ASN C 659 -2.82 34.69 -1.33
C ASN C 659 -2.50 35.96 -2.10
N LYS C 660 -1.82 36.90 -1.45
CA LYS C 660 -1.53 38.18 -2.09
C LYS C 660 -0.45 38.06 -3.15
N ALA C 661 0.43 37.05 -3.05
CA ALA C 661 1.48 36.88 -4.04
C ALA C 661 0.90 36.46 -5.39
N THR C 662 0.00 35.48 -5.39
CA THR C 662 -0.60 34.99 -6.62
C THR C 662 -1.91 35.69 -6.96
N LYS C 663 -2.46 36.49 -6.06
CA LYS C 663 -3.79 37.09 -6.21
C LYS C 663 -4.85 36.01 -6.43
N ARG C 664 -4.59 34.80 -5.93
CA ARG C 664 -5.43 33.64 -6.18
C ARG C 664 -6.12 33.23 -4.90
N LEU C 665 -7.44 33.12 -4.95
CA LEU C 665 -8.26 32.80 -3.78
C LEU C 665 -8.46 31.28 -3.73
N THR C 666 -8.07 30.68 -2.61
CA THR C 666 -8.17 29.24 -2.41
C THR C 666 -9.15 28.96 -1.29
N VAL C 667 -10.12 28.09 -1.56
CA VAL C 667 -11.18 27.75 -0.61
C VAL C 667 -11.11 26.27 -0.33
N LEU C 668 -10.92 25.90 0.94
CA LEU C 668 -10.83 24.50 1.37
C LEU C 668 -9.76 23.74 0.59
N GLY C 669 -8.73 24.45 0.15
CA GLY C 669 -7.69 23.85 -0.65
C GLY C 669 -7.98 23.77 -2.12
N LYS C 670 -9.14 24.22 -2.56
CA LYS C 670 -9.51 24.23 -3.97
C LYS C 670 -9.38 25.64 -4.52
N ASP C 671 -8.69 25.78 -5.64
CA ASP C 671 -8.58 27.08 -6.30
C ASP C 671 -9.96 27.57 -6.68
N ALA C 672 -10.22 28.84 -6.41
CA ALA C 672 -11.51 29.45 -6.74
C ALA C 672 -11.39 30.53 -7.81
N GLY C 673 -10.18 30.91 -8.19
CA GLY C 673 -10.01 31.95 -9.19
C GLY C 673 -9.13 33.08 -8.71
N ALA C 674 -8.73 33.95 -9.62
CA ALA C 674 -7.84 35.06 -9.31
C ALA C 674 -8.62 36.36 -9.30
N LEU C 675 -8.44 37.15 -8.25
CA LEU C 675 -9.03 38.47 -8.18
C LEU C 675 -8.18 39.47 -8.98
N MET C 676 -8.80 40.61 -9.30
CA MET C 676 -8.10 41.70 -9.94
C MET C 676 -8.19 42.94 -9.05
N GLU C 677 -7.07 43.65 -8.92
CA GLU C 677 -6.99 44.77 -8.00
C GLU C 677 -7.86 45.92 -8.50
N ASP C 678 -8.69 46.47 -7.59
CA ASP C 678 -9.53 47.61 -7.91
C ASP C 678 -8.76 48.91 -7.74
N PRO C 679 -9.07 49.93 -8.55
CA PRO C 679 -8.48 51.24 -8.32
C PRO C 679 -8.83 51.83 -6.97
N ASP C 680 -10.00 51.51 -6.44
CA ASP C 680 -10.43 52.02 -5.14
C ASP C 680 -9.98 51.15 -3.98
N GLU C 681 -9.13 50.15 -4.23
CA GLU C 681 -8.55 49.38 -3.13
C GLU C 681 -7.68 50.28 -2.27
N GLY C 682 -7.72 50.04 -0.97
CA GLY C 682 -6.99 50.87 -0.04
C GLY C 682 -5.56 50.42 0.18
N THR C 683 -4.62 51.05 -0.52
CA THR C 683 -3.19 50.79 -0.33
C THR C 683 -2.63 51.65 0.80
N ALA C 684 -3.29 51.60 1.96
CA ALA C 684 -2.89 52.40 3.10
C ALA C 684 -2.97 51.65 4.42
N GLY C 685 -3.29 50.35 4.40
CA GLY C 685 -3.38 49.58 5.63
C GLY C 685 -4.46 50.06 6.57
N VAL C 686 -5.63 50.44 6.05
CA VAL C 686 -6.74 50.90 6.85
C VAL C 686 -7.90 49.93 6.64
N GLU C 687 -8.46 49.42 7.73
CA GLU C 687 -9.49 48.40 7.70
C GLU C 687 -10.74 48.90 8.40
N SER C 688 -11.90 48.66 7.77
CA SER C 688 -13.18 49.08 8.32
C SER C 688 -14.21 47.98 8.39
N ALA C 689 -13.87 46.75 8.02
CA ALA C 689 -14.80 45.63 8.02
C ALA C 689 -14.22 44.46 8.83
N VAL C 690 -13.70 44.78 10.02
CA VAL C 690 -13.16 43.79 10.93
C VAL C 690 -13.89 43.81 12.27
N LEU C 691 -14.10 45.00 12.82
CA LEU C 691 -14.83 45.18 14.07
C LEU C 691 -16.15 45.89 13.76
N ARG C 692 -17.21 45.49 14.47
CA ARG C 692 -18.54 46.01 14.16
C ARG C 692 -18.61 47.52 14.29
N GLY C 693 -18.02 48.06 15.36
CA GLY C 693 -18.09 49.49 15.58
C GLY C 693 -16.75 50.14 15.83
N PHE C 694 -15.68 49.52 15.33
CA PHE C 694 -14.33 50.03 15.52
C PHE C 694 -13.55 49.94 14.23
N LEU C 695 -12.78 50.98 13.95
CA LEU C 695 -12.03 51.11 12.70
C LEU C 695 -10.55 50.94 12.99
N ILE C 696 -9.91 50.00 12.30
CA ILE C 696 -8.49 49.73 12.51
C ILE C 696 -7.68 50.84 11.85
N LEU C 697 -6.76 51.43 12.62
CA LEU C 697 -5.94 52.54 12.15
C LEU C 697 -4.52 52.10 11.76
N GLY C 698 -3.89 51.28 12.57
CA GLY C 698 -2.53 50.88 12.28
C GLY C 698 -2.05 49.79 13.21
N LYS C 699 -0.73 49.64 13.27
CA LYS C 699 -0.10 48.57 14.03
C LYS C 699 -0.06 48.94 15.51
N GLU C 700 0.75 48.21 16.28
CA GLU C 700 0.84 48.42 17.73
C GLU C 700 1.22 49.86 18.05
N ASN C 701 0.54 50.43 19.03
CA ASN C 701 0.83 51.78 19.53
C ASN C 701 0.81 51.72 21.05
N LYS C 702 2.00 51.70 21.65
CA LYS C 702 2.15 51.51 23.09
C LYS C 702 1.60 52.66 23.91
N ARG C 703 1.29 53.80 23.27
CA ARG C 703 0.84 54.97 24.02
C ARG C 703 -0.46 54.72 24.76
N TYR C 704 -1.29 53.81 24.26
CA TYR C 704 -2.63 53.59 24.79
C TYR C 704 -2.71 52.34 25.66
N GLY C 705 -1.66 52.06 26.43
CA GLY C 705 -1.69 51.02 27.43
C GLY C 705 -1.69 49.61 26.86
N PRO C 706 -2.11 48.65 27.68
CA PRO C 706 -2.06 47.25 27.27
C PRO C 706 -3.16 46.90 26.28
N ALA C 707 -2.95 45.78 25.60
CA ALA C 707 -3.93 45.29 24.63
C ALA C 707 -5.04 44.51 25.33
N LEU C 708 -6.25 44.68 24.84
CA LEU C 708 -7.42 43.99 25.36
C LEU C 708 -8.02 43.10 24.27
N SER C 709 -9.17 42.50 24.57
CA SER C 709 -9.81 41.54 23.69
C SER C 709 -11.03 42.14 23.01
N ILE C 710 -11.44 41.50 21.92
CA ILE C 710 -12.57 41.99 21.13
C ILE C 710 -13.86 41.93 21.92
N ASN C 711 -14.00 40.91 22.77
CA ASN C 711 -15.23 40.68 23.53
C ASN C 711 -15.40 41.62 24.71
N GLU C 712 -14.53 42.61 24.86
CA GLU C 712 -14.61 43.56 25.97
C GLU C 712 -14.54 45.00 25.50
N LEU C 713 -15.09 45.29 24.32
CA LEU C 713 -14.99 46.61 23.71
C LEU C 713 -16.19 47.50 23.97
N SER C 714 -17.20 47.02 24.71
CA SER C 714 -18.41 47.80 24.91
C SER C 714 -18.15 49.03 25.77
N ASN C 715 -17.24 48.94 26.74
CA ASN C 715 -16.98 50.06 27.62
C ASN C 715 -16.35 51.25 26.91
N LEU C 716 -15.75 51.03 25.73
CA LEU C 716 -15.14 52.11 24.99
C LEU C 716 -16.20 53.05 24.42
N ALA C 717 -15.80 54.29 24.19
CA ALA C 717 -16.71 55.31 23.69
C ALA C 717 -16.19 55.94 22.40
N LYS C 718 -16.84 57.01 21.95
CA LYS C 718 -16.54 57.60 20.66
C LYS C 718 -15.13 58.17 20.63
N GLY C 719 -14.33 57.70 19.67
CA GLY C 719 -12.99 58.20 19.48
C GLY C 719 -11.93 57.61 20.39
N GLU C 720 -12.32 56.73 21.31
CA GLU C 720 -11.36 56.15 22.25
C GLU C 720 -10.51 55.11 21.53
N LYS C 721 -9.33 55.52 21.08
CA LYS C 721 -8.42 54.59 20.45
C LYS C 721 -7.91 53.57 21.46
N ALA C 722 -7.67 52.36 20.98
CA ALA C 722 -7.25 51.27 21.85
C ALA C 722 -6.55 50.21 21.02
N ASN C 723 -5.85 49.31 21.71
CA ASN C 723 -5.15 48.20 21.08
C ASN C 723 -5.89 46.91 21.40
N VAL C 724 -6.19 46.12 20.37
CA VAL C 724 -7.02 44.93 20.49
C VAL C 724 -6.26 43.75 19.90
N LEU C 725 -6.37 42.60 20.57
CA LEU C 725 -5.74 41.37 20.08
C LEU C 725 -6.68 40.65 19.11
N ILE C 726 -7.03 41.36 18.04
CA ILE C 726 -7.92 40.84 17.01
C ILE C 726 -7.09 40.13 15.95
N GLY C 727 -7.50 38.91 15.61
CA GLY C 727 -6.76 38.12 14.66
C GLY C 727 -5.85 37.12 15.33
N GLN C 728 -5.03 36.48 14.51
CA GLN C 728 -4.12 35.43 14.98
C GLN C 728 -2.84 36.09 15.46
N GLY C 729 -2.75 36.35 16.75
CA GLY C 729 -1.54 36.87 17.36
C GLY C 729 -1.09 38.22 16.86
N ASP C 730 -2.04 39.15 16.68
CA ASP C 730 -1.74 40.50 16.22
C ASP C 730 -2.42 41.51 17.12
N VAL C 731 -1.76 42.64 17.33
CA VAL C 731 -2.31 43.77 18.08
C VAL C 731 -2.30 45.00 17.19
N VAL C 732 -3.45 45.63 17.03
CA VAL C 732 -3.60 46.80 16.17
C VAL C 732 -4.39 47.87 16.91
N LEU C 733 -4.27 49.09 16.42
CA LEU C 733 -4.96 50.24 17.00
C LEU C 733 -6.31 50.44 16.33
N VAL C 734 -7.37 50.51 17.13
CA VAL C 734 -8.72 50.68 16.63
C VAL C 734 -9.32 51.93 17.28
N MET C 735 -10.27 52.55 16.58
CA MET C 735 -10.96 53.72 17.07
C MET C 735 -12.46 53.57 16.83
N LYS C 736 -13.24 54.24 17.65
CA LYS C 736 -14.70 54.16 17.59
C LYS C 736 -15.24 55.44 16.96
N ARG C 737 -16.12 55.28 15.97
CA ARG C 737 -16.68 56.41 15.25
C ARG C 737 -17.71 57.16 16.10
C02 K1F D 15 15.46 -0.18 3.76
C04 K1F D 15 15.37 1.18 4.03
C06 K1F D 15 15.15 3.42 3.31
C07 K1F D 15 15.19 3.85 4.62
C1' K1F D 15 15.39 3.30 7.07
C4' K1F D 15 15.52 5.52 7.78
C5' K1F D 15 15.08 6.88 7.31
C3' K1F D 15 16.90 5.07 7.35
C2' K1F D 15 16.82 3.57 7.56
C22 K1F D 15 15.42 1.61 5.35
N01 K1F D 15 15.54 -0.97 4.82
N05 K1F D 15 15.24 2.05 3.03
N08 K1F D 15 15.33 2.91 5.65
O03 K1F D 15 15.47 -0.59 2.60
O4' K1F D 15 14.64 4.49 7.26
O5' K1F D 15 15.34 7.07 5.93
O3' K1F D 15 17.95 5.70 8.07
O2' K1F D 15 16.87 3.26 8.94
O23 K1F D 15 15.53 0.80 6.27
P K1F D 15 14.64 8.25 5.12
OP1 K1F D 15 15.06 9.53 5.71
OP3 K1F D 15 14.86 8.00 3.68
MG MG G . -13.02 -35.83 22.31
MG MG H . 9.61 14.54 7.02
N2 GTA I . -38.80 11.60 16.48
O6 GTA I . -35.91 9.93 19.65
C6 GTA I . -36.16 10.13 18.47
C5 GTA I . -35.33 9.75 17.48
N7 GTA I . -34.15 9.14 17.49
C7 GTA I . -33.34 8.66 18.63
C8 GTA I . -33.75 9.00 16.24
N9 GTA I . -34.68 9.52 15.45
C4 GTA I . -35.66 9.99 16.21
N3 GTA I . -36.81 10.60 15.88
C2 GTA I . -37.66 10.99 16.81
N1 GTA I . -37.37 10.77 18.15
O3A GTA I . -35.01 10.74 11.76
C1A GTA I . -34.65 9.57 13.98
C2A GTA I . -33.46 10.32 13.45
C3A GTA I . -33.77 10.10 12.02
C4A GTA I . -34.02 8.58 12.04
C5A GTA I . -32.77 7.78 11.67
O4A GTA I . -34.33 8.29 13.42
O2A GTA I . -33.56 11.72 13.76
P1 GTA I . -30.26 7.68 12.33
O11 GTA I . -30.14 6.75 11.20
O12 GTA I . -29.48 7.43 13.55
O13 GTA I . -29.96 9.17 11.83
O15 GTA I . -31.81 7.80 12.72
P2 GTA I . -29.71 9.50 10.28
O22 GTA I . -29.33 10.93 10.19
O21 GTA I . -30.83 8.99 9.48
O23 GTA I . -28.42 8.63 9.97
P3 GTA I . -27.53 8.95 8.70
O32 GTA I . -28.24 9.87 7.80
O31 GTA I . -26.17 9.30 9.18
O33 GTA I . -27.46 7.53 7.98
C5B GTA I . -28.66 6.82 7.70
C4B GTA I . -28.32 5.68 6.75
O4B GTA I . -29.47 4.82 6.58
C3B GTA I . -28.07 6.27 5.37
O3B GTA I . -27.45 5.30 4.53
C2B GTA I . -29.50 6.46 4.98
O2B GTA I . -29.63 6.78 3.59
C1B GTA I . -29.97 5.07 5.25
N9C GTA I . -31.44 4.98 5.22
C8C GTA I . -32.26 5.90 5.74
N7C GTA I . -33.50 5.50 5.54
C5C GTA I . -33.47 4.33 4.91
C6C GTA I . -34.45 3.53 4.50
N6C GTA I . -35.68 3.94 4.75
N1C GTA I . -34.20 2.37 3.88
C2C GTA I . -32.87 2.01 3.65
N3C GTA I . -31.87 2.87 4.10
C4C GTA I . -32.20 4.01 4.72
#